data_1HNF
# 
_entry.id   1HNF 
# 
_audit_conform.dict_name       mmcif_pdbx.dic 
_audit_conform.dict_version    5.397 
_audit_conform.dict_location   http://mmcif.pdb.org/dictionaries/ascii/mmcif_pdbx.dic 
# 
loop_
_database_2.database_id 
_database_2.database_code 
_database_2.pdbx_database_accession 
_database_2.pdbx_DOI 
PDB   1HNF         pdb_00001hnf 10.2210/pdb1hnf/pdb 
WWPDB D_1000173932 ?            ?                   
# 
loop_
_pdbx_audit_revision_history.ordinal 
_pdbx_audit_revision_history.data_content_type 
_pdbx_audit_revision_history.major_revision 
_pdbx_audit_revision_history.minor_revision 
_pdbx_audit_revision_history.revision_date 
1 'Structure model' 1 0 1995-02-07 
2 'Structure model' 1 1 2008-03-24 
3 'Structure model' 1 2 2011-07-13 
4 'Structure model' 1 3 2020-07-29 
5 'Structure model' 1 4 2024-10-16 
# 
loop_
_pdbx_audit_revision_details.ordinal 
_pdbx_audit_revision_details.revision_ordinal 
_pdbx_audit_revision_details.data_content_type 
_pdbx_audit_revision_details.provider 
_pdbx_audit_revision_details.type 
_pdbx_audit_revision_details.description 
_pdbx_audit_revision_details.details 
1 1 'Structure model' repository 'Initial release' ?                          ? 
2 4 'Structure model' repository Remediation       'Carbohydrate remediation' ? 
# 
loop_
_pdbx_audit_revision_group.ordinal 
_pdbx_audit_revision_group.revision_ordinal 
_pdbx_audit_revision_group.data_content_type 
_pdbx_audit_revision_group.group 
1  2 'Structure model' 'Version format compliance' 
2  3 'Structure model' 'Non-polymer description'   
3  3 'Structure model' 'Version format compliance' 
4  4 'Structure model' 'Data collection'           
5  4 'Structure model' 'Derived calculations'      
6  4 'Structure model' Other                       
7  4 'Structure model' 'Structure summary'         
8  5 'Structure model' 'Data collection'           
9  5 'Structure model' 'Database references'       
10 5 'Structure model' 'Structure summary'         
# 
loop_
_pdbx_audit_revision_category.ordinal 
_pdbx_audit_revision_category.revision_ordinal 
_pdbx_audit_revision_category.data_content_type 
_pdbx_audit_revision_category.category 
1  4 'Structure model' chem_comp                 
2  4 'Structure model' entity                    
3  4 'Structure model' pdbx_chem_comp_identifier 
4  4 'Structure model' pdbx_database_status      
5  4 'Structure model' pdbx_entity_nonpoly       
6  4 'Structure model' struct_conn               
7  4 'Structure model' struct_site               
8  4 'Structure model' struct_site_gen           
9  5 'Structure model' chem_comp                 
10 5 'Structure model' chem_comp_atom            
11 5 'Structure model' chem_comp_bond            
12 5 'Structure model' database_2                
13 5 'Structure model' pdbx_entry_details        
14 5 'Structure model' pdbx_modification_feature 
# 
loop_
_pdbx_audit_revision_item.ordinal 
_pdbx_audit_revision_item.revision_ordinal 
_pdbx_audit_revision_item.data_content_type 
_pdbx_audit_revision_item.item 
1  4 'Structure model' '_chem_comp.name'                              
2  4 'Structure model' '_chem_comp.type'                              
3  4 'Structure model' '_entity.pdbx_description'                     
4  4 'Structure model' '_pdbx_database_status.process_site'           
5  4 'Structure model' '_pdbx_entity_nonpoly.name'                    
6  4 'Structure model' '_struct_conn.pdbx_leaving_atom_flag'          
7  4 'Structure model' '_struct_conn.pdbx_role'                       
8  4 'Structure model' '_struct_conn.ptnr1_auth_comp_id'              
9  4 'Structure model' '_struct_conn.ptnr1_auth_seq_id'               
10 4 'Structure model' '_struct_conn.ptnr1_label_asym_id'             
11 4 'Structure model' '_struct_conn.ptnr1_label_atom_id'             
12 4 'Structure model' '_struct_conn.ptnr1_label_comp_id'             
13 4 'Structure model' '_struct_conn.ptnr1_label_seq_id'              
14 4 'Structure model' '_struct_conn.ptnr2_auth_comp_id'              
15 4 'Structure model' '_struct_conn.ptnr2_auth_seq_id'               
16 4 'Structure model' '_struct_conn.ptnr2_label_asym_id'             
17 4 'Structure model' '_struct_conn.ptnr2_label_atom_id'             
18 4 'Structure model' '_struct_conn.ptnr2_label_comp_id'             
19 4 'Structure model' '_struct_conn.ptnr2_label_seq_id'              
20 5 'Structure model' '_chem_comp.pdbx_synonyms'                     
21 5 'Structure model' '_database_2.pdbx_DOI'                         
22 5 'Structure model' '_database_2.pdbx_database_accession'          
23 5 'Structure model' '_pdbx_entry_details.has_protein_modification' 
# 
_pdbx_database_status.status_code                     REL 
_pdbx_database_status.entry_id                        1HNF 
_pdbx_database_status.recvd_initial_deposition_date   1994-08-10 
_pdbx_database_status.deposit_site                    ? 
_pdbx_database_status.process_site                    BNL 
_pdbx_database_status.SG_entry                        . 
_pdbx_database_status.pdb_format_compatible           Y 
_pdbx_database_status.status_code_mr                  ? 
_pdbx_database_status.status_code_sf                  ? 
_pdbx_database_status.status_code_cs                  ? 
_pdbx_database_status.status_code_nmr_data            ? 
_pdbx_database_status.methods_development_category    ? 
# 
loop_
_audit_author.name 
_audit_author.pdbx_ordinal 
'Bodian, D.L.' 1 
'Jones, E.Y.'  2 
'Harlos, K.'   3 
'Stuart, D.I.' 4 
'Davis, S.J.'  5 
# 
loop_
_citation.id 
_citation.title 
_citation.journal_abbrev 
_citation.journal_volume 
_citation.page_first 
_citation.page_last 
_citation.year 
_citation.journal_id_ASTM 
_citation.country 
_citation.journal_id_ISSN 
_citation.journal_id_CSD 
_citation.book_publisher 
_citation.pdbx_database_id_PubMed 
_citation.pdbx_database_id_DOI 
primary 'Crystal structure of the extracellular region of the human cell adhesion molecule CD2 at 2.5 A resolution.' Structure 2   
755 766 1994 STRUE6 UK 0969-2126 2005 ? 7994575 '10.1016/S0969-2126(94)00076-X' 
1       'Ligand Binding by the Immunoglobulin Superfamily Recognition Molecule Cd2 is Glycosylation Independent'     
'To be Published' ?   ?   ?   ?    ?      ?  ?         0353 ? ?       ?                               
2       'Crystal Structure at 2.8 Angstroms Resolution of a Soluble Form of the Cell Adhesion Molecule Cd2'          Nature 360 
232 ?   1992 NATUAS UK 0028-0836 0006 ? ?       ?                               
# 
loop_
_citation_author.citation_id 
_citation_author.name 
_citation_author.ordinal 
_citation_author.identifier_ORCID 
primary 'Bodian, D.L.'        1  ? 
primary 'Jones, E.Y.'         2  ? 
primary 'Harlos, K.'          3  ? 
primary 'Stuart, D.I.'        4  ? 
primary 'Davis, S.J.'         5  ? 
1       'Davis, S.J.'         6  ? 
1       'Davies, E.A.'        7  ? 
1       'Barclay, A.N.'       8  ? 
1       'Daenke, S.'          9  ? 
1       'Bodian, D.L.'        10 ? 
1       'Jones, E.Y.'         11 ? 
1       'Stuart, D.I.'        12 ? 
1       'Butters, T.D.'       13 ? 
1       'Dwek, R.A.'          14 ? 
1       'Van Der Merwe, P.A.' 15 ? 
2       'Jones, E.Y.'         16 ? 
2       'Davis, S.J.'         17 ? 
2       'Williams, A.F.'      18 ? 
2       'Harlos, K.'          19 ? 
2       'Stuart, D.I.'        20 ? 
# 
loop_
_entity.id 
_entity.type 
_entity.src_method 
_entity.pdbx_description 
_entity.formula_weight 
_entity.pdbx_number_of_molecules 
_entity.pdbx_ec 
_entity.pdbx_mutation 
_entity.pdbx_fragment 
_entity.details 
1 polymer     man CD2                                      21002.076 1  ? ? ? ? 
2 non-polymer man 2-acetamido-2-deoxy-beta-D-glucopyranose 221.208   3  ? ? ? ? 
3 non-polymer syn 'SODIUM ION'                             22.990    1  ? ? ? ? 
4 water       nat water                                    18.015    22 ? ? ? ? 
# 
_entity_poly.entity_id                      1 
_entity_poly.type                           'polypeptide(L)' 
_entity_poly.nstd_linkage                   no 
_entity_poly.nstd_monomer                   no 
_entity_poly.pdbx_seq_one_letter_code       
;KEITNALETWGALGQDINLDIPSFQMSDDIDDIKWEKTSDKKKIAQFRKEKETFKEKDTYKLFKNGTLKIKHLKTDDQDI
YKVSIYDTKGKNVLEKIFDLKIQERVSKPKISWTCINTTLTCEVMNGTDPELNLYQDGKHLKLSQRVITHKWTTSLSAKF
KCTAGNKVSKESSVEPVSCPEK
;
_entity_poly.pdbx_seq_one_letter_code_can   
;KEITNALETWGALGQDINLDIPSFQMSDDIDDIKWEKTSDKKKIAQFRKEKETFKEKDTYKLFKNGTLKIKHLKTDDQDI
YKVSIYDTKGKNVLEKIFDLKIQERVSKPKISWTCINTTLTCEVMNGTDPELNLYQDGKHLKLSQRVITHKWTTSLSAKF
KCTAGNKVSKESSVEPVSCPEK
;
_entity_poly.pdbx_strand_id                 A 
_entity_poly.pdbx_target_identifier         ? 
# 
loop_
_pdbx_entity_nonpoly.entity_id 
_pdbx_entity_nonpoly.name 
_pdbx_entity_nonpoly.comp_id 
2 2-acetamido-2-deoxy-beta-D-glucopyranose NAG 
3 'SODIUM ION'                             NA  
4 water                                    HOH 
# 
loop_
_entity_poly_seq.entity_id 
_entity_poly_seq.num 
_entity_poly_seq.mon_id 
_entity_poly_seq.hetero 
1 1   LYS n 
1 2   GLU n 
1 3   ILE n 
1 4   THR n 
1 5   ASN n 
1 6   ALA n 
1 7   LEU n 
1 8   GLU n 
1 9   THR n 
1 10  TRP n 
1 11  GLY n 
1 12  ALA n 
1 13  LEU n 
1 14  GLY n 
1 15  GLN n 
1 16  ASP n 
1 17  ILE n 
1 18  ASN n 
1 19  LEU n 
1 20  ASP n 
1 21  ILE n 
1 22  PRO n 
1 23  SER n 
1 24  PHE n 
1 25  GLN n 
1 26  MET n 
1 27  SER n 
1 28  ASP n 
1 29  ASP n 
1 30  ILE n 
1 31  ASP n 
1 32  ASP n 
1 33  ILE n 
1 34  LYS n 
1 35  TRP n 
1 36  GLU n 
1 37  LYS n 
1 38  THR n 
1 39  SER n 
1 40  ASP n 
1 41  LYS n 
1 42  LYS n 
1 43  LYS n 
1 44  ILE n 
1 45  ALA n 
1 46  GLN n 
1 47  PHE n 
1 48  ARG n 
1 49  LYS n 
1 50  GLU n 
1 51  LYS n 
1 52  GLU n 
1 53  THR n 
1 54  PHE n 
1 55  LYS n 
1 56  GLU n 
1 57  LYS n 
1 58  ASP n 
1 59  THR n 
1 60  TYR n 
1 61  LYS n 
1 62  LEU n 
1 63  PHE n 
1 64  LYS n 
1 65  ASN n 
1 66  GLY n 
1 67  THR n 
1 68  LEU n 
1 69  LYS n 
1 70  ILE n 
1 71  LYS n 
1 72  HIS n 
1 73  LEU n 
1 74  LYS n 
1 75  THR n 
1 76  ASP n 
1 77  ASP n 
1 78  GLN n 
1 79  ASP n 
1 80  ILE n 
1 81  TYR n 
1 82  LYS n 
1 83  VAL n 
1 84  SER n 
1 85  ILE n 
1 86  TYR n 
1 87  ASP n 
1 88  THR n 
1 89  LYS n 
1 90  GLY n 
1 91  LYS n 
1 92  ASN n 
1 93  VAL n 
1 94  LEU n 
1 95  GLU n 
1 96  LYS n 
1 97  ILE n 
1 98  PHE n 
1 99  ASP n 
1 100 LEU n 
1 101 LYS n 
1 102 ILE n 
1 103 GLN n 
1 104 GLU n 
1 105 ARG n 
1 106 VAL n 
1 107 SER n 
1 108 LYS n 
1 109 PRO n 
1 110 LYS n 
1 111 ILE n 
1 112 SER n 
1 113 TRP n 
1 114 THR n 
1 115 CYS n 
1 116 ILE n 
1 117 ASN n 
1 118 THR n 
1 119 THR n 
1 120 LEU n 
1 121 THR n 
1 122 CYS n 
1 123 GLU n 
1 124 VAL n 
1 125 MET n 
1 126 ASN n 
1 127 GLY n 
1 128 THR n 
1 129 ASP n 
1 130 PRO n 
1 131 GLU n 
1 132 LEU n 
1 133 ASN n 
1 134 LEU n 
1 135 TYR n 
1 136 GLN n 
1 137 ASP n 
1 138 GLY n 
1 139 LYS n 
1 140 HIS n 
1 141 LEU n 
1 142 LYS n 
1 143 LEU n 
1 144 SER n 
1 145 GLN n 
1 146 ARG n 
1 147 VAL n 
1 148 ILE n 
1 149 THR n 
1 150 HIS n 
1 151 LYS n 
1 152 TRP n 
1 153 THR n 
1 154 THR n 
1 155 SER n 
1 156 LEU n 
1 157 SER n 
1 158 ALA n 
1 159 LYS n 
1 160 PHE n 
1 161 LYS n 
1 162 CYS n 
1 163 THR n 
1 164 ALA n 
1 165 GLY n 
1 166 ASN n 
1 167 LYS n 
1 168 VAL n 
1 169 SER n 
1 170 LYS n 
1 171 GLU n 
1 172 SER n 
1 173 SER n 
1 174 VAL n 
1 175 GLU n 
1 176 PRO n 
1 177 VAL n 
1 178 SER n 
1 179 CYS n 
1 180 PRO n 
1 181 GLU n 
1 182 LYS n 
# 
_entity_src_gen.entity_id                          1 
_entity_src_gen.pdbx_src_id                        1 
_entity_src_gen.pdbx_alt_source_flag               sample 
_entity_src_gen.pdbx_seq_type                      ? 
_entity_src_gen.pdbx_beg_seq_num                   ? 
_entity_src_gen.pdbx_end_seq_num                   ? 
_entity_src_gen.gene_src_common_name               human 
_entity_src_gen.gene_src_genus                     Homo 
_entity_src_gen.pdbx_gene_src_gene                 ? 
_entity_src_gen.gene_src_species                   ? 
_entity_src_gen.gene_src_strain                    ? 
_entity_src_gen.gene_src_tissue                    ? 
_entity_src_gen.gene_src_tissue_fraction           ? 
_entity_src_gen.gene_src_details                   ? 
_entity_src_gen.pdbx_gene_src_fragment             ? 
_entity_src_gen.pdbx_gene_src_scientific_name      'Homo sapiens' 
_entity_src_gen.pdbx_gene_src_ncbi_taxonomy_id     9606 
_entity_src_gen.pdbx_gene_src_variant              ? 
_entity_src_gen.pdbx_gene_src_cell_line            ? 
_entity_src_gen.pdbx_gene_src_atcc                 ? 
_entity_src_gen.pdbx_gene_src_organ                OVARY 
_entity_src_gen.pdbx_gene_src_organelle            ? 
_entity_src_gen.pdbx_gene_src_cell                 ? 
_entity_src_gen.pdbx_gene_src_cellular_location    ? 
_entity_src_gen.host_org_common_name               ? 
_entity_src_gen.pdbx_host_org_scientific_name      ? 
_entity_src_gen.pdbx_host_org_ncbi_taxonomy_id     ? 
_entity_src_gen.host_org_genus                     ? 
_entity_src_gen.pdbx_host_org_gene                 ? 
_entity_src_gen.pdbx_host_org_organ                ? 
_entity_src_gen.host_org_species                   ? 
_entity_src_gen.pdbx_host_org_tissue               ? 
_entity_src_gen.pdbx_host_org_tissue_fraction      ? 
_entity_src_gen.pdbx_host_org_strain               ? 
_entity_src_gen.pdbx_host_org_variant              ? 
_entity_src_gen.pdbx_host_org_cell_line            ? 
_entity_src_gen.pdbx_host_org_atcc                 ? 
_entity_src_gen.pdbx_host_org_culture_collection   ? 
_entity_src_gen.pdbx_host_org_cell                 ? 
_entity_src_gen.pdbx_host_org_organelle            ? 
_entity_src_gen.pdbx_host_org_cellular_location    ? 
_entity_src_gen.pdbx_host_org_vector_type          ? 
_entity_src_gen.pdbx_host_org_vector               ? 
_entity_src_gen.host_org_details                   ? 
_entity_src_gen.expression_system_id               ? 
_entity_src_gen.plasmid_name                       ? 
_entity_src_gen.plasmid_details                    ? 
_entity_src_gen.pdbx_description                   ? 
# 
loop_
_chem_comp.id 
_chem_comp.type 
_chem_comp.mon_nstd_flag 
_chem_comp.name 
_chem_comp.pdbx_synonyms 
_chem_comp.formula 
_chem_comp.formula_weight 
ALA 'L-peptide linking'          y ALANINE                                  ? 'C3 H7 N O2'     89.093  
ARG 'L-peptide linking'          y ARGININE                                 ? 'C6 H15 N4 O2 1' 175.209 
ASN 'L-peptide linking'          y ASPARAGINE                               ? 'C4 H8 N2 O3'    132.118 
ASP 'L-peptide linking'          y 'ASPARTIC ACID'                          ? 'C4 H7 N O4'     133.103 
CYS 'L-peptide linking'          y CYSTEINE                                 ? 'C3 H7 N O2 S'   121.158 
GLN 'L-peptide linking'          y GLUTAMINE                                ? 'C5 H10 N2 O3'   146.144 
GLU 'L-peptide linking'          y 'GLUTAMIC ACID'                          ? 'C5 H9 N O4'     147.129 
GLY 'peptide linking'            y GLYCINE                                  ? 'C2 H5 N O2'     75.067  
HIS 'L-peptide linking'          y HISTIDINE                                ? 'C6 H10 N3 O2 1' 156.162 
HOH non-polymer                  . WATER                                    ? 'H2 O'           18.015  
ILE 'L-peptide linking'          y ISOLEUCINE                               ? 'C6 H13 N O2'    131.173 
LEU 'L-peptide linking'          y LEUCINE                                  ? 'C6 H13 N O2'    131.173 
LYS 'L-peptide linking'          y LYSINE                                   ? 'C6 H15 N2 O2 1' 147.195 
MET 'L-peptide linking'          y METHIONINE                               ? 'C5 H11 N O2 S'  149.211 
NA  non-polymer                  . 'SODIUM ION'                             ? 'Na 1'           22.990  
NAG 'D-saccharide, beta linking' . 2-acetamido-2-deoxy-beta-D-glucopyranose 
;N-acetyl-beta-D-glucosamine; 2-acetamido-2-deoxy-beta-D-glucose; 2-acetamido-2-deoxy-D-glucose; 2-acetamido-2-deoxy-glucose; N-ACETYL-D-GLUCOSAMINE
;
'C8 H15 N O6'    221.208 
PHE 'L-peptide linking'          y PHENYLALANINE                            ? 'C9 H11 N O2'    165.189 
PRO 'L-peptide linking'          y PROLINE                                  ? 'C5 H9 N O2'     115.130 
SER 'L-peptide linking'          y SERINE                                   ? 'C3 H7 N O3'     105.093 
THR 'L-peptide linking'          y THREONINE                                ? 'C4 H9 N O3'     119.119 
TRP 'L-peptide linking'          y TRYPTOPHAN                               ? 'C11 H12 N2 O2'  204.225 
TYR 'L-peptide linking'          y TYROSINE                                 ? 'C9 H11 N O3'    181.189 
VAL 'L-peptide linking'          y VALINE                                   ? 'C5 H11 N O2'    117.146 
# 
loop_
_pdbx_chem_comp_identifier.comp_id 
_pdbx_chem_comp_identifier.type 
_pdbx_chem_comp_identifier.program 
_pdbx_chem_comp_identifier.program_version 
_pdbx_chem_comp_identifier.identifier 
NAG 'CONDENSED IUPAC CARBOHYDRATE SYMBOL' GMML     1.0 DGlcpNAcb                      
NAG 'COMMON NAME'                         GMML     1.0 N-acetyl-b-D-glucopyranosamine 
NAG 'IUPAC CARBOHYDRATE SYMBOL'           PDB-CARE 1.0 b-D-GlcpNAc                    
NAG 'SNFG CARBOHYDRATE SYMBOL'            GMML     1.0 GlcNAc                         
# 
loop_
_pdbx_poly_seq_scheme.asym_id 
_pdbx_poly_seq_scheme.entity_id 
_pdbx_poly_seq_scheme.seq_id 
_pdbx_poly_seq_scheme.mon_id 
_pdbx_poly_seq_scheme.ndb_seq_num 
_pdbx_poly_seq_scheme.pdb_seq_num 
_pdbx_poly_seq_scheme.auth_seq_num 
_pdbx_poly_seq_scheme.pdb_mon_id 
_pdbx_poly_seq_scheme.auth_mon_id 
_pdbx_poly_seq_scheme.pdb_strand_id 
_pdbx_poly_seq_scheme.pdb_ins_code 
_pdbx_poly_seq_scheme.hetero 
A 1 1   LYS 1   1   ?   ?   ?   A . n 
A 1 2   GLU 2   2   ?   ?   ?   A . n 
A 1 3   ILE 3   3   ?   ?   ?   A . n 
A 1 4   THR 4   4   4   THR THR A . n 
A 1 5   ASN 5   5   5   ASN ASN A . n 
A 1 6   ALA 6   6   6   ALA ALA A . n 
A 1 7   LEU 7   7   7   LEU LEU A . n 
A 1 8   GLU 8   8   8   GLU GLU A . n 
A 1 9   THR 9   9   9   THR THR A . n 
A 1 10  TRP 10  10  10  TRP TRP A . n 
A 1 11  GLY 11  11  11  GLY GLY A . n 
A 1 12  ALA 12  12  12  ALA ALA A . n 
A 1 13  LEU 13  13  13  LEU LEU A . n 
A 1 14  GLY 14  14  14  GLY GLY A . n 
A 1 15  GLN 15  15  15  GLN GLN A . n 
A 1 16  ASP 16  16  16  ASP ASP A . n 
A 1 17  ILE 17  17  17  ILE ILE A . n 
A 1 18  ASN 18  18  18  ASN ASN A . n 
A 1 19  LEU 19  19  19  LEU LEU A . n 
A 1 20  ASP 20  20  20  ASP ASP A . n 
A 1 21  ILE 21  21  21  ILE ILE A . n 
A 1 22  PRO 22  22  22  PRO PRO A . n 
A 1 23  SER 23  23  23  SER SER A . n 
A 1 24  PHE 24  24  24  PHE PHE A . n 
A 1 25  GLN 25  25  25  GLN GLN A . n 
A 1 26  MET 26  26  26  MET MET A . n 
A 1 27  SER 27  27  27  SER SER A . n 
A 1 28  ASP 28  28  28  ASP ASP A . n 
A 1 29  ASP 29  29  29  ASP ASP A . n 
A 1 30  ILE 30  30  30  ILE ILE A . n 
A 1 31  ASP 31  31  31  ASP ASP A . n 
A 1 32  ASP 32  32  32  ASP ASP A . n 
A 1 33  ILE 33  33  33  ILE ILE A . n 
A 1 34  LYS 34  34  34  LYS LYS A . n 
A 1 35  TRP 35  35  35  TRP TRP A . n 
A 1 36  GLU 36  36  36  GLU GLU A . n 
A 1 37  LYS 37  37  37  LYS LYS A . n 
A 1 38  THR 38  38  38  THR THR A . n 
A 1 39  SER 39  39  39  SER SER A . n 
A 1 40  ASP 40  40  40  ASP ASP A . n 
A 1 41  LYS 41  41  41  LYS LYS A . n 
A 1 42  LYS 42  42  42  LYS LYS A . n 
A 1 43  LYS 43  43  43  LYS LYS A . n 
A 1 44  ILE 44  44  44  ILE ILE A . n 
A 1 45  ALA 45  45  45  ALA ALA A . n 
A 1 46  GLN 46  46  46  GLN GLN A . n 
A 1 47  PHE 47  47  47  PHE PHE A . n 
A 1 48  ARG 48  48  48  ARG ARG A . n 
A 1 49  LYS 49  49  49  LYS LYS A . n 
A 1 50  GLU 50  50  50  GLU GLU A . n 
A 1 51  LYS 51  51  51  LYS LYS A . n 
A 1 52  GLU 52  52  52  GLU GLU A . n 
A 1 53  THR 53  53  53  THR THR A . n 
A 1 54  PHE 54  54  54  PHE PHE A . n 
A 1 55  LYS 55  55  55  LYS LYS A . n 
A 1 56  GLU 56  56  56  GLU GLU A . n 
A 1 57  LYS 57  57  57  LYS LYS A . n 
A 1 58  ASP 58  58  58  ASP ASP A . n 
A 1 59  THR 59  59  59  THR THR A . n 
A 1 60  TYR 60  60  60  TYR TYR A . n 
A 1 61  LYS 61  61  61  LYS LYS A . n 
A 1 62  LEU 62  62  62  LEU LEU A . n 
A 1 63  PHE 63  63  63  PHE PHE A . n 
A 1 64  LYS 64  64  64  LYS LYS A . n 
A 1 65  ASN 65  65  65  ASN ASN A . n 
A 1 66  GLY 66  66  66  GLY GLY A . n 
A 1 67  THR 67  67  67  THR THR A . n 
A 1 68  LEU 68  68  68  LEU LEU A . n 
A 1 69  LYS 69  69  69  LYS LYS A . n 
A 1 70  ILE 70  70  70  ILE ILE A . n 
A 1 71  LYS 71  71  71  LYS LYS A . n 
A 1 72  HIS 72  72  72  HIS HIS A . n 
A 1 73  LEU 73  73  73  LEU LEU A . n 
A 1 74  LYS 74  74  74  LYS LYS A . n 
A 1 75  THR 75  75  75  THR THR A . n 
A 1 76  ASP 76  76  76  ASP ASP A . n 
A 1 77  ASP 77  77  77  ASP ASP A . n 
A 1 78  GLN 78  78  78  GLN GLN A . n 
A 1 79  ASP 79  79  79  ASP ASP A . n 
A 1 80  ILE 80  80  80  ILE ILE A . n 
A 1 81  TYR 81  81  81  TYR TYR A . n 
A 1 82  LYS 82  82  82  LYS LYS A . n 
A 1 83  VAL 83  83  83  VAL VAL A . n 
A 1 84  SER 84  84  84  SER SER A . n 
A 1 85  ILE 85  85  85  ILE ILE A . n 
A 1 86  TYR 86  86  86  TYR TYR A . n 
A 1 87  ASP 87  87  87  ASP ASP A . n 
A 1 88  THR 88  88  88  THR THR A . n 
A 1 89  LYS 89  89  89  LYS LYS A . n 
A 1 90  GLY 90  90  90  GLY GLY A . n 
A 1 91  LYS 91  91  91  LYS LYS A . n 
A 1 92  ASN 92  92  92  ASN ASN A . n 
A 1 93  VAL 93  93  93  VAL VAL A . n 
A 1 94  LEU 94  94  94  LEU LEU A . n 
A 1 95  GLU 95  95  95  GLU GLU A . n 
A 1 96  LYS 96  96  96  LYS LYS A . n 
A 1 97  ILE 97  97  97  ILE ILE A . n 
A 1 98  PHE 98  98  98  PHE PHE A . n 
A 1 99  ASP 99  99  99  ASP ASP A . n 
A 1 100 LEU 100 100 100 LEU LEU A . n 
A 1 101 LYS 101 101 101 LYS LYS A . n 
A 1 102 ILE 102 102 102 ILE ILE A . n 
A 1 103 GLN 103 103 103 GLN GLN A . n 
A 1 104 GLU 104 104 104 GLU GLU A . n 
A 1 105 ARG 105 105 105 ARG ARG A . n 
A 1 106 VAL 106 106 106 VAL VAL A . n 
A 1 107 SER 107 107 107 SER SER A . n 
A 1 108 LYS 108 108 108 LYS LYS A . n 
A 1 109 PRO 109 109 109 PRO PRO A . n 
A 1 110 LYS 110 110 110 LYS LYS A . n 
A 1 111 ILE 111 111 111 ILE ILE A . n 
A 1 112 SER 112 112 112 SER SER A . n 
A 1 113 TRP 113 113 113 TRP TRP A . n 
A 1 114 THR 114 114 114 THR THR A . n 
A 1 115 CYS 115 115 115 CYS CYS A . n 
A 1 116 ILE 116 116 116 ILE ILE A . n 
A 1 117 ASN 117 117 117 ASN ASN A . n 
A 1 118 THR 118 118 118 THR THR A . n 
A 1 119 THR 119 119 119 THR THR A . n 
A 1 120 LEU 120 120 120 LEU LEU A . n 
A 1 121 THR 121 121 121 THR THR A . n 
A 1 122 CYS 122 122 122 CYS CYS A . n 
A 1 123 GLU 123 123 123 GLU GLU A . n 
A 1 124 VAL 124 124 124 VAL VAL A . n 
A 1 125 MET 125 125 125 MET MET A . n 
A 1 126 ASN 126 126 126 ASN ASN A . n 
A 1 127 GLY 127 127 127 GLY GLY A . n 
A 1 128 THR 128 128 128 THR THR A . n 
A 1 129 ASP 129 129 129 ASP ASP A . n 
A 1 130 PRO 130 130 130 PRO PRO A . n 
A 1 131 GLU 131 131 131 GLU GLU A . n 
A 1 132 LEU 132 132 132 LEU LEU A . n 
A 1 133 ASN 133 133 133 ASN ASN A . n 
A 1 134 LEU 134 134 134 LEU LEU A . n 
A 1 135 TYR 135 135 135 TYR TYR A . n 
A 1 136 GLN 136 136 136 GLN GLN A . n 
A 1 137 ASP 137 137 137 ASP ASP A . n 
A 1 138 GLY 138 138 138 GLY GLY A . n 
A 1 139 LYS 139 139 139 LYS LYS A . n 
A 1 140 HIS 140 140 140 HIS HIS A . n 
A 1 141 LEU 141 141 141 LEU LEU A . n 
A 1 142 LYS 142 142 142 LYS LYS A . n 
A 1 143 LEU 143 143 143 LEU LEU A . n 
A 1 144 SER 144 144 144 SER SER A . n 
A 1 145 GLN 145 145 145 GLN GLN A . n 
A 1 146 ARG 146 146 146 ARG ARG A . n 
A 1 147 VAL 147 147 147 VAL VAL A . n 
A 1 148 ILE 148 148 148 ILE ILE A . n 
A 1 149 THR 149 149 149 THR THR A . n 
A 1 150 HIS 150 150 150 HIS HIS A . n 
A 1 151 LYS 151 151 151 LYS LYS A . n 
A 1 152 TRP 152 152 152 TRP TRP A . n 
A 1 153 THR 153 153 153 THR THR A . n 
A 1 154 THR 154 154 154 THR THR A . n 
A 1 155 SER 155 155 155 SER SER A . n 
A 1 156 LEU 156 156 156 LEU LEU A . n 
A 1 157 SER 157 157 157 SER SER A . n 
A 1 158 ALA 158 158 158 ALA ALA A . n 
A 1 159 LYS 159 159 159 LYS LYS A . n 
A 1 160 PHE 160 160 160 PHE PHE A . n 
A 1 161 LYS 161 161 161 LYS LYS A . n 
A 1 162 CYS 162 162 162 CYS CYS A . n 
A 1 163 THR 163 163 163 THR THR A . n 
A 1 164 ALA 164 164 164 ALA ALA A . n 
A 1 165 GLY 165 165 165 GLY GLY A . n 
A 1 166 ASN 166 166 166 ASN ASN A . n 
A 1 167 LYS 167 167 167 LYS LYS A . n 
A 1 168 VAL 168 168 168 VAL VAL A . n 
A 1 169 SER 169 169 169 SER SER A . n 
A 1 170 LYS 170 170 170 LYS LYS A . n 
A 1 171 GLU 171 171 171 GLU GLU A . n 
A 1 172 SER 172 172 172 SER SER A . n 
A 1 173 SER 173 173 173 SER SER A . n 
A 1 174 VAL 174 174 174 VAL VAL A . n 
A 1 175 GLU 175 175 175 GLU GLU A . n 
A 1 176 PRO 176 176 176 PRO PRO A . n 
A 1 177 VAL 177 177 177 VAL VAL A . n 
A 1 178 SER 178 178 178 SER SER A . n 
A 1 179 CYS 179 179 179 CYS CYS A . n 
A 1 180 PRO 180 180 180 PRO PRO A . n 
A 1 181 GLU 181 181 181 GLU GLU A . n 
A 1 182 LYS 182 182 182 LYS LYS A . n 
# 
loop_
_pdbx_nonpoly_scheme.asym_id 
_pdbx_nonpoly_scheme.entity_id 
_pdbx_nonpoly_scheme.mon_id 
_pdbx_nonpoly_scheme.ndb_seq_num 
_pdbx_nonpoly_scheme.pdb_seq_num 
_pdbx_nonpoly_scheme.auth_seq_num 
_pdbx_nonpoly_scheme.pdb_mon_id 
_pdbx_nonpoly_scheme.auth_mon_id 
_pdbx_nonpoly_scheme.pdb_strand_id 
_pdbx_nonpoly_scheme.pdb_ins_code 
B 2 NAG 1  500 500 NAG NAG A . 
C 2 NAG 1  501 501 NAG NAG A . 
D 2 NAG 1  502 502 NAG NAG A . 
E 3 NA  1  629 629 NA  NA  A . 
F 4 HOH 1  600 600 HOH HOH A . 
F 4 HOH 2  601 601 HOH HOH A . 
F 4 HOH 3  602 602 HOH HOH A . 
F 4 HOH 4  603 603 HOH HOH A . 
F 4 HOH 5  604 604 HOH HOH A . 
F 4 HOH 6  605 605 HOH HOH A . 
F 4 HOH 7  609 609 HOH HOH A . 
F 4 HOH 8  610 610 HOH HOH A . 
F 4 HOH 9  611 611 HOH HOH A . 
F 4 HOH 10 617 617 HOH HOH A . 
F 4 HOH 11 618 618 HOH HOH A . 
F 4 HOH 12 619 619 HOH HOH A . 
F 4 HOH 13 621 621 HOH HOH A . 
F 4 HOH 14 622 622 HOH HOH A . 
F 4 HOH 15 623 623 HOH HOH A . 
F 4 HOH 16 625 625 HOH HOH A . 
F 4 HOH 17 630 630 HOH HOH A . 
F 4 HOH 18 631 631 HOH HOH A . 
F 4 HOH 19 632 632 HOH HOH A . 
F 4 HOH 20 642 642 HOH HOH A . 
F 4 HOH 21 643 643 HOH HOH A . 
F 4 HOH 22 646 646 HOH HOH A . 
# 
loop_
_software.name 
_software.classification 
_software.version 
_software.citation_id 
_software.pdbx_ordinal 
X-PLOR 'model building' . ? 1 
X-PLOR refinement       . ? 2 
X-PLOR phasing          . ? 3 
# 
_cell.entry_id           1HNF 
_cell.length_a           88.300 
_cell.length_b           88.300 
_cell.length_c           51.300 
_cell.angle_alpha        90.00 
_cell.angle_beta         90.00 
_cell.angle_gamma        120.00 
_cell.Z_PDB              6 
_cell.pdbx_unique_axis   ? 
# 
_symmetry.entry_id                         1HNF 
_symmetry.space_group_name_H-M             'P 31 2 1' 
_symmetry.pdbx_full_space_group_name_H-M   ? 
_symmetry.cell_setting                     ? 
_symmetry.Int_Tables_number                152 
# 
_exptl.entry_id          1HNF 
_exptl.method            'X-RAY DIFFRACTION' 
_exptl.crystals_number   ? 
# 
_exptl_crystal.id                    1 
_exptl_crystal.density_meas          ? 
_exptl_crystal.density_Matthews      2.75 
_exptl_crystal.density_percent_sol   55.24 
_exptl_crystal.description           ? 
# 
_diffrn.id                     1 
_diffrn.ambient_temp           ? 
_diffrn.ambient_temp_details   ? 
_diffrn.crystal_id             1 
# 
_diffrn_radiation.diffrn_id                        1 
_diffrn_radiation.wavelength_id                    1 
_diffrn_radiation.pdbx_monochromatic_or_laue_m_l   ? 
_diffrn_radiation.monochromator                    ? 
_diffrn_radiation.pdbx_diffrn_protocol             ? 
_diffrn_radiation.pdbx_scattering_type             x-ray 
# 
_diffrn_radiation_wavelength.id           1 
_diffrn_radiation_wavelength.wavelength   . 
_diffrn_radiation_wavelength.wt           1.0 
# 
_reflns.entry_id                     1HNF 
_reflns.observed_criterion_sigma_I   ? 
_reflns.observed_criterion_sigma_F   ? 
_reflns.d_resolution_low             ? 
_reflns.d_resolution_high            ? 
_reflns.number_obs                   7181 
_reflns.number_all                   ? 
_reflns.percent_possible_obs         87. 
_reflns.pdbx_Rmerge_I_obs            ? 
_reflns.pdbx_Rsym_value              ? 
_reflns.pdbx_netI_over_sigmaI        ? 
_reflns.B_iso_Wilson_estimate        ? 
_reflns.pdbx_redundancy              ? 
_reflns.pdbx_ordinal                 1 
_reflns.pdbx_diffrn_id               1 
# 
_refine.entry_id                                 1HNF 
_refine.ls_number_reflns_obs                     7181 
_refine.ls_number_reflns_all                     ? 
_refine.pdbx_ls_sigma_I                          ? 
_refine.pdbx_ls_sigma_F                          ? 
_refine.pdbx_data_cutoff_high_absF               ? 
_refine.pdbx_data_cutoff_low_absF                ? 
_refine.pdbx_data_cutoff_high_rms_absF           ? 
_refine.ls_d_res_low                             24. 
_refine.ls_d_res_high                            2.5 
_refine.ls_percent_reflns_obs                    ? 
_refine.ls_R_factor_obs                          0.193 
_refine.ls_R_factor_all                          ? 
_refine.ls_R_factor_R_work                       0.193 
_refine.ls_R_factor_R_free                       ? 
_refine.ls_R_factor_R_free_error                 ? 
_refine.ls_R_factor_R_free_error_details         ? 
_refine.ls_percent_reflns_R_free                 ? 
_refine.ls_number_reflns_R_free                  ? 
_refine.ls_number_parameters                     ? 
_refine.ls_number_restraints                     ? 
_refine.occupancy_min                            ? 
_refine.occupancy_max                            ? 
_refine.B_iso_mean                               36. 
_refine.aniso_B[1][1]                            ? 
_refine.aniso_B[2][2]                            ? 
_refine.aniso_B[3][3]                            ? 
_refine.aniso_B[1][2]                            ? 
_refine.aniso_B[1][3]                            ? 
_refine.aniso_B[2][3]                            ? 
_refine.solvent_model_details                    ? 
_refine.solvent_model_param_ksol                 ? 
_refine.solvent_model_param_bsol                 ? 
_refine.pdbx_ls_cross_valid_method               ? 
_refine.details                                  ? 
_refine.pdbx_starting_model                      ? 
_refine.pdbx_method_to_determine_struct          ? 
_refine.pdbx_isotropic_thermal_model             ? 
_refine.pdbx_stereochemistry_target_values       ? 
_refine.pdbx_stereochem_target_val_spec_case     ? 
_refine.pdbx_R_Free_selection_details            ? 
_refine.pdbx_overall_ESU_R                       ? 
_refine.pdbx_overall_ESU_R_Free                  ? 
_refine.overall_SU_ML                            ? 
_refine.overall_SU_B                             ? 
_refine.pdbx_refine_id                           'X-RAY DIFFRACTION' 
_refine.pdbx_diffrn_id                           1 
_refine.pdbx_TLS_residual_ADP_flag               ? 
_refine.correlation_coeff_Fo_to_Fc               ? 
_refine.correlation_coeff_Fo_to_Fc_free          ? 
_refine.pdbx_solvent_vdw_probe_radii             ? 
_refine.pdbx_solvent_ion_probe_radii             ? 
_refine.pdbx_solvent_shrinkage_radii             ? 
_refine.pdbx_overall_phase_error                 ? 
_refine.overall_SU_R_Cruickshank_DPI             ? 
_refine.pdbx_overall_SU_R_free_Cruickshank_DPI   ? 
_refine.pdbx_overall_SU_R_Blow_DPI               ? 
_refine.pdbx_overall_SU_R_free_Blow_DPI          ? 
# 
_refine_hist.pdbx_refine_id                   'X-RAY DIFFRACTION' 
_refine_hist.cycle_id                         LAST 
_refine_hist.pdbx_number_atoms_protein        1447 
_refine_hist.pdbx_number_atoms_nucleic_acid   0 
_refine_hist.pdbx_number_atoms_ligand         43 
_refine_hist.number_atoms_solvent             22 
_refine_hist.number_atoms_total               1512 
_refine_hist.d_res_high                       2.5 
_refine_hist.d_res_low                        24. 
# 
loop_
_refine_ls_restr.type 
_refine_ls_restr.dev_ideal 
_refine_ls_restr.dev_ideal_target 
_refine_ls_restr.weight 
_refine_ls_restr.number 
_refine_ls_restr.pdbx_refine_id 
_refine_ls_restr.pdbx_restraint_function 
x_bond_d                ?    ? ? ? 'X-RAY DIFFRACTION' ? 
x_bond_d_na             ?    ? ? ? 'X-RAY DIFFRACTION' ? 
x_bond_d_prot           ?    ? ? ? 'X-RAY DIFFRACTION' ? 
x_angle_d               ?    ? ? ? 'X-RAY DIFFRACTION' ? 
x_angle_d_na            ?    ? ? ? 'X-RAY DIFFRACTION' ? 
x_angle_d_prot          ?    ? ? ? 'X-RAY DIFFRACTION' ? 
x_angle_deg             1.97 ? ? ? 'X-RAY DIFFRACTION' ? 
x_angle_deg_na          ?    ? ? ? 'X-RAY DIFFRACTION' ? 
x_angle_deg_prot        ?    ? ? ? 'X-RAY DIFFRACTION' ? 
x_dihedral_angle_d      ?    ? ? ? 'X-RAY DIFFRACTION' ? 
x_dihedral_angle_d_na   ?    ? ? ? 'X-RAY DIFFRACTION' ? 
x_dihedral_angle_d_prot ?    ? ? ? 'X-RAY DIFFRACTION' ? 
x_improper_angle_d      ?    ? ? ? 'X-RAY DIFFRACTION' ? 
x_improper_angle_d_na   ?    ? ? ? 'X-RAY DIFFRACTION' ? 
x_improper_angle_d_prot ?    ? ? ? 'X-RAY DIFFRACTION' ? 
x_mcbond_it             ?    ? ? ? 'X-RAY DIFFRACTION' ? 
x_mcangle_it            ?    ? ? ? 'X-RAY DIFFRACTION' ? 
x_scbond_it             ?    ? ? ? 'X-RAY DIFFRACTION' ? 
x_scangle_it            ?    ? ? ? 'X-RAY DIFFRACTION' ? 
# 
_struct.entry_id                  1HNF 
_struct.title                     
'CRYSTAL STRUCTURE OF THE EXTRACELLULAR REGION OF THE HUMAN CELL ADHESION MOLECULE CD2 AT 2.5 ANGSTROMS RESOLUTION' 
_struct.pdbx_model_details        ? 
_struct.pdbx_CASP_flag            ? 
_struct.pdbx_model_type_details   ? 
# 
_struct_keywords.entry_id        1HNF 
_struct_keywords.pdbx_keywords   'T LYMPHOCYTE ADHESION GLYCOPROTEIN' 
_struct_keywords.text            'T LYMPHOCYTE ADHESION GLYCOPROTEIN' 
# 
loop_
_struct_asym.id 
_struct_asym.pdbx_blank_PDB_chainid_flag 
_struct_asym.pdbx_modified 
_struct_asym.entity_id 
_struct_asym.details 
A N N 1 ? 
B N N 2 ? 
C N N 2 ? 
D N N 2 ? 
E N N 3 ? 
F N N 4 ? 
# 
_struct_ref.id                         1 
_struct_ref.db_name                    UNP 
_struct_ref.db_code                    CD2_HUMAN 
_struct_ref.entity_id                  1 
_struct_ref.pdbx_db_accession          P06729 
_struct_ref.pdbx_align_begin           1 
_struct_ref.pdbx_seq_one_letter_code   
;MSFPCKFVASFLLIFNVSSKGAVSKEITNALETWGALGQDINLDIPSFQMSDDIDDIKWEKTSDKKKIAQFRKEKETFKE
KDTYKLFKNGTLKIKHLKTDDQDIYKVSIYDTKGKNVLEKIFDLKIQERVSKPKISWTCINTTLTCEVMNGTDPELNLYQ
DGKHLKLSQRVITHKWTTSLSAKFKCTAGNKVSKESSVEPVSCPEKGLDIYLIIGICGGGSLLMVFVALLVFYITKRKKQ
RSRRNDEELETRAHRVATEERGRKPQQIPASTPQNPATSQHPPPPPGHRSQAPSHRPPPPGHRVQHQPQKRPPAPSGTQV
HQQKGPPLPRPRVQPKPPHGAAENSLSPSSN
;
_struct_ref.pdbx_db_isoform            ? 
# 
_struct_ref_seq.align_id                      1 
_struct_ref_seq.ref_id                        1 
_struct_ref_seq.pdbx_PDB_id_code              1HNF 
_struct_ref_seq.pdbx_strand_id                A 
_struct_ref_seq.seq_align_beg                 1 
_struct_ref_seq.pdbx_seq_align_beg_ins_code   ? 
_struct_ref_seq.seq_align_end                 182 
_struct_ref_seq.pdbx_seq_align_end_ins_code   ? 
_struct_ref_seq.pdbx_db_accession             P06729 
_struct_ref_seq.db_align_beg                  25 
_struct_ref_seq.pdbx_db_align_beg_ins_code    ? 
_struct_ref_seq.db_align_end                  206 
_struct_ref_seq.pdbx_db_align_end_ins_code    ? 
_struct_ref_seq.pdbx_auth_seq_align_beg       1 
_struct_ref_seq.pdbx_auth_seq_align_end       182 
# 
_pdbx_struct_assembly.id                   1 
_pdbx_struct_assembly.details              author_defined_assembly 
_pdbx_struct_assembly.method_details       ? 
_pdbx_struct_assembly.oligomeric_details   monomeric 
_pdbx_struct_assembly.oligomeric_count     1 
# 
_pdbx_struct_assembly_gen.assembly_id       1 
_pdbx_struct_assembly_gen.oper_expression   1 
_pdbx_struct_assembly_gen.asym_id_list      A,B,C,D,E,F 
# 
_pdbx_struct_oper_list.id                   1 
_pdbx_struct_oper_list.type                 'identity operation' 
_pdbx_struct_oper_list.name                 1_555 
_pdbx_struct_oper_list.symmetry_operation   x,y,z 
_pdbx_struct_oper_list.matrix[1][1]         1.0000000000 
_pdbx_struct_oper_list.matrix[1][2]         0.0000000000 
_pdbx_struct_oper_list.matrix[1][3]         0.0000000000 
_pdbx_struct_oper_list.vector[1]            0.0000000000 
_pdbx_struct_oper_list.matrix[2][1]         0.0000000000 
_pdbx_struct_oper_list.matrix[2][2]         1.0000000000 
_pdbx_struct_oper_list.matrix[2][3]         0.0000000000 
_pdbx_struct_oper_list.vector[2]            0.0000000000 
_pdbx_struct_oper_list.matrix[3][1]         0.0000000000 
_pdbx_struct_oper_list.matrix[3][2]         0.0000000000 
_pdbx_struct_oper_list.matrix[3][3]         1.0000000000 
_pdbx_struct_oper_list.vector[3]            0.0000000000 
# 
_struct_biol.id   1 
# 
loop_
_struct_conf.conf_type_id 
_struct_conf.id 
_struct_conf.pdbx_PDB_helix_id 
_struct_conf.beg_label_comp_id 
_struct_conf.beg_label_asym_id 
_struct_conf.beg_label_seq_id 
_struct_conf.pdbx_beg_PDB_ins_code 
_struct_conf.end_label_comp_id 
_struct_conf.end_label_asym_id 
_struct_conf.end_label_seq_id 
_struct_conf.pdbx_end_PDB_ins_code 
_struct_conf.beg_auth_comp_id 
_struct_conf.beg_auth_asym_id 
_struct_conf.beg_auth_seq_id 
_struct_conf.end_auth_comp_id 
_struct_conf.end_auth_asym_id 
_struct_conf.end_auth_seq_id 
_struct_conf.pdbx_PDB_helix_class 
_struct_conf.details 
_struct_conf.pdbx_PDB_helix_length 
HELX_P HELX_P1 1 SER A 39 ? LYS A 41 ? SER A 39 LYS A 41 5 ? 3 
HELX_P HELX_P2 2 LYS A 49 ? LYS A 51 ? LYS A 49 LYS A 51 5 ? 3 
HELX_P HELX_P3 3 LYS A 74 ? GLN A 78 ? LYS A 74 GLN A 78 5 ? 5 
# 
_struct_conf_type.id          HELX_P 
_struct_conf_type.criteria    ? 
_struct_conf_type.reference   ? 
# 
loop_
_struct_conn.id 
_struct_conn.conn_type_id 
_struct_conn.pdbx_leaving_atom_flag 
_struct_conn.pdbx_PDB_id 
_struct_conn.ptnr1_label_asym_id 
_struct_conn.ptnr1_label_comp_id 
_struct_conn.ptnr1_label_seq_id 
_struct_conn.ptnr1_label_atom_id 
_struct_conn.pdbx_ptnr1_label_alt_id 
_struct_conn.pdbx_ptnr1_PDB_ins_code 
_struct_conn.pdbx_ptnr1_standard_comp_id 
_struct_conn.ptnr1_symmetry 
_struct_conn.ptnr2_label_asym_id 
_struct_conn.ptnr2_label_comp_id 
_struct_conn.ptnr2_label_seq_id 
_struct_conn.ptnr2_label_atom_id 
_struct_conn.pdbx_ptnr2_label_alt_id 
_struct_conn.pdbx_ptnr2_PDB_ins_code 
_struct_conn.ptnr1_auth_asym_id 
_struct_conn.ptnr1_auth_comp_id 
_struct_conn.ptnr1_auth_seq_id 
_struct_conn.ptnr2_auth_asym_id 
_struct_conn.ptnr2_auth_comp_id 
_struct_conn.ptnr2_auth_seq_id 
_struct_conn.ptnr2_symmetry 
_struct_conn.pdbx_ptnr3_label_atom_id 
_struct_conn.pdbx_ptnr3_label_seq_id 
_struct_conn.pdbx_ptnr3_label_comp_id 
_struct_conn.pdbx_ptnr3_label_asym_id 
_struct_conn.pdbx_ptnr3_label_alt_id 
_struct_conn.pdbx_ptnr3_PDB_ins_code 
_struct_conn.details 
_struct_conn.pdbx_dist_value 
_struct_conn.pdbx_value_order 
_struct_conn.pdbx_role 
disulf1 disulf ?   ? A CYS 115 SG  ? ? ? 1_555 A CYS 179 SG ? ? A CYS 115 A CYS 179 1_555 ? ? ? ? ? ? ? 2.005 ? ?               
disulf2 disulf ?   ? A CYS 122 SG  ? ? ? 1_555 A CYS 162 SG ? ? A CYS 122 A CYS 162 1_555 ? ? ? ? ? ? ? 2.014 ? ?               
covale1 covale one ? A ASN 65  ND2 ? ? ? 1_555 B NAG .   C1 ? ? A ASN 65  A NAG 500 1_555 ? ? ? ? ? ? ? 1.459 ? N-Glycosylation 
covale2 covale one ? A ASN 117 ND2 ? ? ? 1_555 C NAG .   C1 ? ? A ASN 117 A NAG 501 1_555 ? ? ? ? ? ? ? 1.450 ? N-Glycosylation 
covale3 covale one ? A ASN 126 ND2 ? ? ? 1_555 D NAG .   C1 ? ? A ASN 126 A NAG 502 1_555 ? ? ? ? ? ? ? 1.440 ? N-Glycosylation 
metalc1 metalc ?   ? A TYR 60  OH  ? ? ? 1_555 E NA  .   NA ? ? A TYR 60  A NA  629 1_555 ? ? ? ? ? ? ? 2.494 ? ?               
metalc2 metalc ?   ? A ASP 77  OD1 ? ? ? 1_555 E NA  .   NA ? ? A ASP 77  A NA  629 1_555 ? ? ? ? ? ? ? 2.781 ? ?               
metalc3 metalc ?   ? A TYR 81  OH  ? ? ? 1_555 E NA  .   NA ? ? A TYR 81  A NA  629 1_555 ? ? ? ? ? ? ? 2.634 ? ?               
# 
loop_
_struct_conn_type.id 
_struct_conn_type.criteria 
_struct_conn_type.reference 
disulf ? ? 
covale ? ? 
metalc ? ? 
# 
loop_
_pdbx_struct_conn_angle.id 
_pdbx_struct_conn_angle.ptnr1_label_atom_id 
_pdbx_struct_conn_angle.ptnr1_label_alt_id 
_pdbx_struct_conn_angle.ptnr1_label_asym_id 
_pdbx_struct_conn_angle.ptnr1_label_comp_id 
_pdbx_struct_conn_angle.ptnr1_label_seq_id 
_pdbx_struct_conn_angle.ptnr1_auth_atom_id 
_pdbx_struct_conn_angle.ptnr1_auth_asym_id 
_pdbx_struct_conn_angle.ptnr1_auth_comp_id 
_pdbx_struct_conn_angle.ptnr1_auth_seq_id 
_pdbx_struct_conn_angle.ptnr1_PDB_ins_code 
_pdbx_struct_conn_angle.ptnr1_symmetry 
_pdbx_struct_conn_angle.ptnr2_label_atom_id 
_pdbx_struct_conn_angle.ptnr2_label_alt_id 
_pdbx_struct_conn_angle.ptnr2_label_asym_id 
_pdbx_struct_conn_angle.ptnr2_label_comp_id 
_pdbx_struct_conn_angle.ptnr2_label_seq_id 
_pdbx_struct_conn_angle.ptnr2_auth_atom_id 
_pdbx_struct_conn_angle.ptnr2_auth_asym_id 
_pdbx_struct_conn_angle.ptnr2_auth_comp_id 
_pdbx_struct_conn_angle.ptnr2_auth_seq_id 
_pdbx_struct_conn_angle.ptnr2_PDB_ins_code 
_pdbx_struct_conn_angle.ptnr2_symmetry 
_pdbx_struct_conn_angle.ptnr3_label_atom_id 
_pdbx_struct_conn_angle.ptnr3_label_alt_id 
_pdbx_struct_conn_angle.ptnr3_label_asym_id 
_pdbx_struct_conn_angle.ptnr3_label_comp_id 
_pdbx_struct_conn_angle.ptnr3_label_seq_id 
_pdbx_struct_conn_angle.ptnr3_auth_atom_id 
_pdbx_struct_conn_angle.ptnr3_auth_asym_id 
_pdbx_struct_conn_angle.ptnr3_auth_comp_id 
_pdbx_struct_conn_angle.ptnr3_auth_seq_id 
_pdbx_struct_conn_angle.ptnr3_PDB_ins_code 
_pdbx_struct_conn_angle.ptnr3_symmetry 
_pdbx_struct_conn_angle.value 
_pdbx_struct_conn_angle.value_esd 
1 OH  ? A TYR 60 ? A TYR 60 ? 1_555 NA ? E NA . ? A NA 629 ? 1_555 OD1 ? A ASP 77 ? A ASP 77 ? 1_555 111.7 ? 
2 OH  ? A TYR 60 ? A TYR 60 ? 1_555 NA ? E NA . ? A NA 629 ? 1_555 OH  ? A TYR 81 ? A TYR 81 ? 1_555 145.2 ? 
3 OD1 ? A ASP 77 ? A ASP 77 ? 1_555 NA ? E NA . ? A NA 629 ? 1_555 OH  ? A TYR 81 ? A TYR 81 ? 1_555 102.7 ? 
# 
loop_
_pdbx_modification_feature.ordinal 
_pdbx_modification_feature.label_comp_id 
_pdbx_modification_feature.label_asym_id 
_pdbx_modification_feature.label_seq_id 
_pdbx_modification_feature.label_alt_id 
_pdbx_modification_feature.modified_residue_label_comp_id 
_pdbx_modification_feature.modified_residue_label_asym_id 
_pdbx_modification_feature.modified_residue_label_seq_id 
_pdbx_modification_feature.modified_residue_label_alt_id 
_pdbx_modification_feature.auth_comp_id 
_pdbx_modification_feature.auth_asym_id 
_pdbx_modification_feature.auth_seq_id 
_pdbx_modification_feature.PDB_ins_code 
_pdbx_modification_feature.symmetry 
_pdbx_modification_feature.modified_residue_auth_comp_id 
_pdbx_modification_feature.modified_residue_auth_asym_id 
_pdbx_modification_feature.modified_residue_auth_seq_id 
_pdbx_modification_feature.modified_residue_PDB_ins_code 
_pdbx_modification_feature.modified_residue_symmetry 
_pdbx_modification_feature.comp_id_linking_atom 
_pdbx_modification_feature.modified_residue_id_linking_atom 
_pdbx_modification_feature.modified_residue_id 
_pdbx_modification_feature.ref_pcm_id 
_pdbx_modification_feature.ref_comp_id 
_pdbx_modification_feature.type 
_pdbx_modification_feature.category 
1 NAG B .   ? ASN A 65  ? NAG A 500 ? 1_555 ASN A 65  ? 1_555 C1 ND2 ASN 1 NAG N-Glycosylation Carbohydrate       
2 NAG C .   ? ASN A 117 ? NAG A 501 ? 1_555 ASN A 117 ? 1_555 C1 ND2 ASN 1 NAG N-Glycosylation Carbohydrate       
3 NAG D .   ? ASN A 126 ? NAG A 502 ? 1_555 ASN A 126 ? 1_555 C1 ND2 ASN 1 NAG N-Glycosylation Carbohydrate       
4 CYS A 115 ? CYS A 179 ? CYS A 115 ? 1_555 CYS A 179 ? 1_555 SG SG  .   . .   None            'Disulfide bridge' 
5 CYS A 122 ? CYS A 162 ? CYS A 122 ? 1_555 CYS A 162 ? 1_555 SG SG  .   . .   None            'Disulfide bridge' 
# 
loop_
_struct_sheet.id 
_struct_sheet.type 
_struct_sheet.number_strands 
_struct_sheet.details 
A ? 6 ? 
B ? 3 ? 
C ? 3 ? 
D ? 4 ? 
# 
loop_
_struct_sheet_order.sheet_id 
_struct_sheet_order.range_id_1 
_struct_sheet_order.range_id_2 
_struct_sheet_order.offset 
_struct_sheet_order.sense 
A 1 2 ? parallel      
A 2 3 ? anti-parallel 
A 3 4 ? anti-parallel 
A 4 5 ? anti-parallel 
A 5 6 ? anti-parallel 
B 1 2 ? anti-parallel 
B 2 3 ? anti-parallel 
C 1 2 ? anti-parallel 
C 2 3 ? anti-parallel 
D 1 2 ? anti-parallel 
D 2 3 ? anti-parallel 
D 3 4 ? anti-parallel 
# 
loop_
_struct_sheet_range.sheet_id 
_struct_sheet_range.id 
_struct_sheet_range.beg_label_comp_id 
_struct_sheet_range.beg_label_asym_id 
_struct_sheet_range.beg_label_seq_id 
_struct_sheet_range.pdbx_beg_PDB_ins_code 
_struct_sheet_range.end_label_comp_id 
_struct_sheet_range.end_label_asym_id 
_struct_sheet_range.end_label_seq_id 
_struct_sheet_range.pdbx_end_PDB_ins_code 
_struct_sheet_range.beg_auth_comp_id 
_struct_sheet_range.beg_auth_asym_id 
_struct_sheet_range.beg_auth_seq_id 
_struct_sheet_range.end_auth_comp_id 
_struct_sheet_range.end_auth_asym_id 
_struct_sheet_range.end_auth_seq_id 
A 1 LEU A 7   ? ALA A 12  ? LEU A 7   ALA A 12  
A 2 ASN A 92  ? GLN A 103 ? ASN A 92  GLN A 103 
A 3 ASP A 79  ? ASP A 87  ? ASP A 79  ASP A 87  
A 4 ILE A 30  ? LYS A 37  ? ILE A 30  LYS A 37  
A 5 LYS A 43  ? PHE A 47  ? LYS A 43  PHE A 47  
A 6 THR A 53  ? LYS A 55  ? THR A 53  LYS A 55  
B 1 ILE A 17  ? LEU A 19  ? ILE A 17  LEU A 19  
B 2 LEU A 68  ? ILE A 70  ? LEU A 68  ILE A 70  
B 3 TYR A 60  ? LEU A 62  ? TYR A 60  LEU A 62  
C 1 LYS A 110 ? THR A 114 ? LYS A 110 THR A 114 
C 2 THR A 119 ? GLU A 123 ? THR A 119 GLU A 123 
C 3 ILE A 148 ? LYS A 151 ? ILE A 148 LYS A 151 
D 1 HIS A 140 ? SER A 144 ? HIS A 140 SER A 144 
D 2 GLU A 131 ? GLN A 136 ? GLU A 131 GLN A 136 
D 3 LEU A 156 ? GLY A 165 ? LEU A 156 GLY A 165 
D 4 LYS A 170 ? CYS A 179 ? LYS A 170 CYS A 179 
# 
loop_
_pdbx_struct_sheet_hbond.sheet_id 
_pdbx_struct_sheet_hbond.range_id_1 
_pdbx_struct_sheet_hbond.range_id_2 
_pdbx_struct_sheet_hbond.range_1_label_atom_id 
_pdbx_struct_sheet_hbond.range_1_label_comp_id 
_pdbx_struct_sheet_hbond.range_1_label_asym_id 
_pdbx_struct_sheet_hbond.range_1_label_seq_id 
_pdbx_struct_sheet_hbond.range_1_PDB_ins_code 
_pdbx_struct_sheet_hbond.range_1_auth_atom_id 
_pdbx_struct_sheet_hbond.range_1_auth_comp_id 
_pdbx_struct_sheet_hbond.range_1_auth_asym_id 
_pdbx_struct_sheet_hbond.range_1_auth_seq_id 
_pdbx_struct_sheet_hbond.range_2_label_atom_id 
_pdbx_struct_sheet_hbond.range_2_label_comp_id 
_pdbx_struct_sheet_hbond.range_2_label_asym_id 
_pdbx_struct_sheet_hbond.range_2_label_seq_id 
_pdbx_struct_sheet_hbond.range_2_PDB_ins_code 
_pdbx_struct_sheet_hbond.range_2_auth_atom_id 
_pdbx_struct_sheet_hbond.range_2_auth_comp_id 
_pdbx_struct_sheet_hbond.range_2_auth_asym_id 
_pdbx_struct_sheet_hbond.range_2_auth_seq_id 
A 1 2 N LEU A 7   ? N LEU A 7   O ILE A 97  ? O ILE A 97  
A 2 3 N LEU A 100 ? N LEU A 100 O ASP A 79  ? O ASP A 79  
A 3 4 O TYR A 86  ? O TYR A 86  N ASP A 31  ? N ASP A 31  
A 4 5 O TRP A 35  ? O TRP A 35  N ILE A 44  ? N ILE A 44  
A 5 6 N GLN A 46  ? N GLN A 46  O PHE A 54  ? O PHE A 54  
B 1 2 N LEU A 19  ? N LEU A 19  O LEU A 68  ? O LEU A 68  
B 2 3 N LYS A 69  ? N LYS A 69  O LYS A 61  ? O LYS A 61  
C 1 2 N THR A 114 ? N THR A 114 O THR A 119 ? O THR A 119 
C 2 3 N CYS A 122 ? N CYS A 122 O ILE A 148 ? O ILE A 148 
D 1 2 O SER A 144 ? O SER A 144 N LEU A 132 ? N LEU A 132 
D 2 3 N TYR A 135 ? N TYR A 135 O LYS A 161 ? O LYS A 161 
D 3 4 O ALA A 164 ? O ALA A 164 N GLU A 171 ? N GLU A 171 
# 
_pdbx_entry_details.entry_id                   1HNF 
_pdbx_entry_details.compound_details           ? 
_pdbx_entry_details.source_details             ? 
_pdbx_entry_details.nonpolymer_details         'THE AUTHOR STATES THAT THE IDENTITY OF THE NA 629 ION HAS NOT BEEN CONFIRMED' 
_pdbx_entry_details.sequence_details           ? 
_pdbx_entry_details.has_ligand_of_interest     ? 
_pdbx_entry_details.has_protein_modification   Y 
# 
_pdbx_validate_rmsd_angle.id                         1 
_pdbx_validate_rmsd_angle.PDB_model_num              1 
_pdbx_validate_rmsd_angle.auth_atom_id_1             CB 
_pdbx_validate_rmsd_angle.auth_asym_id_1             A 
_pdbx_validate_rmsd_angle.auth_comp_id_1             VAL 
_pdbx_validate_rmsd_angle.auth_seq_id_1              83 
_pdbx_validate_rmsd_angle.PDB_ins_code_1             ? 
_pdbx_validate_rmsd_angle.label_alt_id_1             ? 
_pdbx_validate_rmsd_angle.auth_atom_id_2             CA 
_pdbx_validate_rmsd_angle.auth_asym_id_2             A 
_pdbx_validate_rmsd_angle.auth_comp_id_2             VAL 
_pdbx_validate_rmsd_angle.auth_seq_id_2              83 
_pdbx_validate_rmsd_angle.PDB_ins_code_2             ? 
_pdbx_validate_rmsd_angle.label_alt_id_2             ? 
_pdbx_validate_rmsd_angle.auth_atom_id_3             C 
_pdbx_validate_rmsd_angle.auth_asym_id_3             A 
_pdbx_validate_rmsd_angle.auth_comp_id_3             VAL 
_pdbx_validate_rmsd_angle.auth_seq_id_3              83 
_pdbx_validate_rmsd_angle.PDB_ins_code_3             ? 
_pdbx_validate_rmsd_angle.label_alt_id_3             ? 
_pdbx_validate_rmsd_angle.angle_value                98.72 
_pdbx_validate_rmsd_angle.angle_target_value         111.40 
_pdbx_validate_rmsd_angle.angle_deviation            -12.68 
_pdbx_validate_rmsd_angle.angle_standard_deviation   1.90 
_pdbx_validate_rmsd_angle.linker_flag                N 
# 
loop_
_pdbx_validate_torsion.id 
_pdbx_validate_torsion.PDB_model_num 
_pdbx_validate_torsion.auth_comp_id 
_pdbx_validate_torsion.auth_asym_id 
_pdbx_validate_torsion.auth_seq_id 
_pdbx_validate_torsion.PDB_ins_code 
_pdbx_validate_torsion.label_alt_id 
_pdbx_validate_torsion.phi 
_pdbx_validate_torsion.psi 
1  1 GLN A 25  ? ? -161.80 107.37  
2  1 SER A 27  ? ? -170.43 -166.53 
3  1 LYS A 41  ? ? 44.32   83.69   
4  1 LYS A 49  ? ? 58.00   -176.45 
5  1 GLU A 52  ? ? 159.89  148.60  
6  1 HIS A 72  ? ? 46.70   70.22   
7  1 ASP A 129 ? ? 35.21   58.55   
8  1 LEU A 141 ? ? -104.89 -64.38  
9  1 THR A 153 ? ? -130.61 -40.55  
10 1 GLU A 181 ? ? 40.80   73.35   
# 
loop_
_pdbx_struct_mod_residue.id 
_pdbx_struct_mod_residue.label_asym_id 
_pdbx_struct_mod_residue.label_comp_id 
_pdbx_struct_mod_residue.label_seq_id 
_pdbx_struct_mod_residue.auth_asym_id 
_pdbx_struct_mod_residue.auth_comp_id 
_pdbx_struct_mod_residue.auth_seq_id 
_pdbx_struct_mod_residue.PDB_ins_code 
_pdbx_struct_mod_residue.parent_comp_id 
_pdbx_struct_mod_residue.details 
1 A ASN 65  A ASN 65  ? ASN 'GLYCOSYLATION SITE' 
2 A ASN 117 A ASN 117 ? ASN 'GLYCOSYLATION SITE' 
3 A ASN 126 A ASN 126 ? ASN 'GLYCOSYLATION SITE' 
# 
loop_
_pdbx_unobs_or_zero_occ_residues.id 
_pdbx_unobs_or_zero_occ_residues.PDB_model_num 
_pdbx_unobs_or_zero_occ_residues.polymer_flag 
_pdbx_unobs_or_zero_occ_residues.occupancy_flag 
_pdbx_unobs_or_zero_occ_residues.auth_asym_id 
_pdbx_unobs_or_zero_occ_residues.auth_comp_id 
_pdbx_unobs_or_zero_occ_residues.auth_seq_id 
_pdbx_unobs_or_zero_occ_residues.PDB_ins_code 
_pdbx_unobs_or_zero_occ_residues.label_asym_id 
_pdbx_unobs_or_zero_occ_residues.label_comp_id 
_pdbx_unobs_or_zero_occ_residues.label_seq_id 
1 1 Y 1 A LYS 1 ? A LYS 1 
2 1 Y 1 A GLU 2 ? A GLU 2 
3 1 Y 1 A ILE 3 ? A ILE 3 
# 
loop_
_chem_comp_atom.comp_id 
_chem_comp_atom.atom_id 
_chem_comp_atom.type_symbol 
_chem_comp_atom.pdbx_aromatic_flag 
_chem_comp_atom.pdbx_stereo_config 
_chem_comp_atom.pdbx_ordinal 
ALA N    N  N N 1   
ALA CA   C  N S 2   
ALA C    C  N N 3   
ALA O    O  N N 4   
ALA CB   C  N N 5   
ALA OXT  O  N N 6   
ALA H    H  N N 7   
ALA H2   H  N N 8   
ALA HA   H  N N 9   
ALA HB1  H  N N 10  
ALA HB2  H  N N 11  
ALA HB3  H  N N 12  
ALA HXT  H  N N 13  
ARG N    N  N N 14  
ARG CA   C  N S 15  
ARG C    C  N N 16  
ARG O    O  N N 17  
ARG CB   C  N N 18  
ARG CG   C  N N 19  
ARG CD   C  N N 20  
ARG NE   N  N N 21  
ARG CZ   C  N N 22  
ARG NH1  N  N N 23  
ARG NH2  N  N N 24  
ARG OXT  O  N N 25  
ARG H    H  N N 26  
ARG H2   H  N N 27  
ARG HA   H  N N 28  
ARG HB2  H  N N 29  
ARG HB3  H  N N 30  
ARG HG2  H  N N 31  
ARG HG3  H  N N 32  
ARG HD2  H  N N 33  
ARG HD3  H  N N 34  
ARG HE   H  N N 35  
ARG HH11 H  N N 36  
ARG HH12 H  N N 37  
ARG HH21 H  N N 38  
ARG HH22 H  N N 39  
ARG HXT  H  N N 40  
ASN N    N  N N 41  
ASN CA   C  N S 42  
ASN C    C  N N 43  
ASN O    O  N N 44  
ASN CB   C  N N 45  
ASN CG   C  N N 46  
ASN OD1  O  N N 47  
ASN ND2  N  N N 48  
ASN OXT  O  N N 49  
ASN H    H  N N 50  
ASN H2   H  N N 51  
ASN HA   H  N N 52  
ASN HB2  H  N N 53  
ASN HB3  H  N N 54  
ASN HD21 H  N N 55  
ASN HD22 H  N N 56  
ASN HXT  H  N N 57  
ASP N    N  N N 58  
ASP CA   C  N S 59  
ASP C    C  N N 60  
ASP O    O  N N 61  
ASP CB   C  N N 62  
ASP CG   C  N N 63  
ASP OD1  O  N N 64  
ASP OD2  O  N N 65  
ASP OXT  O  N N 66  
ASP H    H  N N 67  
ASP H2   H  N N 68  
ASP HA   H  N N 69  
ASP HB2  H  N N 70  
ASP HB3  H  N N 71  
ASP HD2  H  N N 72  
ASP HXT  H  N N 73  
CYS N    N  N N 74  
CYS CA   C  N R 75  
CYS C    C  N N 76  
CYS O    O  N N 77  
CYS CB   C  N N 78  
CYS SG   S  N N 79  
CYS OXT  O  N N 80  
CYS H    H  N N 81  
CYS H2   H  N N 82  
CYS HA   H  N N 83  
CYS HB2  H  N N 84  
CYS HB3  H  N N 85  
CYS HG   H  N N 86  
CYS HXT  H  N N 87  
GLN N    N  N N 88  
GLN CA   C  N S 89  
GLN C    C  N N 90  
GLN O    O  N N 91  
GLN CB   C  N N 92  
GLN CG   C  N N 93  
GLN CD   C  N N 94  
GLN OE1  O  N N 95  
GLN NE2  N  N N 96  
GLN OXT  O  N N 97  
GLN H    H  N N 98  
GLN H2   H  N N 99  
GLN HA   H  N N 100 
GLN HB2  H  N N 101 
GLN HB3  H  N N 102 
GLN HG2  H  N N 103 
GLN HG3  H  N N 104 
GLN HE21 H  N N 105 
GLN HE22 H  N N 106 
GLN HXT  H  N N 107 
GLU N    N  N N 108 
GLU CA   C  N S 109 
GLU C    C  N N 110 
GLU O    O  N N 111 
GLU CB   C  N N 112 
GLU CG   C  N N 113 
GLU CD   C  N N 114 
GLU OE1  O  N N 115 
GLU OE2  O  N N 116 
GLU OXT  O  N N 117 
GLU H    H  N N 118 
GLU H2   H  N N 119 
GLU HA   H  N N 120 
GLU HB2  H  N N 121 
GLU HB3  H  N N 122 
GLU HG2  H  N N 123 
GLU HG3  H  N N 124 
GLU HE2  H  N N 125 
GLU HXT  H  N N 126 
GLY N    N  N N 127 
GLY CA   C  N N 128 
GLY C    C  N N 129 
GLY O    O  N N 130 
GLY OXT  O  N N 131 
GLY H    H  N N 132 
GLY H2   H  N N 133 
GLY HA2  H  N N 134 
GLY HA3  H  N N 135 
GLY HXT  H  N N 136 
HIS N    N  N N 137 
HIS CA   C  N S 138 
HIS C    C  N N 139 
HIS O    O  N N 140 
HIS CB   C  N N 141 
HIS CG   C  Y N 142 
HIS ND1  N  Y N 143 
HIS CD2  C  Y N 144 
HIS CE1  C  Y N 145 
HIS NE2  N  Y N 146 
HIS OXT  O  N N 147 
HIS H    H  N N 148 
HIS H2   H  N N 149 
HIS HA   H  N N 150 
HIS HB2  H  N N 151 
HIS HB3  H  N N 152 
HIS HD1  H  N N 153 
HIS HD2  H  N N 154 
HIS HE1  H  N N 155 
HIS HE2  H  N N 156 
HIS HXT  H  N N 157 
HOH O    O  N N 158 
HOH H1   H  N N 159 
HOH H2   H  N N 160 
ILE N    N  N N 161 
ILE CA   C  N S 162 
ILE C    C  N N 163 
ILE O    O  N N 164 
ILE CB   C  N S 165 
ILE CG1  C  N N 166 
ILE CG2  C  N N 167 
ILE CD1  C  N N 168 
ILE OXT  O  N N 169 
ILE H    H  N N 170 
ILE H2   H  N N 171 
ILE HA   H  N N 172 
ILE HB   H  N N 173 
ILE HG12 H  N N 174 
ILE HG13 H  N N 175 
ILE HG21 H  N N 176 
ILE HG22 H  N N 177 
ILE HG23 H  N N 178 
ILE HD11 H  N N 179 
ILE HD12 H  N N 180 
ILE HD13 H  N N 181 
ILE HXT  H  N N 182 
LEU N    N  N N 183 
LEU CA   C  N S 184 
LEU C    C  N N 185 
LEU O    O  N N 186 
LEU CB   C  N N 187 
LEU CG   C  N N 188 
LEU CD1  C  N N 189 
LEU CD2  C  N N 190 
LEU OXT  O  N N 191 
LEU H    H  N N 192 
LEU H2   H  N N 193 
LEU HA   H  N N 194 
LEU HB2  H  N N 195 
LEU HB3  H  N N 196 
LEU HG   H  N N 197 
LEU HD11 H  N N 198 
LEU HD12 H  N N 199 
LEU HD13 H  N N 200 
LEU HD21 H  N N 201 
LEU HD22 H  N N 202 
LEU HD23 H  N N 203 
LEU HXT  H  N N 204 
LYS N    N  N N 205 
LYS CA   C  N S 206 
LYS C    C  N N 207 
LYS O    O  N N 208 
LYS CB   C  N N 209 
LYS CG   C  N N 210 
LYS CD   C  N N 211 
LYS CE   C  N N 212 
LYS NZ   N  N N 213 
LYS OXT  O  N N 214 
LYS H    H  N N 215 
LYS H2   H  N N 216 
LYS HA   H  N N 217 
LYS HB2  H  N N 218 
LYS HB3  H  N N 219 
LYS HG2  H  N N 220 
LYS HG3  H  N N 221 
LYS HD2  H  N N 222 
LYS HD3  H  N N 223 
LYS HE2  H  N N 224 
LYS HE3  H  N N 225 
LYS HZ1  H  N N 226 
LYS HZ2  H  N N 227 
LYS HZ3  H  N N 228 
LYS HXT  H  N N 229 
MET N    N  N N 230 
MET CA   C  N S 231 
MET C    C  N N 232 
MET O    O  N N 233 
MET CB   C  N N 234 
MET CG   C  N N 235 
MET SD   S  N N 236 
MET CE   C  N N 237 
MET OXT  O  N N 238 
MET H    H  N N 239 
MET H2   H  N N 240 
MET HA   H  N N 241 
MET HB2  H  N N 242 
MET HB3  H  N N 243 
MET HG2  H  N N 244 
MET HG3  H  N N 245 
MET HE1  H  N N 246 
MET HE2  H  N N 247 
MET HE3  H  N N 248 
MET HXT  H  N N 249 
NA  NA   NA N N 250 
NAG C1   C  N R 251 
NAG C2   C  N R 252 
NAG C3   C  N R 253 
NAG C4   C  N S 254 
NAG C5   C  N R 255 
NAG C6   C  N N 256 
NAG C7   C  N N 257 
NAG C8   C  N N 258 
NAG N2   N  N N 259 
NAG O1   O  N N 260 
NAG O3   O  N N 261 
NAG O4   O  N N 262 
NAG O5   O  N N 263 
NAG O6   O  N N 264 
NAG O7   O  N N 265 
NAG H1   H  N N 266 
NAG H2   H  N N 267 
NAG H3   H  N N 268 
NAG H4   H  N N 269 
NAG H5   H  N N 270 
NAG H61  H  N N 271 
NAG H62  H  N N 272 
NAG H81  H  N N 273 
NAG H82  H  N N 274 
NAG H83  H  N N 275 
NAG HN2  H  N N 276 
NAG HO1  H  N N 277 
NAG HO3  H  N N 278 
NAG HO4  H  N N 279 
NAG HO6  H  N N 280 
PHE N    N  N N 281 
PHE CA   C  N S 282 
PHE C    C  N N 283 
PHE O    O  N N 284 
PHE CB   C  N N 285 
PHE CG   C  Y N 286 
PHE CD1  C  Y N 287 
PHE CD2  C  Y N 288 
PHE CE1  C  Y N 289 
PHE CE2  C  Y N 290 
PHE CZ   C  Y N 291 
PHE OXT  O  N N 292 
PHE H    H  N N 293 
PHE H2   H  N N 294 
PHE HA   H  N N 295 
PHE HB2  H  N N 296 
PHE HB3  H  N N 297 
PHE HD1  H  N N 298 
PHE HD2  H  N N 299 
PHE HE1  H  N N 300 
PHE HE2  H  N N 301 
PHE HZ   H  N N 302 
PHE HXT  H  N N 303 
PRO N    N  N N 304 
PRO CA   C  N S 305 
PRO C    C  N N 306 
PRO O    O  N N 307 
PRO CB   C  N N 308 
PRO CG   C  N N 309 
PRO CD   C  N N 310 
PRO OXT  O  N N 311 
PRO H    H  N N 312 
PRO HA   H  N N 313 
PRO HB2  H  N N 314 
PRO HB3  H  N N 315 
PRO HG2  H  N N 316 
PRO HG3  H  N N 317 
PRO HD2  H  N N 318 
PRO HD3  H  N N 319 
PRO HXT  H  N N 320 
SER N    N  N N 321 
SER CA   C  N S 322 
SER C    C  N N 323 
SER O    O  N N 324 
SER CB   C  N N 325 
SER OG   O  N N 326 
SER OXT  O  N N 327 
SER H    H  N N 328 
SER H2   H  N N 329 
SER HA   H  N N 330 
SER HB2  H  N N 331 
SER HB3  H  N N 332 
SER HG   H  N N 333 
SER HXT  H  N N 334 
THR N    N  N N 335 
THR CA   C  N S 336 
THR C    C  N N 337 
THR O    O  N N 338 
THR CB   C  N R 339 
THR OG1  O  N N 340 
THR CG2  C  N N 341 
THR OXT  O  N N 342 
THR H    H  N N 343 
THR H2   H  N N 344 
THR HA   H  N N 345 
THR HB   H  N N 346 
THR HG1  H  N N 347 
THR HG21 H  N N 348 
THR HG22 H  N N 349 
THR HG23 H  N N 350 
THR HXT  H  N N 351 
TRP N    N  N N 352 
TRP CA   C  N S 353 
TRP C    C  N N 354 
TRP O    O  N N 355 
TRP CB   C  N N 356 
TRP CG   C  Y N 357 
TRP CD1  C  Y N 358 
TRP CD2  C  Y N 359 
TRP NE1  N  Y N 360 
TRP CE2  C  Y N 361 
TRP CE3  C  Y N 362 
TRP CZ2  C  Y N 363 
TRP CZ3  C  Y N 364 
TRP CH2  C  Y N 365 
TRP OXT  O  N N 366 
TRP H    H  N N 367 
TRP H2   H  N N 368 
TRP HA   H  N N 369 
TRP HB2  H  N N 370 
TRP HB3  H  N N 371 
TRP HD1  H  N N 372 
TRP HE1  H  N N 373 
TRP HE3  H  N N 374 
TRP HZ2  H  N N 375 
TRP HZ3  H  N N 376 
TRP HH2  H  N N 377 
TRP HXT  H  N N 378 
TYR N    N  N N 379 
TYR CA   C  N S 380 
TYR C    C  N N 381 
TYR O    O  N N 382 
TYR CB   C  N N 383 
TYR CG   C  Y N 384 
TYR CD1  C  Y N 385 
TYR CD2  C  Y N 386 
TYR CE1  C  Y N 387 
TYR CE2  C  Y N 388 
TYR CZ   C  Y N 389 
TYR OH   O  N N 390 
TYR OXT  O  N N 391 
TYR H    H  N N 392 
TYR H2   H  N N 393 
TYR HA   H  N N 394 
TYR HB2  H  N N 395 
TYR HB3  H  N N 396 
TYR HD1  H  N N 397 
TYR HD2  H  N N 398 
TYR HE1  H  N N 399 
TYR HE2  H  N N 400 
TYR HH   H  N N 401 
TYR HXT  H  N N 402 
VAL N    N  N N 403 
VAL CA   C  N S 404 
VAL C    C  N N 405 
VAL O    O  N N 406 
VAL CB   C  N N 407 
VAL CG1  C  N N 408 
VAL CG2  C  N N 409 
VAL OXT  O  N N 410 
VAL H    H  N N 411 
VAL H2   H  N N 412 
VAL HA   H  N N 413 
VAL HB   H  N N 414 
VAL HG11 H  N N 415 
VAL HG12 H  N N 416 
VAL HG13 H  N N 417 
VAL HG21 H  N N 418 
VAL HG22 H  N N 419 
VAL HG23 H  N N 420 
VAL HXT  H  N N 421 
# 
loop_
_chem_comp_bond.comp_id 
_chem_comp_bond.atom_id_1 
_chem_comp_bond.atom_id_2 
_chem_comp_bond.value_order 
_chem_comp_bond.pdbx_aromatic_flag 
_chem_comp_bond.pdbx_stereo_config 
_chem_comp_bond.pdbx_ordinal 
ALA N   CA   sing N N 1   
ALA N   H    sing N N 2   
ALA N   H2   sing N N 3   
ALA CA  C    sing N N 4   
ALA CA  CB   sing N N 5   
ALA CA  HA   sing N N 6   
ALA C   O    doub N N 7   
ALA C   OXT  sing N N 8   
ALA CB  HB1  sing N N 9   
ALA CB  HB2  sing N N 10  
ALA CB  HB3  sing N N 11  
ALA OXT HXT  sing N N 12  
ARG N   CA   sing N N 13  
ARG N   H    sing N N 14  
ARG N   H2   sing N N 15  
ARG CA  C    sing N N 16  
ARG CA  CB   sing N N 17  
ARG CA  HA   sing N N 18  
ARG C   O    doub N N 19  
ARG C   OXT  sing N N 20  
ARG CB  CG   sing N N 21  
ARG CB  HB2  sing N N 22  
ARG CB  HB3  sing N N 23  
ARG CG  CD   sing N N 24  
ARG CG  HG2  sing N N 25  
ARG CG  HG3  sing N N 26  
ARG CD  NE   sing N N 27  
ARG CD  HD2  sing N N 28  
ARG CD  HD3  sing N N 29  
ARG NE  CZ   sing N N 30  
ARG NE  HE   sing N N 31  
ARG CZ  NH1  sing N N 32  
ARG CZ  NH2  doub N N 33  
ARG NH1 HH11 sing N N 34  
ARG NH1 HH12 sing N N 35  
ARG NH2 HH21 sing N N 36  
ARG NH2 HH22 sing N N 37  
ARG OXT HXT  sing N N 38  
ASN N   CA   sing N N 39  
ASN N   H    sing N N 40  
ASN N   H2   sing N N 41  
ASN CA  C    sing N N 42  
ASN CA  CB   sing N N 43  
ASN CA  HA   sing N N 44  
ASN C   O    doub N N 45  
ASN C   OXT  sing N N 46  
ASN CB  CG   sing N N 47  
ASN CB  HB2  sing N N 48  
ASN CB  HB3  sing N N 49  
ASN CG  OD1  doub N N 50  
ASN CG  ND2  sing N N 51  
ASN ND2 HD21 sing N N 52  
ASN ND2 HD22 sing N N 53  
ASN OXT HXT  sing N N 54  
ASP N   CA   sing N N 55  
ASP N   H    sing N N 56  
ASP N   H2   sing N N 57  
ASP CA  C    sing N N 58  
ASP CA  CB   sing N N 59  
ASP CA  HA   sing N N 60  
ASP C   O    doub N N 61  
ASP C   OXT  sing N N 62  
ASP CB  CG   sing N N 63  
ASP CB  HB2  sing N N 64  
ASP CB  HB3  sing N N 65  
ASP CG  OD1  doub N N 66  
ASP CG  OD2  sing N N 67  
ASP OD2 HD2  sing N N 68  
ASP OXT HXT  sing N N 69  
CYS N   CA   sing N N 70  
CYS N   H    sing N N 71  
CYS N   H2   sing N N 72  
CYS CA  C    sing N N 73  
CYS CA  CB   sing N N 74  
CYS CA  HA   sing N N 75  
CYS C   O    doub N N 76  
CYS C   OXT  sing N N 77  
CYS CB  SG   sing N N 78  
CYS CB  HB2  sing N N 79  
CYS CB  HB3  sing N N 80  
CYS SG  HG   sing N N 81  
CYS OXT HXT  sing N N 82  
GLN N   CA   sing N N 83  
GLN N   H    sing N N 84  
GLN N   H2   sing N N 85  
GLN CA  C    sing N N 86  
GLN CA  CB   sing N N 87  
GLN CA  HA   sing N N 88  
GLN C   O    doub N N 89  
GLN C   OXT  sing N N 90  
GLN CB  CG   sing N N 91  
GLN CB  HB2  sing N N 92  
GLN CB  HB3  sing N N 93  
GLN CG  CD   sing N N 94  
GLN CG  HG2  sing N N 95  
GLN CG  HG3  sing N N 96  
GLN CD  OE1  doub N N 97  
GLN CD  NE2  sing N N 98  
GLN NE2 HE21 sing N N 99  
GLN NE2 HE22 sing N N 100 
GLN OXT HXT  sing N N 101 
GLU N   CA   sing N N 102 
GLU N   H    sing N N 103 
GLU N   H2   sing N N 104 
GLU CA  C    sing N N 105 
GLU CA  CB   sing N N 106 
GLU CA  HA   sing N N 107 
GLU C   O    doub N N 108 
GLU C   OXT  sing N N 109 
GLU CB  CG   sing N N 110 
GLU CB  HB2  sing N N 111 
GLU CB  HB3  sing N N 112 
GLU CG  CD   sing N N 113 
GLU CG  HG2  sing N N 114 
GLU CG  HG3  sing N N 115 
GLU CD  OE1  doub N N 116 
GLU CD  OE2  sing N N 117 
GLU OE2 HE2  sing N N 118 
GLU OXT HXT  sing N N 119 
GLY N   CA   sing N N 120 
GLY N   H    sing N N 121 
GLY N   H2   sing N N 122 
GLY CA  C    sing N N 123 
GLY CA  HA2  sing N N 124 
GLY CA  HA3  sing N N 125 
GLY C   O    doub N N 126 
GLY C   OXT  sing N N 127 
GLY OXT HXT  sing N N 128 
HIS N   CA   sing N N 129 
HIS N   H    sing N N 130 
HIS N   H2   sing N N 131 
HIS CA  C    sing N N 132 
HIS CA  CB   sing N N 133 
HIS CA  HA   sing N N 134 
HIS C   O    doub N N 135 
HIS C   OXT  sing N N 136 
HIS CB  CG   sing N N 137 
HIS CB  HB2  sing N N 138 
HIS CB  HB3  sing N N 139 
HIS CG  ND1  sing Y N 140 
HIS CG  CD2  doub Y N 141 
HIS ND1 CE1  doub Y N 142 
HIS ND1 HD1  sing N N 143 
HIS CD2 NE2  sing Y N 144 
HIS CD2 HD2  sing N N 145 
HIS CE1 NE2  sing Y N 146 
HIS CE1 HE1  sing N N 147 
HIS NE2 HE2  sing N N 148 
HIS OXT HXT  sing N N 149 
HOH O   H1   sing N N 150 
HOH O   H2   sing N N 151 
ILE N   CA   sing N N 152 
ILE N   H    sing N N 153 
ILE N   H2   sing N N 154 
ILE CA  C    sing N N 155 
ILE CA  CB   sing N N 156 
ILE CA  HA   sing N N 157 
ILE C   O    doub N N 158 
ILE C   OXT  sing N N 159 
ILE CB  CG1  sing N N 160 
ILE CB  CG2  sing N N 161 
ILE CB  HB   sing N N 162 
ILE CG1 CD1  sing N N 163 
ILE CG1 HG12 sing N N 164 
ILE CG1 HG13 sing N N 165 
ILE CG2 HG21 sing N N 166 
ILE CG2 HG22 sing N N 167 
ILE CG2 HG23 sing N N 168 
ILE CD1 HD11 sing N N 169 
ILE CD1 HD12 sing N N 170 
ILE CD1 HD13 sing N N 171 
ILE OXT HXT  sing N N 172 
LEU N   CA   sing N N 173 
LEU N   H    sing N N 174 
LEU N   H2   sing N N 175 
LEU CA  C    sing N N 176 
LEU CA  CB   sing N N 177 
LEU CA  HA   sing N N 178 
LEU C   O    doub N N 179 
LEU C   OXT  sing N N 180 
LEU CB  CG   sing N N 181 
LEU CB  HB2  sing N N 182 
LEU CB  HB3  sing N N 183 
LEU CG  CD1  sing N N 184 
LEU CG  CD2  sing N N 185 
LEU CG  HG   sing N N 186 
LEU CD1 HD11 sing N N 187 
LEU CD1 HD12 sing N N 188 
LEU CD1 HD13 sing N N 189 
LEU CD2 HD21 sing N N 190 
LEU CD2 HD22 sing N N 191 
LEU CD2 HD23 sing N N 192 
LEU OXT HXT  sing N N 193 
LYS N   CA   sing N N 194 
LYS N   H    sing N N 195 
LYS N   H2   sing N N 196 
LYS CA  C    sing N N 197 
LYS CA  CB   sing N N 198 
LYS CA  HA   sing N N 199 
LYS C   O    doub N N 200 
LYS C   OXT  sing N N 201 
LYS CB  CG   sing N N 202 
LYS CB  HB2  sing N N 203 
LYS CB  HB3  sing N N 204 
LYS CG  CD   sing N N 205 
LYS CG  HG2  sing N N 206 
LYS CG  HG3  sing N N 207 
LYS CD  CE   sing N N 208 
LYS CD  HD2  sing N N 209 
LYS CD  HD3  sing N N 210 
LYS CE  NZ   sing N N 211 
LYS CE  HE2  sing N N 212 
LYS CE  HE3  sing N N 213 
LYS NZ  HZ1  sing N N 214 
LYS NZ  HZ2  sing N N 215 
LYS NZ  HZ3  sing N N 216 
LYS OXT HXT  sing N N 217 
MET N   CA   sing N N 218 
MET N   H    sing N N 219 
MET N   H2   sing N N 220 
MET CA  C    sing N N 221 
MET CA  CB   sing N N 222 
MET CA  HA   sing N N 223 
MET C   O    doub N N 224 
MET C   OXT  sing N N 225 
MET CB  CG   sing N N 226 
MET CB  HB2  sing N N 227 
MET CB  HB3  sing N N 228 
MET CG  SD   sing N N 229 
MET CG  HG2  sing N N 230 
MET CG  HG3  sing N N 231 
MET SD  CE   sing N N 232 
MET CE  HE1  sing N N 233 
MET CE  HE2  sing N N 234 
MET CE  HE3  sing N N 235 
MET OXT HXT  sing N N 236 
NAG C1  C2   sing N N 237 
NAG C1  O1   sing N N 238 
NAG C1  O5   sing N N 239 
NAG C1  H1   sing N N 240 
NAG C2  C3   sing N N 241 
NAG C2  N2   sing N N 242 
NAG C2  H2   sing N N 243 
NAG C3  C4   sing N N 244 
NAG C3  O3   sing N N 245 
NAG C3  H3   sing N N 246 
NAG C4  C5   sing N N 247 
NAG C4  O4   sing N N 248 
NAG C4  H4   sing N N 249 
NAG C5  C6   sing N N 250 
NAG C5  O5   sing N N 251 
NAG C5  H5   sing N N 252 
NAG C6  O6   sing N N 253 
NAG C6  H61  sing N N 254 
NAG C6  H62  sing N N 255 
NAG C7  C8   sing N N 256 
NAG C7  N2   sing N N 257 
NAG C7  O7   doub N N 258 
NAG C8  H81  sing N N 259 
NAG C8  H82  sing N N 260 
NAG C8  H83  sing N N 261 
NAG N2  HN2  sing N N 262 
NAG O1  HO1  sing N N 263 
NAG O3  HO3  sing N N 264 
NAG O4  HO4  sing N N 265 
NAG O6  HO6  sing N N 266 
PHE N   CA   sing N N 267 
PHE N   H    sing N N 268 
PHE N   H2   sing N N 269 
PHE CA  C    sing N N 270 
PHE CA  CB   sing N N 271 
PHE CA  HA   sing N N 272 
PHE C   O    doub N N 273 
PHE C   OXT  sing N N 274 
PHE CB  CG   sing N N 275 
PHE CB  HB2  sing N N 276 
PHE CB  HB3  sing N N 277 
PHE CG  CD1  doub Y N 278 
PHE CG  CD2  sing Y N 279 
PHE CD1 CE1  sing Y N 280 
PHE CD1 HD1  sing N N 281 
PHE CD2 CE2  doub Y N 282 
PHE CD2 HD2  sing N N 283 
PHE CE1 CZ   doub Y N 284 
PHE CE1 HE1  sing N N 285 
PHE CE2 CZ   sing Y N 286 
PHE CE2 HE2  sing N N 287 
PHE CZ  HZ   sing N N 288 
PHE OXT HXT  sing N N 289 
PRO N   CA   sing N N 290 
PRO N   CD   sing N N 291 
PRO N   H    sing N N 292 
PRO CA  C    sing N N 293 
PRO CA  CB   sing N N 294 
PRO CA  HA   sing N N 295 
PRO C   O    doub N N 296 
PRO C   OXT  sing N N 297 
PRO CB  CG   sing N N 298 
PRO CB  HB2  sing N N 299 
PRO CB  HB3  sing N N 300 
PRO CG  CD   sing N N 301 
PRO CG  HG2  sing N N 302 
PRO CG  HG3  sing N N 303 
PRO CD  HD2  sing N N 304 
PRO CD  HD3  sing N N 305 
PRO OXT HXT  sing N N 306 
SER N   CA   sing N N 307 
SER N   H    sing N N 308 
SER N   H2   sing N N 309 
SER CA  C    sing N N 310 
SER CA  CB   sing N N 311 
SER CA  HA   sing N N 312 
SER C   O    doub N N 313 
SER C   OXT  sing N N 314 
SER CB  OG   sing N N 315 
SER CB  HB2  sing N N 316 
SER CB  HB3  sing N N 317 
SER OG  HG   sing N N 318 
SER OXT HXT  sing N N 319 
THR N   CA   sing N N 320 
THR N   H    sing N N 321 
THR N   H2   sing N N 322 
THR CA  C    sing N N 323 
THR CA  CB   sing N N 324 
THR CA  HA   sing N N 325 
THR C   O    doub N N 326 
THR C   OXT  sing N N 327 
THR CB  OG1  sing N N 328 
THR CB  CG2  sing N N 329 
THR CB  HB   sing N N 330 
THR OG1 HG1  sing N N 331 
THR CG2 HG21 sing N N 332 
THR CG2 HG22 sing N N 333 
THR CG2 HG23 sing N N 334 
THR OXT HXT  sing N N 335 
TRP N   CA   sing N N 336 
TRP N   H    sing N N 337 
TRP N   H2   sing N N 338 
TRP CA  C    sing N N 339 
TRP CA  CB   sing N N 340 
TRP CA  HA   sing N N 341 
TRP C   O    doub N N 342 
TRP C   OXT  sing N N 343 
TRP CB  CG   sing N N 344 
TRP CB  HB2  sing N N 345 
TRP CB  HB3  sing N N 346 
TRP CG  CD1  doub Y N 347 
TRP CG  CD2  sing Y N 348 
TRP CD1 NE1  sing Y N 349 
TRP CD1 HD1  sing N N 350 
TRP CD2 CE2  doub Y N 351 
TRP CD2 CE3  sing Y N 352 
TRP NE1 CE2  sing Y N 353 
TRP NE1 HE1  sing N N 354 
TRP CE2 CZ2  sing Y N 355 
TRP CE3 CZ3  doub Y N 356 
TRP CE3 HE3  sing N N 357 
TRP CZ2 CH2  doub Y N 358 
TRP CZ2 HZ2  sing N N 359 
TRP CZ3 CH2  sing Y N 360 
TRP CZ3 HZ3  sing N N 361 
TRP CH2 HH2  sing N N 362 
TRP OXT HXT  sing N N 363 
TYR N   CA   sing N N 364 
TYR N   H    sing N N 365 
TYR N   H2   sing N N 366 
TYR CA  C    sing N N 367 
TYR CA  CB   sing N N 368 
TYR CA  HA   sing N N 369 
TYR C   O    doub N N 370 
TYR C   OXT  sing N N 371 
TYR CB  CG   sing N N 372 
TYR CB  HB2  sing N N 373 
TYR CB  HB3  sing N N 374 
TYR CG  CD1  doub Y N 375 
TYR CG  CD2  sing Y N 376 
TYR CD1 CE1  sing Y N 377 
TYR CD1 HD1  sing N N 378 
TYR CD2 CE2  doub Y N 379 
TYR CD2 HD2  sing N N 380 
TYR CE1 CZ   doub Y N 381 
TYR CE1 HE1  sing N N 382 
TYR CE2 CZ   sing Y N 383 
TYR CE2 HE2  sing N N 384 
TYR CZ  OH   sing N N 385 
TYR OH  HH   sing N N 386 
TYR OXT HXT  sing N N 387 
VAL N   CA   sing N N 388 
VAL N   H    sing N N 389 
VAL N   H2   sing N N 390 
VAL CA  C    sing N N 391 
VAL CA  CB   sing N N 392 
VAL CA  HA   sing N N 393 
VAL C   O    doub N N 394 
VAL C   OXT  sing N N 395 
VAL CB  CG1  sing N N 396 
VAL CB  CG2  sing N N 397 
VAL CB  HB   sing N N 398 
VAL CG1 HG11 sing N N 399 
VAL CG1 HG12 sing N N 400 
VAL CG1 HG13 sing N N 401 
VAL CG2 HG21 sing N N 402 
VAL CG2 HG22 sing N N 403 
VAL CG2 HG23 sing N N 404 
VAL OXT HXT  sing N N 405 
# 
_atom_sites.entry_id                    1HNF 
_atom_sites.fract_transf_matrix[1][1]   0.00161686 
_atom_sites.fract_transf_matrix[1][2]   0.01060438 
_atom_sites.fract_transf_matrix[1][3]   0.00747978 
_atom_sites.fract_transf_matrix[2][1]   -0.00865659 
_atom_sites.fract_transf_matrix[2][2]   0.00978506 
_atom_sites.fract_transf_matrix[2][3]   -0.00056920 
_atom_sites.fract_transf_matrix[3][1]   -0.01042800 
_atom_sites.fract_transf_matrix[3][2]   -0.00840138 
_atom_sites.fract_transf_matrix[3][3]   0.01416512 
_atom_sites.fract_transf_vector[1]      0.407804 
_atom_sites.fract_transf_vector[2]      0.304686 
_atom_sites.fract_transf_vector[3]      0.514019 
# 
_atom_sites_footnote.id     1 
_atom_sites_footnote.text   'THE IDENTITY OF THE NA 629 ION HAS NOT BEEN CONFIRMED.' 
# 
loop_
_atom_type.symbol 
C  
N  
NA 
O  
S  
# 
loop_
_atom_site.group_PDB 
_atom_site.id 
_atom_site.type_symbol 
_atom_site.label_atom_id 
_atom_site.label_alt_id 
_atom_site.label_comp_id 
_atom_site.label_asym_id 
_atom_site.label_entity_id 
_atom_site.label_seq_id 
_atom_site.pdbx_PDB_ins_code 
_atom_site.Cartn_x 
_atom_site.Cartn_y 
_atom_site.Cartn_z 
_atom_site.occupancy 
_atom_site.B_iso_or_equiv 
_atom_site.pdbx_formal_charge 
_atom_site.auth_seq_id 
_atom_site.auth_comp_id 
_atom_site.auth_asym_id 
_atom_site.auth_atom_id 
_atom_site.pdbx_PDB_model_num 
ATOM   1    N  N   . THR A 1 4   ? -0.249  15.104  -14.896 1.00 78.43  ? 4   THR A N   1 
ATOM   2    C  CA  . THR A 1 4   ? 0.386   14.648  -16.172 1.00 79.29  ? 4   THR A CA  1 
ATOM   3    C  C   . THR A 1 4   ? -0.180  13.302  -16.714 1.00 76.90  ? 4   THR A C   1 
ATOM   4    O  O   . THR A 1 4   ? 0.592   12.469  -17.217 1.00 71.57  ? 4   THR A O   1 
ATOM   5    C  CB  . THR A 1 4   ? 1.988   14.654  -16.043 1.00 79.42  ? 4   THR A CB  1 
ATOM   6    O  OG1 . THR A 1 4   ? 2.603   13.993  -17.160 1.00 75.94  ? 4   THR A OG1 1 
ATOM   7    C  CG2 . THR A 1 4   ? 2.444   14.003  -14.746 1.00 78.63  ? 4   THR A CG2 1 
ATOM   8    N  N   . ASN A 1 5   ? -1.517  13.117  -16.597 1.00 73.26  ? 5   ASN A N   1 
ATOM   9    C  CA  . ASN A 1 5   ? -2.318  11.935  -17.080 1.00 65.31  ? 5   ASN A CA  1 
ATOM   10   C  C   . ASN A 1 5   ? -2.094  10.475  -16.585 1.00 52.07  ? 5   ASN A C   1 
ATOM   11   O  O   . ASN A 1 5   ? -2.546  9.511   -17.219 1.00 37.57  ? 5   ASN A O   1 
ATOM   12   C  CB  . ASN A 1 5   ? -2.352  11.929  -18.624 1.00 80.29  ? 5   ASN A CB  1 
ATOM   13   C  CG  . ASN A 1 5   ? -0.953  11.742  -19.267 1.00 89.24  ? 5   ASN A CG  1 
ATOM   14   O  OD1 . ASN A 1 5   ? -0.340  12.700  -19.770 1.00 92.75  ? 5   ASN A OD1 1 
ATOM   15   N  ND2 . ASN A 1 5   ? -0.445  10.511  -19.226 1.00 92.31  ? 5   ASN A ND2 1 
ATOM   16   N  N   . ALA A 1 6   ? -1.447  10.322  -15.435 1.00 45.07  ? 6   ALA A N   1 
ATOM   17   C  CA  . ALA A 1 6   ? -1.108  9.013   -14.869 1.00 34.81  ? 6   ALA A CA  1 
ATOM   18   C  C   . ALA A 1 6   ? -2.148  8.473   -13.919 1.00 32.53  ? 6   ALA A C   1 
ATOM   19   O  O   . ALA A 1 6   ? -2.773  9.244   -13.199 1.00 43.92  ? 6   ALA A O   1 
ATOM   20   C  CB  . ALA A 1 6   ? 0.220   9.111   -14.133 1.00 29.28  ? 6   ALA A CB  1 
ATOM   21   N  N   . LEU A 1 7   ? -2.283  7.148   -13.870 1.00 25.20  ? 7   LEU A N   1 
ATOM   22   C  CA  . LEU A 1 7   ? -3.234  6.479   -12.970 1.00 19.85  ? 7   LEU A CA  1 
ATOM   23   C  C   . LEU A 1 7   ? -2.568  6.210   -11.636 1.00 18.21  ? 7   LEU A C   1 
ATOM   24   O  O   . LEU A 1 7   ? -1.689  5.367   -11.543 1.00 20.29  ? 7   LEU A O   1 
ATOM   25   C  CB  . LEU A 1 7   ? -3.689  5.145   -13.548 1.00 18.45  ? 7   LEU A CB  1 
ATOM   26   C  CG  . LEU A 1 7   ? -4.664  4.354   -12.678 1.00 21.82  ? 7   LEU A CG  1 
ATOM   27   C  CD1 . LEU A 1 7   ? -5.831  5.261   -12.293 1.00 18.51  ? 7   LEU A CD1 1 
ATOM   28   C  CD2 . LEU A 1 7   ? -5.154  3.097   -13.431 1.00 22.14  ? 7   LEU A CD2 1 
ATOM   29   N  N   . GLU A 1 8   ? -2.971  6.944   -10.612 1.00 24.40  ? 8   GLU A N   1 
ATOM   30   C  CA  . GLU A 1 8   ? -2.395  6.767   -9.285  1.00 29.80  ? 8   GLU A CA  1 
ATOM   31   C  C   . GLU A 1 8   ? -2.568  5.352   -8.728  1.00 29.31  ? 8   GLU A C   1 
ATOM   32   O  O   . GLU A 1 8   ? -3.639  4.766   -8.839  1.00 38.44  ? 8   GLU A O   1 
ATOM   33   C  CB  . GLU A 1 8   ? -2.995  7.770   -8.325  1.00 30.21  ? 8   GLU A CB  1 
ATOM   34   C  CG  . GLU A 1 8   ? -2.484  7.572   -6.928  1.00 40.67  ? 8   GLU A CG  1 
ATOM   35   C  CD  . GLU A 1 8   ? -2.872  8.693   -5.994  1.00 47.00  ? 8   GLU A CD  1 
ATOM   36   O  OE1 . GLU A 1 8   ? -4.063  8.774   -5.610  1.00 47.68  ? 8   GLU A OE1 1 
ATOM   37   O  OE2 . GLU A 1 8   ? -1.976  9.492   -5.640  1.00 53.90  ? 8   GLU A OE2 1 
ATOM   38   N  N   . THR A 1 9   ? -1.523  4.823   -8.099  1.00 24.06  ? 9   THR A N   1 
ATOM   39   C  CA  . THR A 1 9   ? -1.557  3.476   -7.559  1.00 18.43  ? 9   THR A CA  1 
ATOM   40   C  C   . THR A 1 9   ? -0.875  3.391   -6.228  1.00 22.56  ? 9   THR A C   1 
ATOM   41   O  O   . THR A 1 9   ? 0.197   3.964   -6.047  1.00 24.94  ? 9   THR A O   1 
ATOM   42   C  CB  . THR A 1 9   ? -0.809  2.552   -8.459  1.00 17.47  ? 9   THR A CB  1 
ATOM   43   O  OG1 . THR A 1 9   ? -1.381  2.638   -9.754  1.00 27.65  ? 9   THR A OG1 1 
ATOM   44   C  CG2 . THR A 1 9   ? -0.924  1.137   -8.007  1.00 24.62  ? 9   THR A CG2 1 
ATOM   45   N  N   . TRP A 1 10  ? -1.478  2.640   -5.306  1.00 18.04  ? 10  TRP A N   1 
ATOM   46   C  CA  . TRP A 1 10  ? -0.894  2.464   -3.989  1.00 15.79  ? 10  TRP A CA  1 
ATOM   47   C  C   . TRP A 1 10  ? -0.311  1.095   -3.819  1.00 11.67  ? 10  TRP A C   1 
ATOM   48   O  O   . TRP A 1 10  ? -0.933  0.113   -4.207  1.00 18.62  ? 10  TRP A O   1 
ATOM   49   C  CB  . TRP A 1 10  ? -1.908  2.769   -2.909  1.00 20.41  ? 10  TRP A CB  1 
ATOM   50   C  CG  . TRP A 1 10  ? -2.184  4.206   -2.911  1.00 21.97  ? 10  TRP A CG  1 
ATOM   51   C  CD1 . TRP A 1 10  ? -3.187  4.841   -3.583  1.00 20.71  ? 10  TRP A CD1 1 
ATOM   52   C  CD2 . TRP A 1 10  ? -1.380  5.240   -2.311  1.00 18.23  ? 10  TRP A CD2 1 
ATOM   53   N  NE1 . TRP A 1 10  ? -3.047  6.201   -3.451  1.00 22.31  ? 10  TRP A NE1 1 
ATOM   54   C  CE2 . TRP A 1 10  ? -1.948  6.473   -2.676  1.00 15.14  ? 10  TRP A CE2 1 
ATOM   55   C  CE3 . TRP A 1 10  ? -0.232  5.236   -1.510  1.00 19.06  ? 10  TRP A CE3 1 
ATOM   56   C  CZ2 . TRP A 1 10  ? -1.410  7.699   -2.267  1.00 14.36  ? 10  TRP A CZ2 1 
ATOM   57   C  CZ3 . TRP A 1 10  ? 0.300   6.455   -1.107  1.00 20.48  ? 10  TRP A CZ3 1 
ATOM   58   C  CH2 . TRP A 1 10  ? -0.291  7.670   -1.486  1.00 15.31  ? 10  TRP A CH2 1 
ATOM   59   N  N   . GLY A 1 11  ? 0.864   1.042   -3.198  1.00 7.53   ? 11  GLY A N   1 
ATOM   60   C  CA  . GLY A 1 11  ? 1.566   -0.211  -3.008  1.00 6.30   ? 11  GLY A CA  1 
ATOM   61   C  C   . GLY A 1 11  ? 2.140   -0.257  -1.615  1.00 17.77  ? 11  GLY A C   1 
ATOM   62   O  O   . GLY A 1 11  ? 2.389   0.778   -1.010  1.00 18.11  ? 11  GLY A O   1 
ATOM   63   N  N   . ALA A 1 12  ? 2.405   -1.459  -1.119  1.00 18.05  ? 12  ALA A N   1 
ATOM   64   C  CA  . ALA A 1 12  ? 2.909   -1.612  0.234   1.00 12.50  ? 12  ALA A CA  1 
ATOM   65   C  C   . ALA A 1 12  ? 4.380   -1.945  0.349   1.00 9.30   ? 12  ALA A C   1 
ATOM   66   O  O   . ALA A 1 12  ? 4.863   -2.935  -0.168  1.00 11.49  ? 12  ALA A O   1 
ATOM   67   C  CB  . ALA A 1 12  ? 2.090   -2.654  0.939   1.00 21.77  ? 12  ALA A CB  1 
ATOM   68   N  N   . LEU A 1 13  ? 5.079   -1.139  1.101   1.00 5.81   ? 13  LEU A N   1 
ATOM   69   C  CA  . LEU A 1 13  ? 6.480   -1.349  1.294   1.00 8.49   ? 13  LEU A CA  1 
ATOM   70   C  C   . LEU A 1 13  ? 6.658   -2.756  1.738   1.00 16.49  ? 13  LEU A C   1 
ATOM   71   O  O   . LEU A 1 13  ? 6.062   -3.161  2.724   1.00 34.96  ? 13  LEU A O   1 
ATOM   72   C  CB  . LEU A 1 13  ? 6.951   -0.442  2.400   1.00 14.59  ? 13  LEU A CB  1 
ATOM   73   C  CG  . LEU A 1 13  ? 8.432   -0.472  2.728   1.00 28.85  ? 13  LEU A CG  1 
ATOM   74   C  CD1 . LEU A 1 13  ? 9.176   0.503   1.813   1.00 28.44  ? 13  LEU A CD1 1 
ATOM   75   C  CD2 . LEU A 1 13  ? 8.627   -0.065  4.180   1.00 31.55  ? 13  LEU A CD2 1 
ATOM   76   N  N   . GLY A 1 14  ? 7.414   -3.528  0.974   1.00 26.27  ? 14  GLY A N   1 
ATOM   77   C  CA  . GLY A 1 14  ? 7.684   -4.916  1.326   1.00 24.33  ? 14  GLY A CA  1 
ATOM   78   C  C   . GLY A 1 14  ? 6.841   -5.938  0.586   1.00 28.29  ? 14  GLY A C   1 
ATOM   79   O  O   . GLY A 1 14  ? 7.187   -7.118  0.533   1.00 31.19  ? 14  GLY A O   1 
ATOM   80   N  N   . GLN A 1 15  ? 5.721   -5.497  0.033   1.00 21.95  ? 15  GLN A N   1 
ATOM   81   C  CA  . GLN A 1 15  ? 4.843   -6.395  -0.680  1.00 22.79  ? 15  GLN A CA  1 
ATOM   82   C  C   . GLN A 1 15  ? 5.072   -6.217  -2.153  1.00 24.02  ? 15  GLN A C   1 
ATOM   83   O  O   . GLN A 1 15  ? 5.789   -5.319  -2.567  1.00 28.32  ? 15  GLN A O   1 
ATOM   84   C  CB  . GLN A 1 15  ? 3.388   -6.071  -0.347  1.00 21.53  ? 15  GLN A CB  1 
ATOM   85   C  CG  . GLN A 1 15  ? 3.135   -5.970  1.132   1.00 32.80  ? 15  GLN A CG  1 
ATOM   86   C  CD  . GLN A 1 15  ? 3.783   -7.111  1.919   1.00 39.00  ? 15  GLN A CD  1 
ATOM   87   O  OE1 . GLN A 1 15  ? 4.664   -6.883  2.748   1.00 44.87  ? 15  GLN A OE1 1 
ATOM   88   N  NE2 . GLN A 1 15  ? 3.356   -8.339  1.651   1.00 43.49  ? 15  GLN A NE2 1 
ATOM   89   N  N   . ASP A 1 16  ? 4.476   -7.090  -2.942  1.00 21.28  ? 16  ASP A N   1 
ATOM   90   C  CA  . ASP A 1 16  ? 4.583   -6.994  -4.377  1.00 24.95  ? 16  ASP A CA  1 
ATOM   91   C  C   . ASP A 1 16  ? 3.369   -6.207  -4.833  1.00 25.27  ? 16  ASP A C   1 
ATOM   92   O  O   . ASP A 1 16  ? 2.453   -5.972  -4.045  1.00 27.01  ? 16  ASP A O   1 
ATOM   93   C  CB  . ASP A 1 16  ? 4.490   -8.374  -5.029  1.00 26.89  ? 16  ASP A CB  1 
ATOM   94   C  CG  . ASP A 1 16  ? 5.522   -9.347  -4.518  1.00 31.03  ? 16  ASP A CG  1 
ATOM   95   O  OD1 . ASP A 1 16  ? 6.544   -8.918  -3.915  1.00 26.62  ? 16  ASP A OD1 1 
ATOM   96   O  OD2 . ASP A 1 16  ? 5.287   -10.563 -4.735  1.00 31.66  ? 16  ASP A OD2 1 
ATOM   97   N  N   . ILE A 1 17  ? 3.392   -5.783  -6.098  1.00 20.37  ? 17  ILE A N   1 
ATOM   98   C  CA  . ILE A 1 17  ? 2.279   -5.077  -6.720  1.00 18.77  ? 17  ILE A CA  1 
ATOM   99   C  C   . ILE A 1 17  ? 2.225   -5.363  -8.223  1.00 21.34  ? 17  ILE A C   1 
ATOM   100  O  O   . ILE A 1 17  ? 3.200   -5.792  -8.818  1.00 22.33  ? 17  ILE A O   1 
ATOM   101  C  CB  . ILE A 1 17  ? 2.241   -3.567  -6.416  1.00 12.77  ? 17  ILE A CB  1 
ATOM   102  C  CG1 . ILE A 1 17  ? 1.000   -2.966  -7.058  1.00 10.69  ? 17  ILE A CG1 1 
ATOM   103  C  CG2 . ILE A 1 17  ? 3.427   -2.884  -6.975  1.00 18.03  ? 17  ILE A CG2 1 
ATOM   104  C  CD1 . ILE A 1 17  ? 0.554   -1.723  -6.408  1.00 11.10  ? 17  ILE A CD1 1 
ATOM   105  N  N   . ASN A 1 18  ? 1.039   -5.230  -8.796  1.00 24.05  ? 18  ASN A N   1 
ATOM   106  C  CA  . ASN A 1 18  ? 0.819   -5.504  -10.190 1.00 18.36  ? 18  ASN A CA  1 
ATOM   107  C  C   . ASN A 1 18  ? 0.303   -4.324  -10.937 1.00 24.50  ? 18  ASN A C   1 
ATOM   108  O  O   . ASN A 1 18  ? -0.733  -3.774  -10.566 1.00 29.28  ? 18  ASN A O   1 
ATOM   109  C  CB  . ASN A 1 18  ? -0.257  -6.545  -10.315 1.00 22.82  ? 18  ASN A CB  1 
ATOM   110  C  CG  . ASN A 1 18  ? 0.246   -7.907  -10.100 1.00 23.35  ? 18  ASN A CG  1 
ATOM   111  O  OD1 . ASN A 1 18  ? 1.339   -8.102  -9.582  1.00 29.35  ? 18  ASN A OD1 1 
ATOM   112  N  ND2 . ASN A 1 18  ? -0.532  -8.881  -10.519 1.00 20.29  ? 18  ASN A ND2 1 
ATOM   113  N  N   . LEU A 1 19  ? 0.947   -4.006  -12.054 1.00 26.69  ? 19  LEU A N   1 
ATOM   114  C  CA  . LEU A 1 19  ? 0.505   -2.913  -12.912 1.00 22.64  ? 19  LEU A CA  1 
ATOM   115  C  C   . LEU A 1 19  ? -0.120  -3.625  -14.112 1.00 25.57  ? 19  LEU A C   1 
ATOM   116  O  O   . LEU A 1 19  ? 0.576   -4.316  -14.853 1.00 28.73  ? 19  LEU A O   1 
ATOM   117  C  CB  . LEU A 1 19  ? 1.694   -2.069  -13.337 1.00 20.22  ? 19  LEU A CB  1 
ATOM   118  C  CG  . LEU A 1 19  ? 2.475   -1.543  -12.143 1.00 23.91  ? 19  LEU A CG  1 
ATOM   119  C  CD1 . LEU A 1 19  ? 3.587   -0.638  -12.599 1.00 21.90  ? 19  LEU A CD1 1 
ATOM   120  C  CD2 . LEU A 1 19  ? 1.545   -0.803  -11.240 1.00 13.19  ? 19  LEU A CD2 1 
ATOM   121  N  N   . ASP A 1 20  ? -1.436  -3.483  -14.272 1.00 26.60  ? 20  ASP A N   1 
ATOM   122  C  CA  . ASP A 1 20  ? -2.179  -4.144  -15.336 1.00 25.73  ? 20  ASP A CA  1 
ATOM   123  C  C   . ASP A 1 20  ? -2.759  -3.173  -16.326 1.00 29.23  ? 20  ASP A C   1 
ATOM   124  O  O   . ASP A 1 20  ? -3.164  -2.060  -15.982 1.00 28.88  ? 20  ASP A O   1 
ATOM   125  C  CB  . ASP A 1 20  ? -3.404  -4.906  -14.773 1.00 30.01  ? 20  ASP A CB  1 
ATOM   126  C  CG  . ASP A 1 20  ? -3.064  -5.906  -13.664 1.00 33.44  ? 20  ASP A CG  1 
ATOM   127  O  OD1 . ASP A 1 20  ? -2.649  -7.045  -13.976 1.00 32.52  ? 20  ASP A OD1 1 
ATOM   128  O  OD2 . ASP A 1 20  ? -3.294  -5.579  -12.473 1.00 38.94  ? 20  ASP A OD2 1 
ATOM   129  N  N   . ILE A 1 21  ? -2.922  -3.656  -17.546 1.00 37.78  ? 21  ILE A N   1 
ATOM   130  C  CA  . ILE A 1 21  ? -3.550  -2.846  -18.570 1.00 46.29  ? 21  ILE A CA  1 
ATOM   131  C  C   . ILE A 1 21  ? -4.719  -3.663  -19.081 1.00 51.98  ? 21  ILE A C   1 
ATOM   132  O  O   . ILE A 1 21  ? -4.555  -4.628  -19.810 1.00 55.91  ? 21  ILE A O   1 
ATOM   133  C  CB  . ILE A 1 21  ? -2.579  -2.424  -19.676 1.00 44.28  ? 21  ILE A CB  1 
ATOM   134  C  CG1 . ILE A 1 21  ? -1.762  -3.612  -20.182 1.00 40.33  ? 21  ILE A CG1 1 
ATOM   135  C  CG2 . ILE A 1 21  ? -1.636  -1.353  -19.116 1.00 47.13  ? 21  ILE A CG2 1 
ATOM   136  C  CD1 . ILE A 1 21  ? -0.428  -3.783  -19.477 1.00 39.37  ? 21  ILE A CD1 1 
ATOM   137  N  N   . PRO A 1 22  ? -5.919  -3.344  -18.594 1.00 57.45  ? 22  PRO A N   1 
ATOM   138  C  CA  . PRO A 1 22  ? -7.148  -4.042  -18.980 1.00 60.66  ? 22  PRO A CA  1 
ATOM   139  C  C   . PRO A 1 22  ? -7.512  -3.658  -20.403 1.00 66.03  ? 22  PRO A C   1 
ATOM   140  O  O   . PRO A 1 22  ? -8.091  -4.451  -21.164 1.00 62.64  ? 22  PRO A O   1 
ATOM   141  C  CB  . PRO A 1 22  ? -8.169  -3.489  -17.985 1.00 60.92  ? 22  PRO A CB  1 
ATOM   142  C  CG  . PRO A 1 22  ? -7.313  -2.858  -16.871 1.00 61.58  ? 22  PRO A CG  1 
ATOM   143  C  CD  . PRO A 1 22  ? -6.209  -2.254  -17.652 1.00 58.23  ? 22  PRO A CD  1 
ATOM   144  N  N   . SER A 1 23  ? -7.120  -2.429  -20.744 1.00 71.66  ? 23  SER A N   1 
ATOM   145  C  CA  . SER A 1 23  ? -7.338  -1.817  -22.053 1.00 75.75  ? 23  SER A CA  1 
ATOM   146  C  C   . SER A 1 23  ? -6.641  -2.638  -23.147 1.00 78.78  ? 23  SER A C   1 
ATOM   147  O  O   . SER A 1 23  ? -6.801  -2.365  -24.348 1.00 81.52  ? 23  SER A O   1 
ATOM   148  C  CB  . SER A 1 23  ? -6.787  -0.377  -22.028 1.00 75.35  ? 23  SER A CB  1 
ATOM   149  O  OG  . SER A 1 23  ? -6.937  0.287   -23.271 1.00 72.61  ? 23  SER A OG  1 
ATOM   150  N  N   . PHE A 1 24  ? -5.903  -3.665  -22.709 1.00 75.61  ? 24  PHE A N   1 
ATOM   151  C  CA  . PHE A 1 24  ? -5.138  -4.550  -23.584 1.00 66.44  ? 24  PHE A CA  1 
ATOM   152  C  C   . PHE A 1 24  ? -5.661  -5.979  -23.609 1.00 66.47  ? 24  PHE A C   1 
ATOM   153  O  O   . PHE A 1 24  ? -6.403  -6.410  -22.725 1.00 66.39  ? 24  PHE A O   1 
ATOM   154  C  CB  . PHE A 1 24  ? -3.670  -4.533  -23.147 1.00 55.84  ? 24  PHE A CB  1 
ATOM   155  C  CG  . PHE A 1 24  ? -2.749  -5.312  -24.029 1.00 45.50  ? 24  PHE A CG  1 
ATOM   156  C  CD1 . PHE A 1 24  ? -2.810  -5.196  -25.411 1.00 48.03  ? 24  PHE A CD1 1 
ATOM   157  C  CD2 . PHE A 1 24  ? -1.781  -6.132  -23.471 1.00 43.70  ? 24  PHE A CD2 1 
ATOM   158  C  CE1 . PHE A 1 24  ? -1.908  -5.889  -26.232 1.00 47.85  ? 24  PHE A CE1 1 
ATOM   159  C  CE2 . PHE A 1 24  ? -0.872  -6.826  -24.271 1.00 45.77  ? 24  PHE A CE2 1 
ATOM   160  C  CZ  . PHE A 1 24  ? -0.932  -6.707  -25.657 1.00 46.41  ? 24  PHE A CZ  1 
ATOM   161  N  N   . GLN A 1 25  ? -5.249  -6.685  -24.654 1.00 70.39  ? 25  GLN A N   1 
ATOM   162  C  CA  . GLN A 1 25  ? -5.604  -8.068  -24.936 1.00 76.26  ? 25  GLN A CA  1 
ATOM   163  C  C   . GLN A 1 25  ? -4.537  -8.514  -25.933 1.00 75.11  ? 25  GLN A C   1 
ATOM   164  O  O   . GLN A 1 25  ? -4.568  -8.105  -27.099 1.00 73.31  ? 25  GLN A O   1 
ATOM   165  C  CB  . GLN A 1 25  ? -6.992  -8.108  -25.599 1.00 83.43  ? 25  GLN A CB  1 
ATOM   166  C  CG  . GLN A 1 25  ? -7.375  -9.438  -26.258 1.00 90.92  ? 25  GLN A CG  1 
ATOM   167  C  CD  . GLN A 1 25  ? -7.446  -10.609 -25.276 1.00 95.21  ? 25  GLN A CD  1 
ATOM   168  O  OE1 . GLN A 1 25  ? -6.901  -11.686 -25.539 1.00 94.02  ? 25  GLN A OE1 1 
ATOM   169  N  NE2 . GLN A 1 25  ? -8.134  -10.407 -24.146 1.00 98.73  ? 25  GLN A NE2 1 
ATOM   170  N  N   . MET A 1 26  ? -3.605  -9.354  -25.490 1.00 72.76  ? 26  MET A N   1 
ATOM   171  C  CA  . MET A 1 26  ? -2.517  -9.789  -26.362 1.00 71.58  ? 26  MET A CA  1 
ATOM   172  C  C   . MET A 1 26  ? -2.920  -10.503 -27.635 1.00 75.28  ? 26  MET A C   1 
ATOM   173  O  O   . MET A 1 26  ? -4.080  -10.889 -27.796 1.00 78.90  ? 26  MET A O   1 
ATOM   174  C  CB  . MET A 1 26  ? -1.512  -10.634 -25.603 1.00 70.75  ? 26  MET A CB  1 
ATOM   175  C  CG  . MET A 1 26  ? -0.106  -10.183 -25.872 1.00 72.60  ? 26  MET A CG  1 
ATOM   176  S  SD  . MET A 1 26  ? 0.943   -11.489 -26.463 1.00 78.45  ? 26  MET A SD  1 
ATOM   177  C  CE  . MET A 1 26  ? 2.561   -10.988 -25.712 1.00 73.38  ? 26  MET A CE  1 
ATOM   178  N  N   . SER A 1 27  ? -1.960  -10.637 -28.553 1.00 77.37  ? 27  SER A N   1 
ATOM   179  C  CA  . SER A 1 27  ? -2.179  -11.303 -29.842 1.00 77.50  ? 27  SER A CA  1 
ATOM   180  C  C   . SER A 1 27  ? -0.896  -11.553 -30.648 1.00 76.54  ? 27  SER A C   1 
ATOM   181  O  O   . SER A 1 27  ? 0.217   -11.452 -30.125 1.00 72.37  ? 27  SER A O   1 
ATOM   182  C  CB  . SER A 1 27  ? -3.181  -10.521 -30.704 1.00 77.65  ? 27  SER A CB  1 
ATOM   183  O  OG  . SER A 1 27  ? -2.666  -9.264  -31.105 1.00 82.06  ? 27  SER A OG  1 
ATOM   184  N  N   . ASP A 1 28  ? -1.080  -11.893 -31.923 1.00 78.13  ? 28  ASP A N   1 
ATOM   185  C  CA  . ASP A 1 28  ? 0.015   -12.185 -32.851 1.00 79.52  ? 28  ASP A CA  1 
ATOM   186  C  C   . ASP A 1 28  ? 0.746   -10.947 -33.336 1.00 76.64  ? 28  ASP A C   1 
ATOM   187  O  O   . ASP A 1 28  ? 1.978   -10.891 -33.307 1.00 74.87  ? 28  ASP A O   1 
ATOM   188  C  CB  . ASP A 1 28  ? -0.536  -12.918 -34.080 1.00 83.25  ? 28  ASP A CB  1 
ATOM   189  C  CG  . ASP A 1 28  ? 0.555   -13.432 -35.008 1.00 86.15  ? 28  ASP A CG  1 
ATOM   190  O  OD1 . ASP A 1 28  ? 1.656   -13.771 -34.523 1.00 88.02  ? 28  ASP A OD1 1 
ATOM   191  O  OD2 . ASP A 1 28  ? 0.305   -13.514 -36.229 1.00 87.36  ? 28  ASP A OD2 1 
ATOM   192  N  N   . ASP A 1 29  ? -0.043  -9.983  -33.807 1.00 72.77  ? 29  ASP A N   1 
ATOM   193  C  CA  . ASP A 1 29  ? 0.430   -8.717  -34.358 1.00 71.23  ? 29  ASP A CA  1 
ATOM   194  C  C   . ASP A 1 29  ? 1.465   -7.943  -33.516 1.00 66.23  ? 29  ASP A C   1 
ATOM   195  O  O   . ASP A 1 29  ? 2.280   -7.188  -34.059 1.00 69.71  ? 29  ASP A O   1 
ATOM   196  C  CB  . ASP A 1 29  ? -0.793  -7.832  -34.648 1.00 79.72  ? 29  ASP A CB  1 
ATOM   197  C  CG  . ASP A 1 29  ? -0.652  -7.008  -35.936 1.00 85.88  ? 29  ASP A CG  1 
ATOM   198  O  OD1 . ASP A 1 29  ? 0.323   -7.212  -36.706 1.00 88.05  ? 29  ASP A OD1 1 
ATOM   199  O  OD2 . ASP A 1 29  ? -1.539  -6.154  -36.178 1.00 86.52  ? 29  ASP A OD2 1 
ATOM   200  N  N   . ILE A 1 30  ? 1.459   -8.177  -32.207 1.00 54.20  ? 30  ILE A N   1 
ATOM   201  C  CA  . ILE A 1 30  ? 2.351   -7.512  -31.256 1.00 45.28  ? 30  ILE A CA  1 
ATOM   202  C  C   . ILE A 1 30  ? 3.855   -7.851  -31.364 1.00 42.76  ? 30  ILE A C   1 
ATOM   203  O  O   . ILE A 1 30  ? 4.270   -8.984  -31.126 1.00 39.46  ? 30  ILE A O   1 
ATOM   204  C  CB  . ILE A 1 30  ? 1.854   -7.772  -29.810 1.00 43.72  ? 30  ILE A CB  1 
ATOM   205  C  CG1 . ILE A 1 30  ? 0.346   -7.494  -29.697 1.00 44.40  ? 30  ILE A CG1 1 
ATOM   206  C  CG2 . ILE A 1 30  ? 2.595   -6.915  -28.828 1.00 40.38  ? 30  ILE A CG2 1 
ATOM   207  C  CD1 . ILE A 1 30  ? -0.089  -6.104  -30.110 1.00 36.75  ? 30  ILE A CD1 1 
ATOM   208  N  N   . ASP A 1 31  ? 4.670   -6.830  -31.644 1.00 44.06  ? 31  ASP A N   1 
ATOM   209  C  CA  . ASP A 1 31  ? 6.114   -6.987  -31.794 1.00 43.47  ? 31  ASP A CA  1 
ATOM   210  C  C   . ASP A 1 31  ? 6.971   -6.589  -30.597 1.00 37.18  ? 31  ASP A C   1 
ATOM   211  O  O   . ASP A 1 31  ? 8.049   -7.145  -30.411 1.00 40.18  ? 31  ASP A O   1 
ATOM   212  C  CB  . ASP A 1 31  ? 6.590   -6.219  -33.040 1.00 46.88  ? 31  ASP A CB  1 
ATOM   213  C  CG  . ASP A 1 31  ? 8.103   -6.177  -33.163 1.00 47.94  ? 31  ASP A CG  1 
ATOM   214  O  OD1 . ASP A 1 31  ? 8.702   -7.227  -33.488 1.00 53.04  ? 31  ASP A OD1 1 
ATOM   215  O  OD2 . ASP A 1 31  ? 8.685   -5.095  -32.926 1.00 45.98  ? 31  ASP A OD2 1 
ATOM   216  N  N   . ASP A 1 32  ? 6.508   -5.630  -29.795 1.00 35.75  ? 32  ASP A N   1 
ATOM   217  C  CA  . ASP A 1 32  ? 7.286   -5.151  -28.649 1.00 32.70  ? 32  ASP A CA  1 
ATOM   218  C  C   . ASP A 1 32  ? 6.405   -4.542  -27.572 1.00 28.37  ? 32  ASP A C   1 
ATOM   219  O  O   . ASP A 1 32  ? 5.496   -3.796  -27.891 1.00 31.06  ? 32  ASP A O   1 
ATOM   220  C  CB  . ASP A 1 32  ? 8.274   -4.085  -29.145 1.00 40.99  ? 32  ASP A CB  1 
ATOM   221  C  CG  . ASP A 1 32  ? 9.081   -3.458  -28.029 1.00 46.05  ? 32  ASP A CG  1 
ATOM   222  O  OD1 . ASP A 1 32  ? 9.602   -4.203  -27.176 1.00 51.71  ? 32  ASP A OD1 1 
ATOM   223  O  OD2 . ASP A 1 32  ? 9.209   -2.216  -28.017 1.00 49.78  ? 32  ASP A OD2 1 
ATOM   224  N  N   . ILE A 1 33  ? 6.673   -4.882  -26.311 1.00 23.46  ? 33  ILE A N   1 
ATOM   225  C  CA  . ILE A 1 33  ? 5.945   -4.358  -25.137 1.00 21.75  ? 33  ILE A CA  1 
ATOM   226  C  C   . ILE A 1 33  ? 7.057   -3.820  -24.258 1.00 22.42  ? 33  ILE A C   1 
ATOM   227  O  O   . ILE A 1 33  ? 7.858   -4.609  -23.727 1.00 16.63  ? 33  ILE A O   1 
ATOM   228  C  CB  . ILE A 1 33  ? 5.253   -5.481  -24.266 1.00 22.00  ? 33  ILE A CB  1 
ATOM   229  C  CG1 . ILE A 1 33  ? 4.072   -6.104  -24.981 1.00 21.14  ? 33  ILE A CG1 1 
ATOM   230  C  CG2 . ILE A 1 33  ? 4.712   -4.914  -22.955 1.00 16.37  ? 33  ILE A CG2 1 
ATOM   231  C  CD1 . ILE A 1 33  ? 3.589   -7.376  -24.304 1.00 21.01  ? 33  ILE A CD1 1 
ATOM   232  N  N   . LYS A 1 34  ? 7.100   -2.504  -24.065 1.00 16.26  ? 34  LYS A N   1 
ATOM   233  C  CA  . LYS A 1 34  ? 8.155   -1.951  -23.239 1.00 18.34  ? 34  LYS A CA  1 
ATOM   234  C  C   . LYS A 1 34  ? 7.647   -1.230  -21.997 1.00 18.53  ? 34  LYS A C   1 
ATOM   235  O  O   . LYS A 1 34  ? 6.683   -0.463  -22.035 1.00 22.17  ? 34  LYS A O   1 
ATOM   236  C  CB  . LYS A 1 34  ? 9.075   -1.041  -24.054 1.00 19.80  ? 34  LYS A CB  1 
ATOM   237  C  CG  . LYS A 1 34  ? 10.373  -0.673  -23.339 1.00 21.03  ? 34  LYS A CG  1 
ATOM   238  C  CD  . LYS A 1 34  ? 10.721  0.787   -23.598 1.00 27.28  ? 34  LYS A CD  1 
ATOM   239  C  CE  . LYS A 1 34  ? 10.520  1.161   -25.059 1.00 30.13  ? 34  LYS A CE  1 
ATOM   240  N  NZ  . LYS A 1 34  ? 10.943  2.564   -25.274 1.00 32.05  ? 34  LYS A NZ  1 
ATOM   241  N  N   . TRP A 1 35  ? 8.298   -1.549  -20.886 1.00 14.75  ? 35  TRP A N   1 
ATOM   242  C  CA  . TRP A 1 35  ? 7.994   -0.992  -19.591 1.00 17.36  ? 35  TRP A CA  1 
ATOM   243  C  C   . TRP A 1 35  ? 9.203   -0.181  -19.256 1.00 18.12  ? 35  TRP A C   1 
ATOM   244  O  O   . TRP A 1 35  ? 10.308  -0.705  -19.200 1.00 21.30  ? 35  TRP A O   1 
ATOM   245  C  CB  . TRP A 1 35  ? 7.857   -2.108  -18.536 1.00 21.08  ? 35  TRP A CB  1 
ATOM   246  C  CG  . TRP A 1 35  ? 6.479   -2.606  -18.334 1.00 12.96  ? 35  TRP A CG  1 
ATOM   247  C  CD1 . TRP A 1 35  ? 5.956   -3.766  -18.797 1.00 13.65  ? 35  TRP A CD1 1 
ATOM   248  C  CD2 . TRP A 1 35  ? 5.423   -1.922  -17.663 1.00 10.11  ? 35  TRP A CD2 1 
ATOM   249  N  NE1 . TRP A 1 35  ? 4.617   -3.847  -18.470 1.00 14.40  ? 35  TRP A NE1 1 
ATOM   250  C  CE2 . TRP A 1 35  ? 4.270   -2.722  -17.773 1.00 14.71  ? 35  TRP A CE2 1 
ATOM   251  C  CE3 . TRP A 1 35  ? 5.336   -0.709  -16.992 1.00 10.66  ? 35  TRP A CE3 1 
ATOM   252  C  CZ2 . TRP A 1 35  ? 3.044   -2.344  -17.233 1.00 14.93  ? 35  TRP A CZ2 1 
ATOM   253  C  CZ3 . TRP A 1 35  ? 4.116   -0.331  -16.456 1.00 9.61   ? 35  TRP A CZ3 1 
ATOM   254  C  CH2 . TRP A 1 35  ? 2.990   -1.145  -16.579 1.00 12.09  ? 35  TRP A CH2 1 
ATOM   255  N  N   . GLU A 1 36  ? 8.976   1.064   -18.892 1.00 14.66  ? 36  GLU A N   1 
ATOM   256  C  CA  . GLU A 1 36  ? 10.060  1.936   -18.578 1.00 19.30  ? 36  GLU A CA  1 
ATOM   257  C  C   . GLU A 1 36  ? 9.800   2.669   -17.256 1.00 26.32  ? 36  GLU A C   1 
ATOM   258  O  O   . GLU A 1 36  ? 8.639   2.865   -16.880 1.00 23.68  ? 36  GLU A O   1 
ATOM   259  C  CB  . GLU A 1 36  ? 10.174  2.916   -19.738 1.00 32.13  ? 36  GLU A CB  1 
ATOM   260  C  CG  . GLU A 1 36  ? 11.356  3.840   -19.677 1.00 41.50  ? 36  GLU A CG  1 
ATOM   261  C  CD  . GLU A 1 36  ? 11.299  4.873   -20.762 1.00 44.57  ? 36  GLU A CD  1 
ATOM   262  O  OE1 . GLU A 1 36  ? 11.552  4.499   -21.927 1.00 53.47  ? 36  GLU A OE1 1 
ATOM   263  O  OE2 . GLU A 1 36  ? 10.989  6.044   -20.454 1.00 40.09  ? 36  GLU A OE2 1 
ATOM   264  N  N   . LYS A 1 37  ? 10.874  3.092   -16.572 1.00 24.47  ? 37  LYS A N   1 
ATOM   265  C  CA  . LYS A 1 37  ? 10.779  3.812   -15.296 1.00 28.71  ? 37  LYS A CA  1 
ATOM   266  C  C   . LYS A 1 37  ? 11.243  5.258   -15.500 1.00 30.04  ? 37  LYS A C   1 
ATOM   267  O  O   . LYS A 1 37  ? 12.429  5.502   -15.554 1.00 37.58  ? 37  LYS A O   1 
ATOM   268  C  CB  . LYS A 1 37  ? 11.665  3.106   -14.269 1.00 31.57  ? 37  LYS A CB  1 
ATOM   269  C  CG  . LYS A 1 37  ? 11.549  3.538   -12.816 1.00 29.20  ? 37  LYS A CG  1 
ATOM   270  C  CD  . LYS A 1 37  ? 12.554  2.685   -12.018 1.00 36.79  ? 37  LYS A CD  1 
ATOM   271  C  CE  . LYS A 1 37  ? 12.578  2.955   -10.510 1.00 40.06  ? 37  LYS A CE  1 
ATOM   272  N  NZ  . LYS A 1 37  ? 13.071  4.317   -10.134 1.00 43.62  ? 37  LYS A NZ  1 
ATOM   273  N  N   . THR A 1 38  ? 10.298  6.198   -15.572 1.00 32.05  ? 38  THR A N   1 
ATOM   274  C  CA  . THR A 1 38  ? 10.530  7.631   -15.804 1.00 32.58  ? 38  THR A CA  1 
ATOM   275  C  C   . THR A 1 38  ? 11.752  8.356   -15.274 1.00 38.35  ? 38  THR A C   1 
ATOM   276  O  O   . THR A 1 38  ? 12.570  8.831   -16.063 1.00 40.90  ? 38  THR A O   1 
ATOM   277  C  CB  . THR A 1 38  ? 9.284   8.451   -15.407 1.00 37.01  ? 38  THR A CB  1 
ATOM   278  O  OG1 . THR A 1 38  ? 8.339   8.372   -16.475 1.00 40.29  ? 38  THR A OG1 1 
ATOM   279  C  CG2 . THR A 1 38  ? 9.607   9.949   -15.091 1.00 34.26  ? 38  THR A CG2 1 
ATOM   280  N  N   . SER A 1 39  ? 11.836  8.512   -13.956 1.00 42.13  ? 39  SER A N   1 
ATOM   281  C  CA  . SER A 1 39  ? 12.945  9.235   -13.344 1.00 46.39  ? 39  SER A CA  1 
ATOM   282  C  C   . SER A 1 39  ? 14.336  8.810   -13.794 1.00 48.43  ? 39  SER A C   1 
ATOM   283  O  O   . SER A 1 39  ? 15.163  9.666   -14.093 1.00 49.28  ? 39  SER A O   1 
ATOM   284  C  CB  . SER A 1 39  ? 12.832  9.203   -11.827 1.00 45.06  ? 39  SER A CB  1 
ATOM   285  O  OG  . SER A 1 39  ? 11.664  9.899   -11.416 1.00 58.87  ? 39  SER A OG  1 
ATOM   286  N  N   . ASP A 1 40  ? 14.592  7.505   -13.862 1.00 49.33  ? 40  ASP A N   1 
ATOM   287  C  CA  . ASP A 1 40  ? 15.895  7.007   -14.286 1.00 46.08  ? 40  ASP A CA  1 
ATOM   288  C  C   . ASP A 1 40  ? 15.995  6.794   -15.782 1.00 48.97  ? 40  ASP A C   1 
ATOM   289  O  O   . ASP A 1 40  ? 17.079  6.522   -16.283 1.00 54.27  ? 40  ASP A O   1 
ATOM   290  C  CB  . ASP A 1 40  ? 16.225  5.705   -13.570 1.00 48.26  ? 40  ASP A CB  1 
ATOM   291  C  CG  . ASP A 1 40  ? 16.352  5.888   -12.067 1.00 58.03  ? 40  ASP A CG  1 
ATOM   292  O  OD1 . ASP A 1 40  ? 17.430  6.315   -11.573 1.00 64.45  ? 40  ASP A OD1 1 
ATOM   293  O  OD2 . ASP A 1 40  ? 15.355  5.620   -11.375 1.00 59.85  ? 40  ASP A OD2 1 
ATOM   294  N  N   . LYS A 1 41  ? 14.880  6.983   -16.495 1.00 51.26  ? 41  LYS A N   1 
ATOM   295  C  CA  . LYS A 1 41  ? 14.805  6.778   -17.941 1.00 45.67  ? 41  LYS A CA  1 
ATOM   296  C  C   . LYS A 1 41  ? 15.538  5.468   -18.177 1.00 39.40  ? 41  LYS A C   1 
ATOM   297  O  O   . LYS A 1 41  ? 16.736  5.448   -18.396 1.00 43.88  ? 41  LYS A O   1 
ATOM   298  C  CB  . LYS A 1 41  ? 15.445  7.954   -18.692 1.00 53.54  ? 41  LYS A CB  1 
ATOM   299  C  CG  . LYS A 1 41  ? 14.508  9.152   -18.902 1.00 61.65  ? 41  LYS A CG  1 
ATOM   300  C  CD  . LYS A 1 41  ? 15.176  10.280  -19.717 1.00 70.60  ? 41  LYS A CD  1 
ATOM   301  C  CE  . LYS A 1 41  ? 14.161  11.336  -20.233 1.00 72.77  ? 41  LYS A CE  1 
ATOM   302  N  NZ  . LYS A 1 41  ? 13.497  12.164  -19.167 1.00 75.07  ? 41  LYS A NZ  1 
ATOM   303  N  N   . LYS A 1 42  ? 14.836  4.365   -18.005 1.00 31.70  ? 42  LYS A N   1 
ATOM   304  C  CA  . LYS A 1 42  ? 15.460  3.070   -18.137 1.00 28.36  ? 42  LYS A CA  1 
ATOM   305  C  C   . LYS A 1 42  ? 14.389  2.046   -18.351 1.00 28.13  ? 42  LYS A C   1 
ATOM   306  O  O   . LYS A 1 42  ? 13.348  2.141   -17.724 1.00 33.27  ? 42  LYS A O   1 
ATOM   307  C  CB  . LYS A 1 42  ? 16.206  2.773   -16.835 1.00 33.32  ? 42  LYS A CB  1 
ATOM   308  C  CG  . LYS A 1 42  ? 16.573  1.306   -16.591 1.00 41.67  ? 42  LYS A CG  1 
ATOM   309  C  CD  . LYS A 1 42  ? 17.777  1.174   -15.646 1.00 41.96  ? 42  LYS A CD  1 
ATOM   310  C  CE  . LYS A 1 42  ? 17.614  1.965   -14.340 1.00 47.81  ? 42  LYS A CE  1 
ATOM   311  N  NZ  . LYS A 1 42  ? 16.653  1.352   -13.368 1.00 44.27  ? 42  LYS A NZ  1 
ATOM   312  N  N   . LYS A 1 43  ? 14.595  1.101   -19.267 1.00 27.88  ? 43  LYS A N   1 
ATOM   313  C  CA  . LYS A 1 43  ? 13.577  0.094   -19.451 1.00 26.12  ? 43  LYS A CA  1 
ATOM   314  C  C   . LYS A 1 43  ? 13.847  -1.022  -18.468 1.00 28.36  ? 43  LYS A C   1 
ATOM   315  O  O   . LYS A 1 43  ? 14.938  -1.606  -18.417 1.00 28.95  ? 43  LYS A O   1 
ATOM   316  C  CB  . LYS A 1 43  ? 13.440  -0.378  -20.899 1.00 28.18  ? 43  LYS A CB  1 
ATOM   317  C  CG  . LYS A 1 43  ? 14.621  -1.012  -21.539 1.00 31.15  ? 43  LYS A CG  1 
ATOM   318  C  CD  . LYS A 1 43  ? 14.230  -1.285  -22.976 1.00 31.98  ? 43  LYS A CD  1 
ATOM   319  C  CE  . LYS A 1 43  ? 15.307  -2.021  -23.719 1.00 32.27  ? 43  LYS A CE  1 
ATOM   320  N  NZ  . LYS A 1 43  ? 15.011  -1.930  -25.148 1.00 30.36  ? 43  LYS A NZ  1 
ATOM   321  N  N   . ILE A 1 44  ? 12.865  -1.219  -17.600 1.00 27.37  ? 44  ILE A N   1 
ATOM   322  C  CA  . ILE A 1 44  ? 12.952  -2.214  -16.547 1.00 23.82  ? 44  ILE A CA  1 
ATOM   323  C  C   . ILE A 1 44  ? 12.610  -3.613  -17.019 1.00 26.72  ? 44  ILE A C   1 
ATOM   324  O  O   . ILE A 1 44  ? 13.093  -4.600  -16.464 1.00 28.68  ? 44  ILE A O   1 
ATOM   325  C  CB  . ILE A 1 44  ? 12.094  -1.798  -15.366 1.00 22.45  ? 44  ILE A CB  1 
ATOM   326  C  CG1 . ILE A 1 44  ? 10.642  -1.615  -15.778 1.00 19.39  ? 44  ILE A CG1 1 
ATOM   327  C  CG2 . ILE A 1 44  ? 12.580  -0.458  -14.842 1.00 21.50  ? 44  ILE A CG2 1 
ATOM   328  C  CD1 . ILE A 1 44  ? 9.738   -1.333  -14.583 1.00 22.45  ? 44  ILE A CD1 1 
ATOM   329  N  N   . ALA A 1 45  ? 11.834  -3.678  -18.096 1.00 25.53  ? 45  ALA A N   1 
ATOM   330  C  CA  . ALA A 1 45  ? 11.436  -4.945  -18.707 1.00 25.28  ? 45  ALA A CA  1 
ATOM   331  C  C   . ALA A 1 45  ? 10.896  -4.717  -20.122 1.00 20.43  ? 45  ALA A C   1 
ATOM   332  O  O   . ALA A 1 45  ? 10.312  -3.676  -20.413 1.00 18.01  ? 45  ALA A O   1 
ATOM   333  C  CB  . ALA A 1 45  ? 10.391  -5.664  -17.841 1.00 31.81  ? 45  ALA A CB  1 
ATOM   334  N  N   . GLN A 1 46  ? 11.093  -5.703  -20.990 1.00 24.49  ? 46  GLN A N   1 
ATOM   335  C  CA  . GLN A 1 46  ? 10.637  -5.598  -22.360 1.00 28.32  ? 46  GLN A CA  1 
ATOM   336  C  C   . GLN A 1 46  ? 10.381  -6.944  -22.974 1.00 32.97  ? 46  GLN A C   1 
ATOM   337  O  O   . GLN A 1 46  ? 11.139  -7.898  -22.765 1.00 32.18  ? 46  GLN A O   1 
ATOM   338  C  CB  . GLN A 1 46  ? 11.677  -4.888  -23.208 1.00 27.86  ? 46  GLN A CB  1 
ATOM   339  C  CG  . GLN A 1 46  ? 11.208  -4.620  -24.605 1.00 31.32  ? 46  GLN A CG  1 
ATOM   340  C  CD  . GLN A 1 46  ? 12.214  -3.823  -25.352 1.00 35.49  ? 46  GLN A CD  1 
ATOM   341  O  OE1 . GLN A 1 46  ? 13.410  -3.966  -25.121 1.00 40.69  ? 46  GLN A OE1 1 
ATOM   342  N  NE2 . GLN A 1 46  ? 11.753  -2.943  -26.226 1.00 38.16  ? 46  GLN A NE2 1 
ATOM   343  N  N   . PHE A 1 47  ? 9.301   -7.012  -23.740 1.00 38.32  ? 47  PHE A N   1 
ATOM   344  C  CA  . PHE A 1 47  ? 8.949   -8.224  -24.446 1.00 46.33  ? 47  PHE A CA  1 
ATOM   345  C  C   . PHE A 1 47  ? 9.239   -7.960  -25.908 1.00 49.90  ? 47  PHE A C   1 
ATOM   346  O  O   . PHE A 1 47  ? 8.372   -7.491  -26.639 1.00 53.87  ? 47  PHE A O   1 
ATOM   347  C  CB  . PHE A 1 47  ? 7.473   -8.542  -24.279 1.00 48.28  ? 47  PHE A CB  1 
ATOM   348  C  CG  . PHE A 1 47  ? 6.983   -9.565  -25.240 1.00 52.02  ? 47  PHE A CG  1 
ATOM   349  C  CD1 . PHE A 1 47  ? 7.341   -10.900 -25.086 1.00 53.93  ? 47  PHE A CD1 1 
ATOM   350  C  CD2 . PHE A 1 47  ? 6.217   -9.191  -26.337 1.00 52.37  ? 47  PHE A CD2 1 
ATOM   351  C  CE1 . PHE A 1 47  ? 6.944   -11.850 -26.013 1.00 54.89  ? 47  PHE A CE1 1 
ATOM   352  C  CE2 . PHE A 1 47  ? 5.817   -10.129 -27.271 1.00 55.44  ? 47  PHE A CE2 1 
ATOM   353  C  CZ  . PHE A 1 47  ? 6.180   -11.464 -27.110 1.00 56.03  ? 47  PHE A CZ  1 
ATOM   354  N  N   . ARG A 1 48  ? 10.469  -8.222  -26.329 1.00 55.24  ? 48  ARG A N   1 
ATOM   355  C  CA  . ARG A 1 48  ? 10.839  -7.982  -27.714 1.00 58.61  ? 48  ARG A CA  1 
ATOM   356  C  C   . ARG A 1 48  ? 10.605  -9.239  -28.512 1.00 57.89  ? 48  ARG A C   1 
ATOM   357  O  O   . ARG A 1 48  ? 11.547  -9.793  -29.077 1.00 62.78  ? 48  ARG A O   1 
ATOM   358  C  CB  . ARG A 1 48  ? 12.304  -7.567  -27.811 1.00 58.53  ? 48  ARG A CB  1 
ATOM   359  C  CG  . ARG A 1 48  ? 12.636  -6.981  -29.143 1.00 60.42  ? 48  ARG A CG  1 
ATOM   360  C  CD  . ARG A 1 48  ? 11.861  -5.693  -29.399 1.00 61.04  ? 48  ARG A CD  1 
ATOM   361  N  NE  . ARG A 1 48  ? 12.108  -5.207  -30.757 1.00 69.23  ? 48  ARG A NE  1 
ATOM   362  C  CZ  . ARG A 1 48  ? 11.807  -5.885  -31.869 1.00 70.12  ? 48  ARG A CZ  1 
ATOM   363  N  NH1 . ARG A 1 48  ? 11.239  -7.081  -31.795 1.00 70.66  ? 48  ARG A NH1 1 
ATOM   364  N  NH2 . ARG A 1 48  ? 12.107  -5.386  -33.063 1.00 69.44  ? 48  ARG A NH2 1 
ATOM   365  N  N   . LYS A 1 49  ? 9.350   -9.685  -28.555 1.00 58.77  ? 49  LYS A N   1 
ATOM   366  C  CA  . LYS A 1 49  ? 8.997   -10.907 -29.261 1.00 66.19  ? 49  LYS A CA  1 
ATOM   367  C  C   . LYS A 1 49  ? 9.821   -12.028 -28.651 1.00 76.74  ? 49  LYS A C   1 
ATOM   368  O  O   . LYS A 1 49  ? 10.572  -11.805 -27.700 1.00 79.83  ? 49  LYS A O   1 
ATOM   369  C  CB  . LYS A 1 49  ? 9.347   -10.792 -30.738 1.00 67.25  ? 49  LYS A CB  1 
ATOM   370  C  CG  . LYS A 1 49  ? 8.209   -10.390 -31.623 1.00 70.61  ? 49  LYS A CG  1 
ATOM   371  C  CD  . LYS A 1 49  ? 7.197   -11.511 -31.722 1.00 69.76  ? 49  LYS A CD  1 
ATOM   372  C  CE  . LYS A 1 49  ? 6.174   -11.205 -32.801 1.00 71.80  ? 49  LYS A CE  1 
ATOM   373  N  NZ  . LYS A 1 49  ? 5.213   -12.319 -33.002 1.00 69.80  ? 49  LYS A NZ  1 
ATOM   374  N  N   . GLU A 1 50  ? 9.702   -13.231 -29.208 1.00 87.09  ? 50  GLU A N   1 
ATOM   375  C  CA  . GLU A 1 50  ? 10.474  -14.384 -28.722 1.00 93.68  ? 50  GLU A CA  1 
ATOM   376  C  C   . GLU A 1 50  ? 11.977  -14.143 -28.894 1.00 92.75  ? 50  GLU A C   1 
ATOM   377  O  O   . GLU A 1 50  ? 12.791  -14.930 -28.413 1.00 90.13  ? 50  GLU A O   1 
ATOM   378  C  CB  . GLU A 1 50  ? 10.055  -15.677 -29.444 1.00 100.44 ? 50  GLU A CB  1 
ATOM   379  C  CG  . GLU A 1 50  ? 10.297  -15.675 -30.955 1.00 107.39 ? 50  GLU A CG  1 
ATOM   380  C  CD  . GLU A 1 50  ? 9.619   -14.505 -31.657 1.00 111.70 ? 50  GLU A CD  1 
ATOM   381  O  OE1 . GLU A 1 50  ? 8.369   -14.456 -31.648 1.00 113.38 ? 50  GLU A OE1 1 
ATOM   382  O  OE2 . GLU A 1 50  ? 10.333  -13.614 -32.175 1.00 113.77 ? 50  GLU A OE2 1 
ATOM   383  N  N   . LYS A 1 51  ? 12.323  -13.044 -29.573 1.00 93.32  ? 51  LYS A N   1 
ATOM   384  C  CA  . LYS A 1 51  ? 13.705  -12.645 -29.811 1.00 94.55  ? 51  LYS A CA  1 
ATOM   385  C  C   . LYS A 1 51  ? 14.448  -12.547 -28.486 1.00 99.97  ? 51  LYS A C   1 
ATOM   386  O  O   . LYS A 1 51  ? 15.680  -12.555 -28.481 1.00 103.17 ? 51  LYS A O   1 
ATOM   387  C  CB  . LYS A 1 51  ? 13.767  -11.288 -30.511 1.00 91.68  ? 51  LYS A CB  1 
ATOM   388  C  CG  . LYS A 1 51  ? 12.936  -11.179 -31.766 1.00 91.01  ? 51  LYS A CG  1 
ATOM   389  C  CD  . LYS A 1 51  ? 13.028  -9.777  -32.361 1.00 90.92  ? 51  LYS A CD  1 
ATOM   390  C  CE  . LYS A 1 51  ? 11.963  -9.548  -33.426 1.00 91.10  ? 51  LYS A CE  1 
ATOM   391  N  NZ  . LYS A 1 51  ? 11.939  -10.611 -34.466 1.00 91.10  ? 51  LYS A NZ  1 
ATOM   392  N  N   . GLU A 1 52  ? 13.690  -12.402 -27.385 1.00 105.33 ? 52  GLU A N   1 
ATOM   393  C  CA  . GLU A 1 52  ? 14.220  -12.318 -26.004 1.00 107.85 ? 52  GLU A CA  1 
ATOM   394  C  C   . GLU A 1 52  ? 13.263  -11.682 -24.970 1.00 102.43 ? 52  GLU A C   1 
ATOM   395  O  O   . GLU A 1 52  ? 12.446  -10.825 -25.318 1.00 105.98 ? 52  GLU A O   1 
ATOM   396  C  CB  . GLU A 1 52  ? 15.547  -11.531 -25.967 1.00 113.28 ? 52  GLU A CB  1 
ATOM   397  C  CG  . GLU A 1 52  ? 16.685  -12.238 -25.227 1.00 117.96 ? 52  GLU A CG  1 
ATOM   398  C  CD  . GLU A 1 52  ? 16.354  -12.526 -23.774 1.00 121.10 ? 52  GLU A CD  1 
ATOM   399  O  OE1 . GLU A 1 52  ? 16.600  -11.636 -22.926 1.00 122.79 ? 52  GLU A OE1 1 
ATOM   400  O  OE2 . GLU A 1 52  ? 15.835  -13.632 -23.488 1.00 120.13 ? 52  GLU A OE2 1 
ATOM   401  N  N   . THR A 1 53  ? 13.347  -12.124 -23.713 1.00 92.97  ? 53  THR A N   1 
ATOM   402  C  CA  . THR A 1 53  ? 12.548  -11.530 -22.637 1.00 84.73  ? 53  THR A CA  1 
ATOM   403  C  C   . THR A 1 53  ? 13.556  -10.851 -21.707 1.00 77.80  ? 53  THR A C   1 
ATOM   404  O  O   . THR A 1 53  ? 14.227  -11.517 -20.906 1.00 77.42  ? 53  THR A O   1 
ATOM   405  C  CB  . THR A 1 53  ? 11.726  -12.558 -21.807 1.00 86.65  ? 53  THR A CB  1 
ATOM   406  O  OG1 . THR A 1 53  ? 10.974  -13.412 -22.679 1.00 89.88  ? 53  THR A OG1 1 
ATOM   407  C  CG2 . THR A 1 53  ? 10.748  -11.822 -20.885 1.00 81.73  ? 53  THR A CG2 1 
ATOM   408  N  N   . PHE A 1 54  ? 13.705  -9.537  -21.876 1.00 69.45  ? 54  PHE A N   1 
ATOM   409  C  CA  . PHE A 1 54  ? 14.630  -8.730  -21.072 1.00 60.01  ? 54  PHE A CA  1 
ATOM   410  C  C   . PHE A 1 54  ? 13.990  -8.203  -19.772 1.00 56.41  ? 54  PHE A C   1 
ATOM   411  O  O   . PHE A 1 54  ? 12.851  -7.738  -19.776 1.00 51.04  ? 54  PHE A O   1 
ATOM   412  C  CB  . PHE A 1 54  ? 15.170  -7.557  -21.909 1.00 51.47  ? 54  PHE A CB  1 
ATOM   413  C  CG  . PHE A 1 54  ? 15.817  -6.483  -21.090 1.00 40.74  ? 54  PHE A CG  1 
ATOM   414  C  CD1 . PHE A 1 54  ? 17.098  -6.657  -20.581 1.00 38.59  ? 54  PHE A CD1 1 
ATOM   415  C  CD2 . PHE A 1 54  ? 15.119  -5.329  -20.770 1.00 35.83  ? 54  PHE A CD2 1 
ATOM   416  C  CE1 . PHE A 1 54  ? 17.671  -5.697  -19.759 1.00 35.98  ? 54  PHE A CE1 1 
ATOM   417  C  CE2 . PHE A 1 54  ? 15.678  -4.364  -19.951 1.00 35.75  ? 54  PHE A CE2 1 
ATOM   418  C  CZ  . PHE A 1 54  ? 16.961  -4.546  -19.440 1.00 38.47  ? 54  PHE A CZ  1 
ATOM   419  N  N   . LYS A 1 55  ? 14.729  -8.311  -18.668 1.00 55.71  ? 55  LYS A N   1 
ATOM   420  C  CA  . LYS A 1 55  ? 14.287  -7.849  -17.348 1.00 56.98  ? 55  LYS A CA  1 
ATOM   421  C  C   . LYS A 1 55  ? 15.522  -7.306  -16.629 1.00 57.82  ? 55  LYS A C   1 
ATOM   422  O  O   . LYS A 1 55  ? 16.569  -7.969  -16.573 1.00 56.28  ? 55  LYS A O   1 
ATOM   423  C  CB  . LYS A 1 55  ? 13.666  -8.998  -16.540 1.00 60.08  ? 55  LYS A CB  1 
ATOM   424  C  CG  . LYS A 1 55  ? 12.508  -9.719  -17.254 1.00 66.22  ? 55  LYS A CG  1 
ATOM   425  C  CD  . LYS A 1 55  ? 11.966  -10.934 -16.504 1.00 68.89  ? 55  LYS A CD  1 
ATOM   426  C  CE  . LYS A 1 55  ? 13.076  -11.921 -16.139 1.00 74.98  ? 55  LYS A CE  1 
ATOM   427  N  NZ  . LYS A 1 55  ? 13.743  -11.599 -14.826 1.00 77.47  ? 55  LYS A NZ  1 
ATOM   428  N  N   . GLU A 1 56  ? 15.412  -6.089  -16.103 1.00 56.23  ? 56  GLU A N   1 
ATOM   429  C  CA  . GLU A 1 56  ? 16.531  -5.443  -15.414 1.00 58.27  ? 56  GLU A CA  1 
ATOM   430  C  C   . GLU A 1 56  ? 16.941  -6.147  -14.118 1.00 62.10  ? 56  GLU A C   1 
ATOM   431  O  O   . GLU A 1 56  ? 18.072  -5.977  -13.636 1.00 64.28  ? 56  GLU A O   1 
ATOM   432  C  CB  . GLU A 1 56  ? 16.205  -3.979  -15.101 1.00 52.40  ? 56  GLU A CB  1 
ATOM   433  C  CG  . GLU A 1 56  ? 17.399  -3.054  -15.235 1.00 50.35  ? 56  GLU A CG  1 
ATOM   434  C  CD  . GLU A 1 56  ? 17.599  -2.125  -14.048 1.00 52.44  ? 56  GLU A CD  1 
ATOM   435  O  OE1 . GLU A 1 56  ? 16.612  -1.590  -13.513 1.00 52.05  ? 56  GLU A OE1 1 
ATOM   436  O  OE2 . GLU A 1 56  ? 18.764  -1.905  -13.652 1.00 59.43  ? 56  GLU A OE2 1 
ATOM   437  N  N   . LYS A 1 57  ? 16.030  -6.935  -13.555 1.00 59.56  ? 57  LYS A N   1 
ATOM   438  C  CA  . LYS A 1 57  ? 16.338  -7.621  -12.324 1.00 56.83  ? 57  LYS A CA  1 
ATOM   439  C  C   . LYS A 1 57  ? 15.264  -8.622  -11.984 1.00 57.38  ? 57  LYS A C   1 
ATOM   440  O  O   . LYS A 1 57  ? 14.223  -8.681  -12.643 1.00 55.92  ? 57  LYS A O   1 
ATOM   441  C  CB  . LYS A 1 57  ? 16.464  -6.592  -11.210 1.00 62.15  ? 57  LYS A CB  1 
ATOM   442  C  CG  . LYS A 1 57  ? 17.436  -6.951  -10.104 1.00 68.39  ? 57  LYS A CG  1 
ATOM   443  C  CD  . LYS A 1 57  ? 17.993  -5.683  -9.418  1.00 71.81  ? 57  LYS A CD  1 
ATOM   444  C  CE  . LYS A 1 57  ? 16.915  -4.612  -9.137  1.00 68.53  ? 57  LYS A CE  1 
ATOM   445  N  NZ  . LYS A 1 57  ? 16.502  -3.792  -10.321 1.00 63.04  ? 57  LYS A NZ  1 
ATOM   446  N  N   . ASP A 1 58  ? 15.573  -9.453  -10.988 1.00 61.85  ? 58  ASP A N   1 
ATOM   447  C  CA  . ASP A 1 58  ? 14.661  -10.478 -10.477 1.00 64.44  ? 58  ASP A CA  1 
ATOM   448  C  C   . ASP A 1 58  ? 13.458  -9.791  -9.825  1.00 57.61  ? 58  ASP A C   1 
ATOM   449  O  O   . ASP A 1 58  ? 12.374  -10.357 -9.716  1.00 61.11  ? 58  ASP A O   1 
ATOM   450  C  CB  . ASP A 1 58  ? 15.382  -11.407 -9.470  1.00 75.08  ? 58  ASP A CB  1 
ATOM   451  C  CG  . ASP A 1 58  ? 16.244  -10.644 -8.430  1.00 82.06  ? 58  ASP A CG  1 
ATOM   452  O  OD1 . ASP A 1 58  ? 15.955  -9.466  -8.113  1.00 83.90  ? 58  ASP A OD1 1 
ATOM   453  O  OD2 . ASP A 1 58  ? 17.216  -11.252 -7.914  1.00 85.02  ? 58  ASP A OD2 1 
ATOM   454  N  N   . THR A 1 59  ? 13.680  -8.546  -9.419  1.00 45.56  ? 59  THR A N   1 
ATOM   455  C  CA  . THR A 1 59  ? 12.679  -7.700  -8.815  1.00 29.30  ? 59  THR A CA  1 
ATOM   456  C  C   . THR A 1 59  ? 11.580  -7.485  -9.816  1.00 26.67  ? 59  THR A C   1 
ATOM   457  O  O   . THR A 1 59  ? 10.489  -7.099  -9.452  1.00 28.65  ? 59  THR A O   1 
ATOM   458  C  CB  . THR A 1 59  ? 13.316  -6.356  -8.463  1.00 31.25  ? 59  THR A CB  1 
ATOM   459  O  OG1 . THR A 1 59  ? 14.048  -6.505  -7.252  1.00 40.20  ? 59  THR A OG1 1 
ATOM   460  C  CG2 . THR A 1 59  ? 12.293  -5.250  -8.290  1.00 33.91  ? 59  THR A CG2 1 
ATOM   461  N  N   . TYR A 1 60  ? 11.860  -7.719  -11.089 1.00 23.47  ? 60  TYR A N   1 
ATOM   462  C  CA  . TYR A 1 60  ? 10.843  -7.515  -12.098 1.00 25.90  ? 60  TYR A CA  1 
ATOM   463  C  C   . TYR A 1 60  ? 10.397  -8.783  -12.728 1.00 30.22  ? 60  TYR A C   1 
ATOM   464  O  O   . TYR A 1 60  ? 11.146  -9.755  -12.775 1.00 39.23  ? 60  TYR A O   1 
ATOM   465  C  CB  . TYR A 1 60  ? 11.353  -6.597  -13.197 1.00 29.70  ? 60  TYR A CB  1 
ATOM   466  C  CG  . TYR A 1 60  ? 11.662  -5.221  -12.699 1.00 26.46  ? 60  TYR A CG  1 
ATOM   467  C  CD1 . TYR A 1 60  ? 10.647  -4.409  -12.212 1.00 24.77  ? 60  TYR A CD1 1 
ATOM   468  C  CD2 . TYR A 1 60  ? 12.976  -4.744  -12.661 1.00 27.34  ? 60  TYR A CD2 1 
ATOM   469  C  CE1 . TYR A 1 60  ? 10.925  -3.164  -11.692 1.00 20.27  ? 60  TYR A CE1 1 
ATOM   470  C  CE2 . TYR A 1 60  ? 13.264  -3.490  -12.136 1.00 17.50  ? 60  TYR A CE2 1 
ATOM   471  C  CZ  . TYR A 1 60  ? 12.220  -2.720  -11.657 1.00 19.34  ? 60  TYR A CZ  1 
ATOM   472  O  OH  . TYR A 1 60  ? 12.451  -1.505  -11.117 1.00 22.34  ? 60  TYR A OH  1 
ATOM   473  N  N   . LYS A 1 61  ? 9.174   -8.745  -13.241 1.00 34.89  ? 61  LYS A N   1 
ATOM   474  C  CA  . LYS A 1 61  ? 8.568   -9.869  -13.932 1.00 37.00  ? 61  LYS A CA  1 
ATOM   475  C  C   . LYS A 1 61  ? 7.504   -9.308  -14.869 1.00 35.57  ? 61  LYS A C   1 
ATOM   476  O  O   . LYS A 1 61  ? 6.702   -8.474  -14.475 1.00 47.03  ? 61  LYS A O   1 
ATOM   477  C  CB  . LYS A 1 61  ? 7.938   -10.846 -12.945 1.00 39.35  ? 61  LYS A CB  1 
ATOM   478  C  CG  . LYS A 1 61  ? 7.731   -12.254 -13.523 1.00 50.83  ? 61  LYS A CG  1 
ATOM   479  C  CD  . LYS A 1 61  ? 9.071   -12.920 -13.877 1.00 57.08  ? 61  LYS A CD  1 
ATOM   480  C  CE  . LYS A 1 61  ? 8.910   -14.267 -14.580 1.00 61.67  ? 61  LYS A CE  1 
ATOM   481  N  NZ  . LYS A 1 61  ? 8.239   -14.129 -15.904 1.00 66.53  ? 61  LYS A NZ  1 
ATOM   482  N  N   . LEU A 1 62  ? 7.515   -9.738  -16.118 1.00 33.32  ? 62  LEU A N   1 
ATOM   483  C  CA  . LEU A 1 62  ? 6.549   -9.252  -17.086 1.00 36.52  ? 62  LEU A CA  1 
ATOM   484  C  C   . LEU A 1 62  ? 5.813   -10.449 -17.619 1.00 38.22  ? 62  LEU A C   1 
ATOM   485  O  O   . LEU A 1 62  ? 6.432   -11.433 -18.001 1.00 45.04  ? 62  LEU A O   1 
ATOM   486  C  CB  . LEU A 1 62  ? 7.271   -8.553  -18.237 1.00 34.81  ? 62  LEU A CB  1 
ATOM   487  C  CG  . LEU A 1 62  ? 6.512   -8.438  -19.557 1.00 34.81  ? 62  LEU A CG  1 
ATOM   488  C  CD1 . LEU A 1 62  ? 5.449   -7.352  -19.462 1.00 31.39  ? 62  LEU A CD1 1 
ATOM   489  C  CD2 . LEU A 1 62  ? 7.505   -8.157  -20.670 1.00 28.66  ? 62  LEU A CD2 1 
ATOM   490  N  N   . PHE A 1 63  ? 4.497   -10.351 -17.690 1.00 43.67  ? 63  PHE A N   1 
ATOM   491  C  CA  . PHE A 1 63  ? 3.696   -11.462 -18.186 1.00 52.72  ? 63  PHE A CA  1 
ATOM   492  C  C   . PHE A 1 63  ? 3.270   -11.297 -19.633 1.00 50.03  ? 63  PHE A C   1 
ATOM   493  O  O   . PHE A 1 63  ? 3.321   -10.202 -20.196 1.00 47.78  ? 63  PHE A O   1 
ATOM   494  C  CB  . PHE A 1 63  ? 2.443   -11.666 -17.314 1.00 58.48  ? 63  PHE A CB  1 
ATOM   495  C  CG  . PHE A 1 63  ? 2.736   -11.765 -15.847 1.00 62.19  ? 63  PHE A CG  1 
ATOM   496  C  CD1 . PHE A 1 63  ? 3.866   -12.437 -15.389 1.00 64.49  ? 63  PHE A CD1 1 
ATOM   497  C  CD2 . PHE A 1 63  ? 1.912   -11.139 -14.923 1.00 65.42  ? 63  PHE A CD2 1 
ATOM   498  C  CE1 . PHE A 1 63  ? 4.171   -12.476 -14.029 1.00 65.48  ? 63  PHE A CE1 1 
ATOM   499  C  CE2 . PHE A 1 63  ? 2.212   -11.173 -13.560 1.00 65.07  ? 63  PHE A CE2 1 
ATOM   500  C  CZ  . PHE A 1 63  ? 3.343   -11.841 -13.114 1.00 62.54  ? 63  PHE A CZ  1 
ATOM   501  N  N   . LYS A 1 64  ? 2.827   -12.414 -20.202 1.00 47.05  ? 64  LYS A N   1 
ATOM   502  C  CA  . LYS A 1 64  ? 2.346   -12.487 -21.564 1.00 43.84  ? 64  LYS A CA  1 
ATOM   503  C  C   . LYS A 1 64  ? 1.181   -11.516 -21.714 1.00 39.85  ? 64  LYS A C   1 
ATOM   504  O  O   . LYS A 1 64  ? 0.961   -10.981 -22.783 1.00 45.39  ? 64  LYS A O   1 
ATOM   505  C  CB  . LYS A 1 64  ? 1.934   -13.941 -21.857 1.00 52.24  ? 64  LYS A CB  1 
ATOM   506  C  CG  . LYS A 1 64  ? 1.062   -14.211 -23.102 1.00 64.22  ? 64  LYS A CG  1 
ATOM   507  C  CD  . LYS A 1 64  ? 0.723   -15.725 -23.221 1.00 69.08  ? 64  LYS A CD  1 
ATOM   508  C  CE  . LYS A 1 64  ? -0.517  -16.016 -24.094 1.00 70.92  ? 64  LYS A CE  1 
ATOM   509  N  NZ  . LYS A 1 64  ? -0.361  -15.685 -25.543 1.00 71.16  ? 64  LYS A NZ  1 
ATOM   510  N  N   . ASN A 1 65  ? 0.477   -11.216 -20.629 1.00 40.72  ? 65  ASN A N   1 
ATOM   511  C  CA  . ASN A 1 65  ? -0.645  -10.290 -20.743 1.00 43.64  ? 65  ASN A CA  1 
ATOM   512  C  C   . ASN A 1 65  ? -0.251  -8.812  -20.567 1.00 44.72  ? 65  ASN A C   1 
ATOM   513  O  O   . ASN A 1 65  ? -1.106  -7.918  -20.547 1.00 47.16  ? 65  ASN A O   1 
ATOM   514  C  CB  . ASN A 1 65  ? -1.858  -10.717 -19.863 1.00 39.30  ? 65  ASN A CB  1 
ATOM   515  C  CG  . ASN A 1 65  ? -1.591  -10.620 -18.379 1.00 39.10  ? 65  ASN A CG  1 
ATOM   516  O  OD1 . ASN A 1 65  ? -0.457  -10.348 -17.970 1.00 35.49  ? 65  ASN A OD1 1 
ATOM   517  N  ND2 . ASN A 1 65  ? -2.636  -10.837 -17.568 1.00 40.08  ? 65  ASN A ND2 1 
ATOM   518  N  N   . GLY A 1 66  ? 1.050   -8.556  -20.487 1.00 41.77  ? 66  GLY A N   1 
ATOM   519  C  CA  . GLY A 1 66  ? 1.528   -7.188  -20.364 1.00 40.21  ? 66  GLY A CA  1 
ATOM   520  C  C   . GLY A 1 66  ? 1.617   -6.626  -18.962 1.00 37.24  ? 66  GLY A C   1 
ATOM   521  O  O   . GLY A 1 66  ? 2.048   -5.489  -18.767 1.00 35.45  ? 66  GLY A O   1 
ATOM   522  N  N   . THR A 1 67  ? 1.230   -7.429  -17.980 1.00 35.56  ? 67  THR A N   1 
ATOM   523  C  CA  . THR A 1 67  ? 1.274   -7.006  -16.591 1.00 30.01  ? 67  THR A CA  1 
ATOM   524  C  C   . THR A 1 67  ? 2.689   -7.092  -16.037 1.00 27.71  ? 67  THR A C   1 
ATOM   525  O  O   . THR A 1 67  ? 3.421   -8.043  -16.308 1.00 22.38  ? 67  THR A O   1 
ATOM   526  C  CB  . THR A 1 67  ? 0.250   -7.806  -15.745 1.00 29.20  ? 67  THR A CB  1 
ATOM   527  O  OG1 . THR A 1 67  ? -1.065  -7.375  -16.114 1.00 33.62  ? 67  THR A OG1 1 
ATOM   528  C  CG2 . THR A 1 67  ? 0.452   -7.609  -14.253 1.00 14.96  ? 67  THR A CG2 1 
ATOM   529  N  N   . LEU A 1 68  ? 3.075   -6.060  -15.291 1.00 28.13  ? 68  LEU A N   1 
ATOM   530  C  CA  . LEU A 1 68  ? 4.403   -5.985  -14.709 1.00 28.53  ? 68  LEU A CA  1 
ATOM   531  C  C   . LEU A 1 68  ? 4.255   -6.079  -13.219 1.00 31.94  ? 68  LEU A C   1 
ATOM   532  O  O   . LEU A 1 68  ? 3.504   -5.300  -12.633 1.00 34.57  ? 68  LEU A O   1 
ATOM   533  C  CB  . LEU A 1 68  ? 5.022   -4.633  -15.034 1.00 23.85  ? 68  LEU A CB  1 
ATOM   534  C  CG  . LEU A 1 68  ? 6.526   -4.367  -14.987 1.00 21.24  ? 68  LEU A CG  1 
ATOM   535  C  CD1 . LEU A 1 68  ? 6.804   -3.187  -14.087 1.00 19.61  ? 68  LEU A CD1 1 
ATOM   536  C  CD2 . LEU A 1 68  ? 7.312   -5.552  -14.583 1.00 20.95  ? 68  LEU A CD2 1 
ATOM   537  N  N   . LYS A 1 69  ? 4.939   -7.051  -12.622 1.00 31.05  ? 69  LYS A N   1 
ATOM   538  C  CA  . LYS A 1 69  ? 4.915   -7.231  -11.182 1.00 33.55  ? 69  LYS A CA  1 
ATOM   539  C  C   . LYS A 1 69  ? 6.233   -6.748  -10.654 1.00 33.09  ? 69  LYS A C   1 
ATOM   540  O  O   . LYS A 1 69  ? 7.282   -7.065  -11.214 1.00 30.60  ? 69  LYS A O   1 
ATOM   541  C  CB  . LYS A 1 69  ? 4.726   -8.701  -10.756 1.00 35.81  ? 69  LYS A CB  1 
ATOM   542  C  CG  . LYS A 1 69  ? 4.826   -8.916  -9.215  1.00 37.77  ? 69  LYS A CG  1 
ATOM   543  C  CD  . LYS A 1 69  ? 4.688   -10.385 -8.754  1.00 43.05  ? 69  LYS A CD  1 
ATOM   544  C  CE  . LYS A 1 69  ? 3.218   -10.917 -8.667  1.00 52.66  ? 69  LYS A CE  1 
ATOM   545  N  NZ  . LYS A 1 69  ? 2.467   -10.664 -7.380  1.00 54.31  ? 69  LYS A NZ  1 
ATOM   546  N  N   . ILE A 1 70  ? 6.156   -5.976  -9.575  1.00 30.86  ? 70  ILE A N   1 
ATOM   547  C  CA  . ILE A 1 70  ? 7.320   -5.442  -8.900  1.00 22.85  ? 70  ILE A CA  1 
ATOM   548  C  C   . ILE A 1 70  ? 7.355   -6.084  -7.529  1.00 26.45  ? 70  ILE A C   1 
ATOM   549  O  O   . ILE A 1 70  ? 6.469   -5.895  -6.708  1.00 26.80  ? 70  ILE A O   1 
ATOM   550  C  CB  . ILE A 1 70  ? 7.213   -3.953  -8.733  1.00 21.12  ? 70  ILE A CB  1 
ATOM   551  C  CG1 . ILE A 1 70  ? 6.897   -3.317  -10.088 1.00 19.59  ? 70  ILE A CG1 1 
ATOM   552  C  CG2 . ILE A 1 70  ? 8.483   -3.423  -8.134  1.00 11.71  ? 70  ILE A CG2 1 
ATOM   553  C  CD1 . ILE A 1 70  ? 6.874   -1.821  -10.058 1.00 20.51  ? 70  ILE A CD1 1 
ATOM   554  N  N   . LYS A 1 71  ? 8.391   -6.858  -7.290  1.00 31.48  ? 71  LYS A N   1 
ATOM   555  C  CA  . LYS A 1 71  ? 8.513   -7.562  -6.044  1.00 34.94  ? 71  LYS A CA  1 
ATOM   556  C  C   . LYS A 1 71  ? 9.139   -6.776  -4.929  1.00 35.88  ? 71  LYS A C   1 
ATOM   557  O  O   . LYS A 1 71  ? 9.996   -5.931  -5.157  1.00 33.14  ? 71  LYS A O   1 
ATOM   558  C  CB  . LYS A 1 71  ? 9.310   -8.840  -6.251  1.00 39.50  ? 71  LYS A CB  1 
ATOM   559  C  CG  . LYS A 1 71  ? 8.637   -9.869  -7.146  1.00 46.36  ? 71  LYS A CG  1 
ATOM   560  C  CD  . LYS A 1 71  ? 9.544   -11.067 -7.331  1.00 48.18  ? 71  LYS A CD  1 
ATOM   561  C  CE  . LYS A 1 71  ? 9.954   -11.606 -5.965  1.00 58.60  ? 71  LYS A CE  1 
ATOM   562  N  NZ  . LYS A 1 71  ? 11.079  -12.578 -6.048  1.00 65.76  ? 71  LYS A NZ  1 
ATOM   563  N  N   . HIS A 1 72  ? 8.627   -7.014  -3.725  1.00 35.73  ? 72  HIS A N   1 
ATOM   564  C  CA  . HIS A 1 72  ? 9.158   -6.419  -2.528  1.00 31.10  ? 72  HIS A CA  1 
ATOM   565  C  C   . HIS A 1 72  ? 9.422   -4.919  -2.630  1.00 24.67  ? 72  HIS A C   1 
ATOM   566  O  O   . HIS A 1 72  ? 10.550  -4.494  -2.571  1.00 20.73  ? 72  HIS A O   1 
ATOM   567  C  CB  . HIS A 1 72  ? 10.435  -7.168  -2.199  1.00 44.57  ? 72  HIS A CB  1 
ATOM   568  C  CG  . HIS A 1 72  ? 10.639  -7.380  -0.743  1.00 61.14  ? 72  HIS A CG  1 
ATOM   569  N  ND1 . HIS A 1 72  ? 11.200  -6.424  0.075   1.00 64.47  ? 72  HIS A ND1 1 
ATOM   570  C  CD2 . HIS A 1 72  ? 10.334  -8.432  0.053   1.00 68.77  ? 72  HIS A CD2 1 
ATOM   571  C  CE1 . HIS A 1 72  ? 11.232  -6.877  1.316   1.00 71.78  ? 72  HIS A CE1 1 
ATOM   572  N  NE2 . HIS A 1 72  ? 10.712  -8.093  1.329   1.00 75.60  ? 72  HIS A NE2 1 
ATOM   573  N  N   . LEU A 1 73  ? 8.365   -4.119  -2.693  1.00 21.67  ? 73  LEU A N   1 
ATOM   574  C  CA  . LEU A 1 73  ? 8.480   -2.679  -2.816  1.00 15.86  ? 73  LEU A CA  1 
ATOM   575  C  C   . LEU A 1 73  ? 9.491   -2.063  -1.863  1.00 22.82  ? 73  LEU A C   1 
ATOM   576  O  O   . LEU A 1 73  ? 9.687   -2.561  -0.773  1.00 26.93  ? 73  LEU A O   1 
ATOM   577  C  CB  . LEU A 1 73  ? 7.090   -2.064  -2.675  1.00 16.72  ? 73  LEU A CB  1 
ATOM   578  C  CG  . LEU A 1 73  ? 6.216   -2.414  -3.892  1.00 18.62  ? 73  LEU A CG  1 
ATOM   579  C  CD1 . LEU A 1 73  ? 4.740   -1.964  -3.796  1.00 19.22  ? 73  LEU A CD1 1 
ATOM   580  C  CD2 . LEU A 1 73  ? 6.855   -1.751  -5.095  1.00 16.56  ? 73  LEU A CD2 1 
ATOM   581  N  N   . LYS A 1 74  ? 10.185  -1.019  -2.311  1.00 27.31  ? 74  LYS A N   1 
ATOM   582  C  CA  . LYS A 1 74  ? 11.218  -0.326  -1.514  1.00 26.95  ? 74  LYS A CA  1 
ATOM   583  C  C   . LYS A 1 74  ? 11.016  1.177   -1.745  1.00 24.65  ? 74  LYS A C   1 
ATOM   584  O  O   . LYS A 1 74  ? 10.364  1.537   -2.708  1.00 24.92  ? 74  LYS A O   1 
ATOM   585  C  CB  . LYS A 1 74  ? 12.612  -0.749  -1.999  1.00 30.07  ? 74  LYS A CB  1 
ATOM   586  C  CG  . LYS A 1 74  ? 12.744  -2.246  -2.223  1.00 38.50  ? 74  LYS A CG  1 
ATOM   587  C  CD  . LYS A 1 74  ? 13.689  -2.593  -3.377  1.00 40.79  ? 74  LYS A CD  1 
ATOM   588  C  CE  . LYS A 1 74  ? 13.286  -3.915  -4.125  1.00 40.70  ? 74  LYS A CE  1 
ATOM   589  N  NZ  . LYS A 1 74  ? 12.044  -3.844  -5.017  1.00 24.64  ? 74  LYS A NZ  1 
ATOM   590  N  N   . THR A 1 75  ? 11.565  2.055   -0.897  1.00 26.32  ? 75  THR A N   1 
ATOM   591  C  CA  . THR A 1 75  ? 11.355  3.504   -1.077  1.00 26.86  ? 75  THR A CA  1 
ATOM   592  C  C   . THR A 1 75  ? 11.687  3.968   -2.500  1.00 37.31  ? 75  THR A C   1 
ATOM   593  O  O   . THR A 1 75  ? 11.015  4.845   -3.045  1.00 38.33  ? 75  THR A O   1 
ATOM   594  C  CB  . THR A 1 75  ? 12.195  4.378   -0.081  1.00 28.20  ? 75  THR A CB  1 
ATOM   595  O  OG1 . THR A 1 75  ? 11.970  3.965   1.275   1.00 29.81  ? 75  THR A OG1 1 
ATOM   596  C  CG2 . THR A 1 75  ? 11.834  5.874   -0.227  1.00 21.45  ? 75  THR A CG2 1 
ATOM   597  N  N   . ASP A 1 76  ? 12.726  3.369   -3.090  1.00 42.99  ? 76  ASP A N   1 
ATOM   598  C  CA  . ASP A 1 76  ? 13.199  3.701   -4.439  1.00 42.23  ? 76  ASP A CA  1 
ATOM   599  C  C   . ASP A 1 76  ? 12.224  3.446   -5.584  1.00 38.14  ? 76  ASP A C   1 
ATOM   600  O  O   . ASP A 1 76  ? 12.412  3.980   -6.681  1.00 34.46  ? 76  ASP A O   1 
ATOM   601  C  CB  . ASP A 1 76  ? 14.499  2.942   -4.761  1.00 57.55  ? 76  ASP A CB  1 
ATOM   602  C  CG  . ASP A 1 76  ? 15.718  3.506   -4.044  1.00 68.56  ? 76  ASP A CG  1 
ATOM   603  O  OD1 . ASP A 1 76  ? 15.642  3.714   -2.810  1.00 75.08  ? 76  ASP A OD1 1 
ATOM   604  O  OD2 . ASP A 1 76  ? 16.760  3.720   -4.716  1.00 73.63  ? 76  ASP A OD2 1 
ATOM   605  N  N   . ASP A 1 77  ? 11.203  2.627   -5.342  1.00 30.41  ? 77  ASP A N   1 
ATOM   606  C  CA  . ASP A 1 77  ? 10.238  2.275   -6.379  1.00 22.10  ? 77  ASP A CA  1 
ATOM   607  C  C   . ASP A 1 77  ? 9.069   3.206   -6.621  1.00 21.43  ? 77  ASP A C   1 
ATOM   608  O  O   . ASP A 1 77  ? 8.247   2.935   -7.510  1.00 17.72  ? 77  ASP A O   1 
ATOM   609  C  CB  . ASP A 1 77  ? 9.714   0.876   -6.143  1.00 21.89  ? 77  ASP A CB  1 
ATOM   610  C  CG  . ASP A 1 77  ? 10.814  -0.127  -5.982  1.00 22.51  ? 77  ASP A CG  1 
ATOM   611  O  OD1 . ASP A 1 77  ? 11.444  -0.472  -6.993  1.00 29.00  ? 77  ASP A OD1 1 
ATOM   612  O  OD2 . ASP A 1 77  ? 11.052  -0.587  -4.846  1.00 34.44  ? 77  ASP A OD2 1 
ATOM   613  N  N   . GLN A 1 78  ? 8.972   4.265   -5.815  1.00 23.64  ? 78  GLN A N   1 
ATOM   614  C  CA  . GLN A 1 78  ? 7.901   5.254   -5.949  1.00 28.87  ? 78  GLN A CA  1 
ATOM   615  C  C   . GLN A 1 78  ? 8.341   6.040   -7.175  1.00 27.49  ? 78  GLN A C   1 
ATOM   616  O  O   . GLN A 1 78  ? 9.379   6.687   -7.170  1.00 36.85  ? 78  GLN A O   1 
ATOM   617  C  CB  . GLN A 1 78  ? 7.812   6.137   -4.679  1.00 30.34  ? 78  GLN A CB  1 
ATOM   618  C  CG  . GLN A 1 78  ? 6.679   7.191   -4.649  1.00 44.41  ? 78  GLN A CG  1 
ATOM   619  C  CD  . GLN A 1 78  ? 6.386   7.752   -3.237  1.00 45.54  ? 78  GLN A CD  1 
ATOM   620  O  OE1 . GLN A 1 78  ? 7.030   7.367   -2.264  1.00 49.46  ? 78  GLN A OE1 1 
ATOM   621  N  NE2 . GLN A 1 78  ? 5.403   8.652   -3.133  1.00 46.88  ? 78  GLN A NE2 1 
ATOM   622  N  N   . ASP A 1 79  ? 7.613   5.887   -8.266  1.00 28.15  ? 79  ASP A N   1 
ATOM   623  C  CA  . ASP A 1 79  ? 7.970   6.577   -9.499  1.00 28.34  ? 79  ASP A CA  1 
ATOM   624  C  C   . ASP A 1 79  ? 6.814   6.450   -10.495 1.00 26.04  ? 79  ASP A C   1 
ATOM   625  O  O   . ASP A 1 79  ? 5.834   5.728   -10.277 1.00 27.63  ? 79  ASP A O   1 
ATOM   626  C  CB  . ASP A 1 79  ? 9.220   5.899   -10.096 1.00 30.75  ? 79  ASP A CB  1 
ATOM   627  C  CG  . ASP A 1 79  ? 10.148  6.858   -10.847 1.00 30.38  ? 79  ASP A CG  1 
ATOM   628  O  OD1 . ASP A 1 79  ? 9.704   7.889   -11.403 1.00 27.07  ? 79  ASP A OD1 1 
ATOM   629  O  OD2 . ASP A 1 79  ? 11.352  6.534   -10.879 1.00 29.70  ? 79  ASP A OD2 1 
ATOM   630  N  N   . ILE A 1 80  ? 6.943   7.164   -11.592 1.00 19.38  ? 80  ILE A N   1 
ATOM   631  C  CA  . ILE A 1 80  ? 5.966   7.123   -12.638 1.00 19.66  ? 80  ILE A CA  1 
ATOM   632  C  C   . ILE A 1 80  ? 6.495   6.055   -13.613 1.00 21.26  ? 80  ILE A C   1 
ATOM   633  O  O   . ILE A 1 80  ? 7.681   6.056   -13.918 1.00 25.90  ? 80  ILE A O   1 
ATOM   634  C  CB  . ILE A 1 80  ? 5.884   8.510   -13.244 1.00 19.37  ? 80  ILE A CB  1 
ATOM   635  C  CG1 . ILE A 1 80  ? 5.251   9.443   -12.219 1.00 10.81  ? 80  ILE A CG1 1 
ATOM   636  C  CG2 . ILE A 1 80  ? 5.143   8.483   -14.561 1.00 21.18  ? 80  ILE A CG2 1 
ATOM   637  C  CD1 . ILE A 1 80  ? 5.125   10.832  -12.684 1.00 20.35  ? 80  ILE A CD1 1 
ATOM   638  N  N   . TYR A 1 81  ? 5.650   5.089   -13.989 1.00 17.08  ? 81  TYR A N   1 
ATOM   639  C  CA  . TYR A 1 81  ? 6.011   3.974   -14.887 1.00 10.56  ? 81  TYR A CA  1 
ATOM   640  C  C   . TYR A 1 81  ? 5.207   4.127   -16.147 1.00 11.72  ? 81  TYR A C   1 
ATOM   641  O  O   . TYR A 1 81  ? 4.087   4.623   -16.095 1.00 21.22  ? 81  TYR A O   1 
ATOM   642  C  CB  . TYR A 1 81  ? 5.712   2.591   -14.222 1.00 15.39  ? 81  TYR A CB  1 
ATOM   643  C  CG  . TYR A 1 81  ? 6.565   2.290   -12.971 1.00 10.60  ? 81  TYR A CG  1 
ATOM   644  C  CD1 . TYR A 1 81  ? 6.316   2.930   -11.756 1.00 9.94   ? 81  TYR A CD1 1 
ATOM   645  C  CD2 . TYR A 1 81  ? 7.680   1.468   -13.048 1.00 6.06   ? 81  TYR A CD2 1 
ATOM   646  C  CE1 . TYR A 1 81  ? 7.163   2.767   -10.673 1.00 6.85   ? 81  TYR A CE1 1 
ATOM   647  C  CE2 . TYR A 1 81  ? 8.528   1.304   -11.977 1.00 9.95   ? 81  TYR A CE2 1 
ATOM   648  C  CZ  . TYR A 1 81  ? 8.269   1.956   -10.787 1.00 13.78  ? 81  TYR A CZ  1 
ATOM   649  O  OH  . TYR A 1 81  ? 9.130   1.801   -9.709  1.00 11.81  ? 81  TYR A OH  1 
ATOM   650  N  N   . LYS A 1 82  ? 5.752   3.667   -17.274 1.00 20.67  ? 82  LYS A N   1 
ATOM   651  C  CA  . LYS A 1 82  ? 5.077   3.808   -18.575 1.00 20.98  ? 82  LYS A CA  1 
ATOM   652  C  C   . LYS A 1 82  ? 5.181   2.561   -19.418 1.00 13.86  ? 82  LYS A C   1 
ATOM   653  O  O   . LYS A 1 82  ? 6.242   1.943   -19.475 1.00 16.95  ? 82  LYS A O   1 
ATOM   654  C  CB  . LYS A 1 82  ? 5.714   4.989   -19.327 1.00 27.53  ? 82  LYS A CB  1 
ATOM   655  C  CG  . LYS A 1 82  ? 5.354   5.136   -20.811 1.00 35.49  ? 82  LYS A CG  1 
ATOM   656  C  CD  . LYS A 1 82  ? 6.268   6.167   -21.476 1.00 36.24  ? 82  LYS A CD  1 
ATOM   657  C  CE  . LYS A 1 82  ? 5.502   7.236   -22.269 1.00 44.42  ? 82  LYS A CE  1 
ATOM   658  N  NZ  . LYS A 1 82  ? 6.388   8.393   -22.701 1.00 49.37  ? 82  LYS A NZ  1 
ATOM   659  N  N   . VAL A 1 83  ? 4.074   2.164   -20.028 1.00 7.36   ? 83  VAL A N   1 
ATOM   660  C  CA  . VAL A 1 83  ? 4.095   0.998   -20.885 1.00 15.47  ? 83  VAL A CA  1 
ATOM   661  C  C   . VAL A 1 83  ? 3.824   1.559   -22.239 1.00 23.73  ? 83  VAL A C   1 
ATOM   662  O  O   . VAL A 1 83  ? 2.881   2.324   -22.395 1.00 28.85  ? 83  VAL A O   1 
ATOM   663  C  CB  . VAL A 1 83  ? 2.880   0.069   -20.770 1.00 21.99  ? 83  VAL A CB  1 
ATOM   664  C  CG1 . VAL A 1 83  ? 3.321   -1.383  -20.883 1.00 19.29  ? 83  VAL A CG1 1 
ATOM   665  C  CG2 . VAL A 1 83  ? 2.017   0.406   -19.598 1.00 20.93  ? 83  VAL A CG2 1 
ATOM   666  N  N   . SER A 1 84  ? 4.553   1.068   -23.230 1.00 21.54  ? 84  SER A N   1 
ATOM   667  C  CA  . SER A 1 84  ? 4.361   1.471   -24.597 1.00 18.42  ? 84  SER A CA  1 
ATOM   668  C  C   . SER A 1 84  ? 4.325   0.154   -25.302 1.00 18.65  ? 84  SER A C   1 
ATOM   669  O  O   . SER A 1 84  ? 5.188   -0.700  -25.047 1.00 19.33  ? 84  SER A O   1 
ATOM   670  C  CB  . SER A 1 84  ? 5.584   2.230   -25.097 1.00 18.15  ? 84  SER A CB  1 
ATOM   671  O  OG  . SER A 1 84  ? 5.809   3.367   -24.301 1.00 27.60  ? 84  SER A OG  1 
ATOM   672  N  N   . ILE A 1 85  ? 3.323   -0.070  -26.135 1.00 13.99  ? 85  ILE A N   1 
ATOM   673  C  CA  . ILE A 1 85  ? 3.340   -1.324  -26.850 1.00 22.52  ? 85  ILE A CA  1 
ATOM   674  C  C   . ILE A 1 85  ? 3.012   -1.118  -28.315 1.00 25.24  ? 85  ILE A C   1 
ATOM   675  O  O   . ILE A 1 85  ? 2.075   -0.385  -28.653 1.00 27.92  ? 85  ILE A O   1 
ATOM   676  C  CB  . ILE A 1 85  ? 2.505   -2.463  -26.164 1.00 28.68  ? 85  ILE A CB  1 
ATOM   677  C  CG1 . ILE A 1 85  ? 1.342   -2.873  -27.036 1.00 28.89  ? 85  ILE A CG1 1 
ATOM   678  C  CG2 . ILE A 1 85  ? 2.000   -2.069  -24.759 1.00 29.62  ? 85  ILE A CG2 1 
ATOM   679  C  CD1 . ILE A 1 85  ? 0.416   -3.775  -26.323 1.00 42.55  ? 85  ILE A CD1 1 
ATOM   680  N  N   . TYR A 1 86  ? 3.779   -1.816  -29.161 1.00 25.19  ? 86  TYR A N   1 
ATOM   681  C  CA  . TYR A 1 86  ? 3.719   -1.745  -30.630 1.00 24.40  ? 86  TYR A CA  1 
ATOM   682  C  C   . TYR A 1 86  ? 3.505   -3.053  -31.409 1.00 23.59  ? 86  TYR A C   1 
ATOM   683  O  O   . TYR A 1 86  ? 4.134   -4.065  -31.093 1.00 24.40  ? 86  TYR A O   1 
ATOM   684  C  CB  . TYR A 1 86  ? 5.075   -1.244  -31.131 1.00 21.33  ? 86  TYR A CB  1 
ATOM   685  C  CG  . TYR A 1 86  ? 5.624   -0.037  -30.432 1.00 19.28  ? 86  TYR A CG  1 
ATOM   686  C  CD1 . TYR A 1 86  ? 5.267   1.248   -30.840 1.00 24.89  ? 86  TYR A CD1 1 
ATOM   687  C  CD2 . TYR A 1 86  ? 6.506   -0.171  -29.366 1.00 18.70  ? 86  TYR A CD2 1 
ATOM   688  C  CE1 . TYR A 1 86  ? 5.778   2.382   -30.194 1.00 23.73  ? 86  TYR A CE1 1 
ATOM   689  C  CE2 . TYR A 1 86  ? 7.020   0.947   -28.720 1.00 19.60  ? 86  TYR A CE2 1 
ATOM   690  C  CZ  . TYR A 1 86  ? 6.648   2.223   -29.145 1.00 22.28  ? 86  TYR A CZ  1 
ATOM   691  O  OH  . TYR A 1 86  ? 7.151   3.349   -28.526 1.00 29.46  ? 86  TYR A OH  1 
ATOM   692  N  N   . ASP A 1 87  ? 2.769   -2.977  -32.522 1.00 22.90  ? 87  ASP A N   1 
ATOM   693  C  CA  . ASP A 1 87  ? 2.561   -4.137  -33.415 1.00 27.48  ? 87  ASP A CA  1 
ATOM   694  C  C   . ASP A 1 87  ? 3.789   -4.384  -34.311 1.00 29.93  ? 87  ASP A C   1 
ATOM   695  O  O   . ASP A 1 87  ? 4.830   -3.743  -34.141 1.00 32.30  ? 87  ASP A O   1 
ATOM   696  C  CB  . ASP A 1 87  ? 1.318   -3.953  -34.305 1.00 27.54  ? 87  ASP A CB  1 
ATOM   697  C  CG  . ASP A 1 87  ? 1.358   -2.679  -35.154 1.00 37.57  ? 87  ASP A CG  1 
ATOM   698  O  OD1 . ASP A 1 87  ? 2.457   -2.249  -35.563 1.00 42.95  ? 87  ASP A OD1 1 
ATOM   699  O  OD2 . ASP A 1 87  ? 0.277   -2.101  -35.422 1.00 34.20  ? 87  ASP A OD2 1 
ATOM   700  N  N   . THR A 1 88  ? 3.666   -5.289  -35.279 1.00 34.01  ? 88  THR A N   1 
ATOM   701  C  CA  . THR A 1 88  ? 4.786   -5.572  -36.184 1.00 38.00  ? 88  THR A CA  1 
ATOM   702  C  C   . THR A 1 88  ? 4.963   -4.504  -37.254 1.00 41.02  ? 88  THR A C   1 
ATOM   703  O  O   . THR A 1 88  ? 6.065   -4.307  -37.748 1.00 50.52  ? 88  THR A O   1 
ATOM   704  C  CB  . THR A 1 88  ? 4.641   -6.898  -36.883 1.00 35.15  ? 88  THR A CB  1 
ATOM   705  O  OG1 . THR A 1 88  ? 3.271   -7.081  -37.245 1.00 33.39  ? 88  THR A OG1 1 
ATOM   706  C  CG2 . THR A 1 88  ? 5.137   -8.019  -35.992 1.00 34.44  ? 88  THR A CG2 1 
ATOM   707  N  N   . LYS A 1 89  ? 3.879   -3.820  -37.604 1.00 38.63  ? 89  LYS A N   1 
ATOM   708  C  CA  . LYS A 1 89  ? 3.915   -2.756  -38.593 1.00 33.80  ? 89  LYS A CA  1 
ATOM   709  C  C   . LYS A 1 89  ? 4.400   -1.440  -37.952 1.00 36.58  ? 89  LYS A C   1 
ATOM   710  O  O   . LYS A 1 89  ? 4.071   -0.353  -38.432 1.00 33.19  ? 89  LYS A O   1 
ATOM   711  C  CB  . LYS A 1 89  ? 2.508   -2.564  -39.180 1.00 42.55  ? 89  LYS A CB  1 
ATOM   712  C  CG  . LYS A 1 89  ? 1.739   -3.870  -39.540 1.00 49.54  ? 89  LYS A CG  1 
ATOM   713  C  CD  . LYS A 1 89  ? 2.072   -4.457  -40.934 1.00 55.39  ? 89  LYS A CD  1 
ATOM   714  C  CE  . LYS A 1 89  ? 3.419   -5.217  -40.976 1.00 58.48  ? 89  LYS A CE  1 
ATOM   715  N  NZ  . LYS A 1 89  ? 3.719   -5.841  -42.305 1.00 57.19  ? 89  LYS A NZ  1 
ATOM   716  N  N   . GLY A 1 90  ? 5.113   -1.554  -36.826 1.00 42.24  ? 90  GLY A N   1 
ATOM   717  C  CA  . GLY A 1 90  ? 5.640   -0.402  -36.094 1.00 38.90  ? 90  GLY A CA  1 
ATOM   718  C  C   . GLY A 1 90  ? 4.718   0.514   -35.278 1.00 36.28  ? 90  GLY A C   1 
ATOM   719  O  O   . GLY A 1 90  ? 5.206   1.373   -34.533 1.00 37.80  ? 90  GLY A O   1 
ATOM   720  N  N   . LYS A 1 91  ? 3.407   0.343   -35.390 1.00 33.12  ? 91  LYS A N   1 
ATOM   721  C  CA  . LYS A 1 91  ? 2.459   1.194   -34.671 1.00 39.29  ? 91  LYS A CA  1 
ATOM   722  C  C   . LYS A 1 91  ? 2.354   1.061   -33.158 1.00 39.66  ? 91  LYS A C   1 
ATOM   723  O  O   . LYS A 1 91  ? 2.469   -0.026  -32.600 1.00 40.21  ? 91  LYS A O   1 
ATOM   724  C  CB  . LYS A 1 91  ? 1.060   1.100   -35.294 1.00 45.76  ? 91  LYS A CB  1 
ATOM   725  C  CG  . LYS A 1 91  ? 0.789   2.179   -36.355 1.00 52.67  ? 91  LYS A CG  1 
ATOM   726  C  CD  . LYS A 1 91  ? -0.590  2.085   -37.025 1.00 58.68  ? 91  LYS A CD  1 
ATOM   727  C  CE  . LYS A 1 91  ? -0.690  0.943   -38.051 1.00 59.68  ? 91  LYS A CE  1 
ATOM   728  N  NZ  . LYS A 1 91  ? -2.009  0.947   -38.755 1.00 59.64  ? 91  LYS A NZ  1 
ATOM   729  N  N   . ASN A 1 92  ? 2.137   2.198   -32.504 1.00 36.07  ? 92  ASN A N   1 
ATOM   730  C  CA  . ASN A 1 92  ? 1.995   2.254   -31.056 1.00 35.86  ? 92  ASN A CA  1 
ATOM   731  C  C   . ASN A 1 92  ? 0.552   1.952   -30.780 1.00 38.43  ? 92  ASN A C   1 
ATOM   732  O  O   . ASN A 1 92  ? -0.314  2.787   -31.020 1.00 40.23  ? 92  ASN A O   1 
ATOM   733  C  CB  . ASN A 1 92  ? 2.324   3.651   -30.537 1.00 33.81  ? 92  ASN A CB  1 
ATOM   734  C  CG  . ASN A 1 92  ? 1.931   3.850   -29.083 1.00 32.55  ? 92  ASN A CG  1 
ATOM   735  O  OD1 . ASN A 1 92  ? 2.639   3.415   -28.181 1.00 25.35  ? 92  ASN A OD1 1 
ATOM   736  N  ND2 . ASN A 1 92  ? 0.807   4.538   -28.852 1.00 32.66  ? 92  ASN A ND2 1 
ATOM   737  N  N   . VAL A 1 93  ? 0.301   0.760   -30.261 1.00 35.70  ? 93  VAL A N   1 
ATOM   738  C  CA  . VAL A 1 93  ? -1.053  0.335   -29.975 1.00 35.05  ? 93  VAL A CA  1 
ATOM   739  C  C   . VAL A 1 93  ? -1.632  0.873   -28.672 1.00 33.62  ? 93  VAL A C   1 
ATOM   740  O  O   . VAL A 1 93  ? -2.833  1.160   -28.577 1.00 36.12  ? 93  VAL A O   1 
ATOM   741  C  CB  . VAL A 1 93  ? -1.123  -1.162  -29.946 1.00 39.68  ? 93  VAL A CB  1 
ATOM   742  C  CG1 . VAL A 1 93  ? -2.572  -1.598  -29.895 1.00 50.75  ? 93  VAL A CG1 1 
ATOM   743  C  CG2 . VAL A 1 93  ? -0.426  -1.732  -31.166 1.00 47.18  ? 93  VAL A CG2 1 
ATOM   744  N  N   . LEU A 1 94  ? -0.777  1.031   -27.675 1.00 31.70  ? 94  LEU A N   1 
ATOM   745  C  CA  . LEU A 1 94  ? -1.216  1.519   -26.380 1.00 28.78  ? 94  LEU A CA  1 
ATOM   746  C  C   . LEU A 1 94  ? -0.075  2.101   -25.587 1.00 29.62  ? 94  LEU A C   1 
ATOM   747  O  O   . LEU A 1 94  ? 1.086   1.704   -25.731 1.00 34.33  ? 94  LEU A O   1 
ATOM   748  C  CB  . LEU A 1 94  ? -1.876  0.362   -25.583 1.00 38.00  ? 94  LEU A CB  1 
ATOM   749  C  CG  . LEU A 1 94  ? -2.129  0.338   -24.062 1.00 31.73  ? 94  LEU A CG  1 
ATOM   750  C  CD1 . LEU A 1 94  ? -3.274  -0.624  -23.756 1.00 29.96  ? 94  LEU A CD1 1 
ATOM   751  C  CD2 . LEU A 1 94  ? -0.858  -0.041  -23.302 1.00 26.66  ? 94  LEU A CD2 1 
ATOM   752  N  N   . GLU A 1 95  ? -0.441  3.025   -24.712 1.00 31.57  ? 95  GLU A N   1 
ATOM   753  C  CA  . GLU A 1 95  ? 0.497   3.677   -23.829 1.00 29.70  ? 95  GLU A CA  1 
ATOM   754  C  C   . GLU A 1 95  ? -0.259  4.029   -22.565 1.00 29.93  ? 95  GLU A C   1 
ATOM   755  O  O   . GLU A 1 95  ? -1.225  4.801   -22.606 1.00 27.40  ? 95  GLU A O   1 
ATOM   756  C  CB  . GLU A 1 95  ? 1.045   4.928   -24.479 1.00 31.60  ? 95  GLU A CB  1 
ATOM   757  C  CG  . GLU A 1 95  ? 2.193   5.509   -23.731 1.00 36.40  ? 95  GLU A CG  1 
ATOM   758  C  CD  . GLU A 1 95  ? 3.002   6.440   -24.590 1.00 45.58  ? 95  GLU A CD  1 
ATOM   759  O  OE1 . GLU A 1 95  ? 3.918   5.951   -25.294 1.00 46.95  ? 95  GLU A OE1 1 
ATOM   760  O  OE2 . GLU A 1 95  ? 2.716   7.658   -24.556 1.00 51.38  ? 95  GLU A OE2 1 
ATOM   761  N  N   . LYS A 1 96  ? 0.095   3.358   -21.475 1.00 28.17  ? 96  LYS A N   1 
ATOM   762  C  CA  . LYS A 1 96  ? -0.542  3.619   -20.197 1.00 30.46  ? 96  LYS A CA  1 
ATOM   763  C  C   . LYS A 1 96  ? 0.562   4.049   -19.255 1.00 27.38  ? 96  LYS A C   1 
ATOM   764  O  O   . LYS A 1 96  ? 1.722   3.681   -19.433 1.00 26.23  ? 96  LYS A O   1 
ATOM   765  C  CB  . LYS A 1 96  ? -1.315  2.393   -19.670 1.00 36.16  ? 96  LYS A CB  1 
ATOM   766  C  CG  . LYS A 1 96  ? -2.753  2.221   -20.230 1.00 36.76  ? 96  LYS A CG  1 
ATOM   767  C  CD  . LYS A 1 96  ? -3.813  2.615   -19.202 1.00 40.17  ? 96  LYS A CD  1 
ATOM   768  C  CE  . LYS A 1 96  ? -5.211  2.161   -19.602 1.00 42.59  ? 96  LYS A CE  1 
ATOM   769  N  NZ  . LYS A 1 96  ? -6.168  2.199   -18.427 1.00 54.51  ? 96  LYS A NZ  1 
ATOM   770  N  N   . ILE A 1 97  ? 0.207   4.906   -18.305 1.00 27.18  ? 97  ILE A N   1 
ATOM   771  C  CA  . ILE A 1 97  ? 1.169   5.429   -17.354 1.00 28.26  ? 97  ILE A CA  1 
ATOM   772  C  C   . ILE A 1 97  ? 0.625   5.329   -15.944 1.00 25.44  ? 97  ILE A C   1 
ATOM   773  O  O   . ILE A 1 97  ? -0.510  5.708   -15.691 1.00 24.30  ? 97  ILE A O   1 
ATOM   774  C  CB  . ILE A 1 97  ? 1.511   6.885   -17.691 1.00 33.98  ? 97  ILE A CB  1 
ATOM   775  C  CG1 . ILE A 1 97  ? 2.137   6.946   -19.085 1.00 33.86  ? 97  ILE A CG1 1 
ATOM   776  C  CG2 . ILE A 1 97  ? 2.453   7.461   -16.653 1.00 30.97  ? 97  ILE A CG2 1 
ATOM   777  C  CD1 . ILE A 1 97  ? 2.200   8.322   -19.665 1.00 33.67  ? 97  ILE A CD1 1 
ATOM   778  N  N   . PHE A 1 98  ? 1.475   4.875   -15.029 1.00 22.72  ? 98  PHE A N   1 
ATOM   779  C  CA  . PHE A 1 98  ? 1.097   4.658   -13.646 1.00 21.40  ? 98  PHE A CA  1 
ATOM   780  C  C   . PHE A 1 98  ? 1.906   5.497   -12.711 1.00 22.59  ? 98  PHE A C   1 
ATOM   781  O  O   . PHE A 1 98  ? 3.097   5.607   -12.890 1.00 28.79  ? 98  PHE A O   1 
ATOM   782  C  CB  . PHE A 1 98  ? 1.326   3.198   -13.319 1.00 24.47  ? 98  PHE A CB  1 
ATOM   783  C  CG  . PHE A 1 98  ? 0.540   2.265   -14.182 1.00 27.54  ? 98  PHE A CG  1 
ATOM   784  C  CD1 . PHE A 1 98  ? 1.010   1.894   -15.434 1.00 32.09  ? 98  PHE A CD1 1 
ATOM   785  C  CD2 . PHE A 1 98  ? -0.680  1.767   -13.749 1.00 28.79  ? 98  PHE A CD2 1 
ATOM   786  C  CE1 . PHE A 1 98  ? 0.271   1.034   -16.257 1.00 35.48  ? 98  PHE A CE1 1 
ATOM   787  C  CE2 . PHE A 1 98  ? -1.433  0.910   -14.549 1.00 30.46  ? 98  PHE A CE2 1 
ATOM   788  C  CZ  . PHE A 1 98  ? -0.957  0.539   -15.813 1.00 37.33  ? 98  PHE A CZ  1 
ATOM   789  N  N   . ASP A 1 99  ? 1.269   6.067   -11.694 1.00 23.49  ? 99  ASP A N   1 
ATOM   790  C  CA  . ASP A 1 99  ? 1.962   6.919   -10.711 1.00 20.10  ? 99  ASP A CA  1 
ATOM   791  C  C   . ASP A 1 99  ? 1.980   6.183   -9.365  1.00 25.23  ? 99  ASP A C   1 
ATOM   792  O  O   . ASP A 1 99  ? 1.137   6.415   -8.497  1.00 30.35  ? 99  ASP A O   1 
ATOM   793  C  CB  . ASP A 1 99  ? 1.212   8.250   -10.591 1.00 21.43  ? 99  ASP A CB  1 
ATOM   794  C  CG  . ASP A 1 99  ? 1.763   9.173   -9.498  1.00 26.96  ? 99  ASP A CG  1 
ATOM   795  O  OD1 . ASP A 1 99  ? 2.861   8.933   -8.942  1.00 29.61  ? 99  ASP A OD1 1 
ATOM   796  O  OD2 . ASP A 1 99  ? 1.070   10.183  -9.206  1.00 38.87  ? 99  ASP A OD2 1 
ATOM   797  N  N   . LEU A 1 100 ? 2.972   5.325   -9.182  1.00 21.93  ? 100 LEU A N   1 
ATOM   798  C  CA  . LEU A 1 100 ? 3.093   4.531   -7.969  1.00 19.57  ? 100 LEU A CA  1 
ATOM   799  C  C   . LEU A 1 100 ? 3.641   5.216   -6.734  1.00 23.00  ? 100 LEU A C   1 
ATOM   800  O  O   . LEU A 1 100 ? 4.740   5.750   -6.754  1.00 35.69  ? 100 LEU A O   1 
ATOM   801  C  CB  . LEU A 1 100 ? 3.910   3.288   -8.260  1.00 12.35  ? 100 LEU A CB  1 
ATOM   802  C  CG  . LEU A 1 100 ? 4.199   2.367   -7.087  1.00 16.42  ? 100 LEU A CG  1 
ATOM   803  C  CD1 . LEU A 1 100 ? 2.958   1.613   -6.639  1.00 13.93  ? 100 LEU A CD1 1 
ATOM   804  C  CD2 . LEU A 1 100 ? 5.211   1.383   -7.566  1.00 16.36  ? 100 LEU A CD2 1 
ATOM   805  N  N   . LYS A 1 101 ? 2.836   5.249   -5.677  1.00 25.00  ? 101 LYS A N   1 
ATOM   806  C  CA  . LYS A 1 101 ? 3.237   5.828   -4.402  1.00 22.21  ? 101 LYS A CA  1 
ATOM   807  C  C   . LYS A 1 101 ? 3.207   4.648   -3.448  1.00 19.21  ? 101 LYS A C   1 
ATOM   808  O  O   . LYS A 1 101 ? 2.476   3.696   -3.695  1.00 21.81  ? 101 LYS A O   1 
ATOM   809  C  CB  . LYS A 1 101 ? 2.217   6.866   -3.954  1.00 26.90  ? 101 LYS A CB  1 
ATOM   810  C  CG  . LYS A 1 101 ? 1.733   7.763   -5.061  1.00 27.33  ? 101 LYS A CG  1 
ATOM   811  C  CD  . LYS A 1 101 ? 1.103   9.015   -4.517  1.00 30.56  ? 101 LYS A CD  1 
ATOM   812  C  CE  . LYS A 1 101 ? 0.901   10.043  -5.619  1.00 32.50  ? 101 LYS A CE  1 
ATOM   813  N  NZ  . LYS A 1 101 ? 2.212   10.486  -6.185  1.00 43.23  ? 101 LYS A NZ  1 
ATOM   814  N  N   . ILE A 1 102 ? 4.059   4.630   -2.433  1.00 17.75  ? 102 ILE A N   1 
ATOM   815  C  CA  . ILE A 1 102 ? 4.005   3.500   -1.487  1.00 23.44  ? 102 ILE A CA  1 
ATOM   816  C  C   . ILE A 1 102 ? 3.879   3.925   -0.020  1.00 20.69  ? 102 ILE A C   1 
ATOM   817  O  O   . ILE A 1 102 ? 4.259   5.029   0.365   1.00 22.44  ? 102 ILE A O   1 
ATOM   818  C  CB  . ILE A 1 102 ? 5.207   2.487   -1.593  1.00 26.13  ? 102 ILE A CB  1 
ATOM   819  C  CG1 . ILE A 1 102 ? 6.291   2.857   -0.601  1.00 24.87  ? 102 ILE A CG1 1 
ATOM   820  C  CG2 . ILE A 1 102 ? 5.798   2.419   -3.005  1.00 23.53  ? 102 ILE A CG2 1 
ATOM   821  C  CD1 . ILE A 1 102 ? 7.417   1.896   -0.595  1.00 29.13  ? 102 ILE A CD1 1 
ATOM   822  N  N   . GLN A 1 103 ? 3.323   3.037   0.787   1.00 23.29  ? 103 GLN A N   1 
ATOM   823  C  CA  . GLN A 1 103 ? 3.145   3.298   2.206   1.00 23.70  ? 103 GLN A CA  1 
ATOM   824  C  C   . GLN A 1 103 ? 3.513   2.067   2.956   1.00 23.37  ? 103 GLN A C   1 
ATOM   825  O  O   . GLN A 1 103 ? 3.474   0.954   2.417   1.00 23.80  ? 103 GLN A O   1 
ATOM   826  C  CB  . GLN A 1 103 ? 1.696   3.584   2.549   1.00 22.43  ? 103 GLN A CB  1 
ATOM   827  C  CG  . GLN A 1 103 ? 1.246   4.985   2.276   1.00 24.98  ? 103 GLN A CG  1 
ATOM   828  C  CD  . GLN A 1 103 ? -0.211  5.165   2.603   1.00 25.38  ? 103 GLN A CD  1 
ATOM   829  O  OE1 . GLN A 1 103 ? -0.946  4.190   2.731   1.00 23.65  ? 103 GLN A OE1 1 
ATOM   830  N  NE2 . GLN A 1 103 ? -0.640  6.410   2.748   1.00 22.77  ? 103 GLN A NE2 1 
ATOM   831  N  N   . GLU A 1 104 ? 3.872   2.282   4.214   1.00 27.02  ? 104 GLU A N   1 
ATOM   832  C  CA  . GLU A 1 104 ? 4.207   1.187   5.108   1.00 21.25  ? 104 GLU A CA  1 
ATOM   833  C  C   . GLU A 1 104 ? 2.880   0.653   5.628   1.00 19.05  ? 104 GLU A C   1 
ATOM   834  O  O   . GLU A 1 104 ? 1.960   1.448   5.914   1.00 14.24  ? 104 GLU A O   1 
ATOM   835  C  CB  . GLU A 1 104 ? 5.015   1.708   6.284   1.00 17.17  ? 104 GLU A CB  1 
ATOM   836  C  CG  . GLU A 1 104 ? 5.633   0.600   7.061   1.00 16.59  ? 104 GLU A CG  1 
ATOM   837  C  CD  . GLU A 1 104 ? 6.504   1.097   8.168   1.00 21.97  ? 104 GLU A CD  1 
ATOM   838  O  OE1 . GLU A 1 104 ? 6.222   2.210   8.669   1.00 16.08  ? 104 GLU A OE1 1 
ATOM   839  O  OE2 . GLU A 1 104 ? 7.467   0.367   8.530   1.00 21.81  ? 104 GLU A OE2 1 
ATOM   840  N  N   . ARG A 1 105 ? 2.734   -0.671  5.626   1.00 22.23  ? 105 ARG A N   1 
ATOM   841  C  CA  . ARG A 1 105 ? 1.525   -1.289  6.174   1.00 22.89  ? 105 ARG A CA  1 
ATOM   842  C  C   . ARG A 1 105 ? 1.557   -0.856  7.634   1.00 27.71  ? 105 ARG A C   1 
ATOM   843  O  O   . ARG A 1 105 ? 2.617   -0.658  8.236   1.00 25.20  ? 105 ARG A O   1 
ATOM   844  C  CB  . ARG A 1 105 ? 1.588   -2.819  6.180   1.00 19.71  ? 105 ARG A CB  1 
ATOM   845  C  CG  . ARG A 1 105 ? 1.111   -3.515  4.954   1.00 22.98  ? 105 ARG A CG  1 
ATOM   846  C  CD  . ARG A 1 105 ? 0.796   -4.957  5.269   1.00 27.10  ? 105 ARG A CD  1 
ATOM   847  N  NE  . ARG A 1 105 ? 1.986   -5.745  5.559   1.00 32.70  ? 105 ARG A NE  1 
ATOM   848  C  CZ  . ARG A 1 105 ? 2.391   -6.085  6.780   1.00 42.22  ? 105 ARG A CZ  1 
ATOM   849  N  NH1 . ARG A 1 105 ? 1.700   -5.696  7.853   1.00 46.84  ? 105 ARG A NH1 1 
ATOM   850  N  NH2 . ARG A 1 105 ? 3.474   -6.846  6.935   1.00 45.05  ? 105 ARG A NH2 1 
ATOM   851  N  N   . VAL A 1 106 ? 0.376   -0.737  8.199   1.00 30.38  ? 106 VAL A N   1 
ATOM   852  C  CA  . VAL A 1 106 ? 0.201   -0.348  9.575   1.00 18.31  ? 106 VAL A CA  1 
ATOM   853  C  C   . VAL A 1 106 ? 0.387   -1.599  10.473  1.00 17.03  ? 106 VAL A C   1 
ATOM   854  O  O   . VAL A 1 106 ? 0.248   -2.733  10.028  1.00 18.63  ? 106 VAL A O   1 
ATOM   855  C  CB  . VAL A 1 106 ? -1.191  0.239   9.660   1.00 12.51  ? 106 VAL A CB  1 
ATOM   856  C  CG1 . VAL A 1 106 ? -2.006  -0.441  10.689  1.00 21.88  ? 106 VAL A CG1 1 
ATOM   857  C  CG2 . VAL A 1 106 ? -1.116  1.693   9.844   1.00 6.50   ? 106 VAL A CG2 1 
ATOM   858  N  N   . SER A 1 107 ? 0.778   -1.397  11.719  1.00 22.14  ? 107 SER A N   1 
ATOM   859  C  CA  . SER A 1 107 ? 0.945   -2.523  12.635  1.00 25.20  ? 107 SER A CA  1 
ATOM   860  C  C   . SER A 1 107 ? -0.278  -2.583  13.567  1.00 25.38  ? 107 SER A C   1 
ATOM   861  O  O   . SER A 1 107 ? -1.073  -1.640  13.585  1.00 25.77  ? 107 SER A O   1 
ATOM   862  C  CB  . SER A 1 107 ? 2.198   -2.310  13.465  1.00 20.60  ? 107 SER A CB  1 
ATOM   863  O  OG  . SER A 1 107 ? 2.099   -1.071  14.125  1.00 23.16  ? 107 SER A OG  1 
ATOM   864  N  N   . LYS A 1 108 ? -0.465  -3.696  14.289  1.00 24.50  ? 108 LYS A N   1 
ATOM   865  C  CA  . LYS A 1 108 ? -1.596  -3.809  15.223  1.00 22.09  ? 108 LYS A CA  1 
ATOM   866  C  C   . LYS A 1 108 ? -1.387  -2.733  16.262  1.00 16.54  ? 108 LYS A C   1 
ATOM   867  O  O   . LYS A 1 108 ? -0.314  -2.628  16.825  1.00 16.39  ? 108 LYS A O   1 
ATOM   868  C  CB  . LYS A 1 108 ? -1.621  -5.157  15.918  1.00 25.67  ? 108 LYS A CB  1 
ATOM   869  C  CG  . LYS A 1 108 ? -2.524  -6.141  15.248  1.00 38.56  ? 108 LYS A CG  1 
ATOM   870  C  CD  . LYS A 1 108 ? -2.731  -7.403  16.088  1.00 43.99  ? 108 LYS A CD  1 
ATOM   871  C  CE  . LYS A 1 108 ? -3.486  -8.482  15.287  1.00 48.25  ? 108 LYS A CE  1 
ATOM   872  N  NZ  . LYS A 1 108 ? -2.765  -8.944  14.034  1.00 43.93  ? 108 LYS A NZ  1 
ATOM   873  N  N   . PRO A 1 109 ? -2.401  -1.900  16.518  1.00 10.67  ? 109 PRO A N   1 
ATOM   874  C  CA  . PRO A 1 109 ? -2.241  -0.836  17.509  1.00 9.22   ? 109 PRO A CA  1 
ATOM   875  C  C   . PRO A 1 109 ? -1.968  -1.408  18.883  1.00 12.79  ? 109 PRO A C   1 
ATOM   876  O  O   . PRO A 1 109 ? -2.305  -2.547  19.126  1.00 21.22  ? 109 PRO A O   1 
ATOM   877  C  CB  . PRO A 1 109 ? -3.584  -0.126  17.447  1.00 10.80  ? 109 PRO A CB  1 
ATOM   878  C  CG  . PRO A 1 109 ? -4.049  -0.395  16.061  1.00 2.74   ? 109 PRO A CG  1 
ATOM   879  C  CD  . PRO A 1 109 ? -3.722  -1.818  15.883  1.00 9.68   ? 109 PRO A CD  1 
ATOM   880  N  N   . LYS A 1 110 ? -1.335  -0.628  19.762  1.00 15.49  ? 110 LYS A N   1 
ATOM   881  C  CA  . LYS A 1 110 ? -1.005  -1.055  21.117  1.00 14.58  ? 110 LYS A CA  1 
ATOM   882  C  C   . LYS A 1 110 ? -1.749  -0.179  22.084  1.00 19.98  ? 110 LYS A C   1 
ATOM   883  O  O   . LYS A 1 110 ? -1.652  1.040   22.032  1.00 29.12  ? 110 LYS A O   1 
ATOM   884  C  CB  . LYS A 1 110 ? 0.480   -0.910  21.409  1.00 10.70  ? 110 LYS A CB  1 
ATOM   885  C  CG  . LYS A 1 110 ? 0.849   -1.288  22.836  1.00 17.35  ? 110 LYS A CG  1 
ATOM   886  C  CD  . LYS A 1 110 ? 2.210   -0.726  23.254  1.00 20.32  ? 110 LYS A CD  1 
ATOM   887  C  CE  . LYS A 1 110 ? 2.647   -1.193  24.647  1.00 31.90  ? 110 LYS A CE  1 
ATOM   888  N  NZ  . LYS A 1 110 ? 3.887   -0.495  25.144  1.00 39.18  ? 110 LYS A NZ  1 
ATOM   889  N  N   . ILE A 1 111 ? -2.474  -0.809  22.995  1.00 24.51  ? 111 ILE A N   1 
ATOM   890  C  CA  . ILE A 1 111 ? -3.243  -0.076  23.992  1.00 15.71  ? 111 ILE A CA  1 
ATOM   891  C  C   . ILE A 1 111 ? -2.564  -0.277  25.328  1.00 13.63  ? 111 ILE A C   1 
ATOM   892  O  O   . ILE A 1 111 ? -2.168  -1.394  25.674  1.00 18.22  ? 111 ILE A O   1 
ATOM   893  C  CB  . ILE A 1 111 ? -4.683  -0.592  24.042  1.00 18.53  ? 111 ILE A CB  1 
ATOM   894  C  CG1 . ILE A 1 111 ? -5.265  -0.639  22.631  1.00 14.55  ? 111 ILE A CG1 1 
ATOM   895  C  CG2 . ILE A 1 111 ? -5.527  0.334   24.856  1.00 20.68  ? 111 ILE A CG2 1 
ATOM   896  C  CD1 . ILE A 1 111 ? -6.561  -1.378  22.477  1.00 16.25  ? 111 ILE A CD1 1 
ATOM   897  N  N   . SER A 1 112 ? -2.375  0.818   26.046  1.00 13.41  ? 112 SER A N   1 
ATOM   898  C  CA  . SER A 1 112 ? -1.716  0.794   27.335  1.00 16.05  ? 112 SER A CA  1 
ATOM   899  C  C   . SER A 1 112 ? -2.601  1.569   28.272  1.00 15.60  ? 112 SER A C   1 
ATOM   900  O  O   . SER A 1 112 ? -3.390  2.385   27.813  1.00 16.35  ? 112 SER A O   1 
ATOM   901  C  CB  . SER A 1 112 ? -0.366  1.504   27.225  1.00 20.41  ? 112 SER A CB  1 
ATOM   902  O  OG  . SER A 1 112 ? 0.397   0.977   26.159  1.00 22.45  ? 112 SER A OG  1 
ATOM   903  N  N   . TRP A 1 113 ? -2.485  1.322   29.580  1.00 24.12  ? 113 TRP A N   1 
ATOM   904  C  CA  . TRP A 1 113 ? -3.317  2.029   30.573  1.00 24.91  ? 113 TRP A CA  1 
ATOM   905  C  C   . TRP A 1 113 ? -2.911  1.811   32.032  1.00 28.01  ? 113 TRP A C   1 
ATOM   906  O  O   . TRP A 1 113 ? -2.187  0.853   32.334  1.00 32.95  ? 113 TRP A O   1 
ATOM   907  C  CB  . TRP A 1 113 ? -4.773  1.593   30.396  1.00 26.66  ? 113 TRP A CB  1 
ATOM   908  C  CG  . TRP A 1 113 ? -4.909  0.136   30.040  1.00 25.99  ? 113 TRP A CG  1 
ATOM   909  C  CD1 . TRP A 1 113 ? -4.606  -0.468  28.840  1.00 35.62  ? 113 TRP A CD1 1 
ATOM   910  C  CD2 . TRP A 1 113 ? -5.265  -0.907  30.913  1.00 23.36  ? 113 TRP A CD2 1 
ATOM   911  N  NE1 . TRP A 1 113 ? -4.734  -1.836  28.927  1.00 30.07  ? 113 TRP A NE1 1 
ATOM   912  C  CE2 . TRP A 1 113 ? -5.137  -2.131  30.195  1.00 31.56  ? 113 TRP A CE2 1 
ATOM   913  C  CE3 . TRP A 1 113 ? -5.673  -0.937  32.234  1.00 18.70  ? 113 TRP A CE3 1 
ATOM   914  C  CZ2 . TRP A 1 113 ? -5.401  -3.352  30.765  1.00 32.53  ? 113 TRP A CZ2 1 
ATOM   915  C  CZ3 . TRP A 1 113 ? -5.941  -2.153  32.807  1.00 38.05  ? 113 TRP A CZ3 1 
ATOM   916  C  CH2 . TRP A 1 113 ? -5.802  -3.352  32.073  1.00 43.23  ? 113 TRP A CH2 1 
ATOM   917  N  N   . THR A 1 114 ? -3.237  2.778   32.898  1.00 24.84  ? 114 THR A N   1 
ATOM   918  C  CA  . THR A 1 114 ? -3.009  2.628   34.346  1.00 16.63  ? 114 THR A CA  1 
ATOM   919  C  C   . THR A 1 114 ? -4.400  2.792   34.887  1.00 18.15  ? 114 THR A C   1 
ATOM   920  O  O   . THR A 1 114 ? -5.203  3.536   34.329  1.00 17.45  ? 114 THR A O   1 
ATOM   921  C  CB  . THR A 1 114 ? -2.291  3.770   35.038  1.00 12.21  ? 114 THR A CB  1 
ATOM   922  O  OG1 . THR A 1 114 ? -2.334  4.919   34.212  1.00 17.11  ? 114 THR A OG1 1 
ATOM   923  C  CG2 . THR A 1 114 ? -0.917  3.412   35.377  1.00 13.21  ? 114 THR A CG2 1 
ATOM   924  N  N   . CYS A 1 115 ? -4.696  2.096   35.973  1.00 22.84  ? 115 CYS A N   1 
ATOM   925  C  CA  . CYS A 1 115 ? -5.993  2.233   36.604  1.00 13.89  ? 115 CYS A CA  1 
ATOM   926  C  C   . CYS A 1 115 ? -5.758  3.315   37.665  1.00 10.57  ? 115 CYS A C   1 
ATOM   927  O  O   . CYS A 1 115 ? -6.600  4.192   37.877  1.00 16.46  ? 115 CYS A O   1 
ATOM   928  C  CB  . CYS A 1 115 ? -6.435  0.892   37.190  1.00 10.12  ? 115 CYS A CB  1 
ATOM   929  S  SG  . CYS A 1 115 ? -7.026  -0.313  35.953  1.00 9.43   ? 115 CYS A SG  1 
ATOM   930  N  N   . ILE A 1 116 ? -4.555  3.319   38.235  1.00 6.13   ? 116 ILE A N   1 
ATOM   931  C  CA  . ILE A 1 116 ? -4.195  4.304   39.260  1.00 7.09   ? 116 ILE A CA  1 
ATOM   932  C  C   . ILE A 1 116 ? -4.361  5.708   38.751  1.00 11.02  ? 116 ILE A C   1 
ATOM   933  O  O   . ILE A 1 116 ? -4.890  6.574   39.455  1.00 23.02  ? 116 ILE A O   1 
ATOM   934  C  CB  . ILE A 1 116 ? -2.788  4.104   39.717  1.00 7.34   ? 116 ILE A CB  1 
ATOM   935  C  CG1 . ILE A 1 116 ? -2.599  2.621   39.994  1.00 9.67   ? 116 ILE A CG1 1 
ATOM   936  C  CG2 . ILE A 1 116 ? -2.542  4.891   40.958  1.00 12.32  ? 116 ILE A CG2 1 
ATOM   937  C  CD1 . ILE A 1 116 ? -1.269  2.214   40.542  1.00 10.58  ? 116 ILE A CD1 1 
ATOM   938  N  N   . ASN A 1 117 ? -3.815  5.961   37.568  1.00 23.36  ? 117 ASN A N   1 
ATOM   939  C  CA  . ASN A 1 117 ? -3.981  7.256   36.916  1.00 26.66  ? 117 ASN A CA  1 
ATOM   940  C  C   . ASN A 1 117 ? -4.976  6.823   35.920  1.00 28.62  ? 117 ASN A C   1 
ATOM   941  O  O   . ASN A 1 117 ? -4.858  5.764   35.324  1.00 36.82  ? 117 ASN A O   1 
ATOM   942  C  CB  . ASN A 1 117 ? -2.715  7.701   36.297  1.00 34.05  ? 117 ASN A CB  1 
ATOM   943  C  CG  . ASN A 1 117 ? -1.695  7.925   37.319  1.00 49.92  ? 117 ASN A CG  1 
ATOM   944  O  OD1 . ASN A 1 117 ? -0.702  7.208   37.404  1.00 51.46  ? 117 ASN A OD1 1 
ATOM   945  N  ND2 . ASN A 1 117 ? -2.004  8.860   38.202  1.00 68.19  ? 117 ASN A ND2 1 
ATOM   946  N  N   . THR A 1 118 ? -6.076  7.516   35.913  1.00 23.51  ? 118 THR A N   1 
ATOM   947  C  CA  . THR A 1 118 ? -7.126  7.103   35.056  1.00 22.60  ? 118 THR A CA  1 
ATOM   948  C  C   . THR A 1 118 ? -6.757  7.588   33.684  1.00 26.29  ? 118 THR A C   1 
ATOM   949  O  O   . THR A 1 118 ? -7.133  8.688   33.272  1.00 31.60  ? 118 THR A O   1 
ATOM   950  C  CB  . THR A 1 118 ? -8.391  7.644   35.630  1.00 20.46  ? 118 THR A CB  1 
ATOM   951  O  OG1 . THR A 1 118 ? -8.112  8.916   36.233  1.00 12.51  ? 118 THR A OG1 1 
ATOM   952  C  CG2 . THR A 1 118 ? -8.829  6.734   36.716  1.00 15.85  ? 118 THR A CG2 1 
ATOM   953  N  N   . THR A 1 119 ? -5.947  6.765   33.019  1.00 17.77  ? 119 THR A N   1 
ATOM   954  C  CA  . THR A 1 119 ? -5.427  7.074   31.698  1.00 16.28  ? 119 THR A CA  1 
ATOM   955  C  C   . THR A 1 119 ? -5.252  5.849   30.814  1.00 16.88  ? 119 THR A C   1 
ATOM   956  O  O   . THR A 1 119 ? -4.708  4.829   31.243  1.00 18.63  ? 119 THR A O   1 
ATOM   957  C  CB  . THR A 1 119 ? -4.021  7.756   31.778  1.00 16.52  ? 119 THR A CB  1 
ATOM   958  O  OG1 . THR A 1 119 ? -4.081  9.015   32.472  1.00 16.24  ? 119 THR A OG1 1 
ATOM   959  C  CG2 . THR A 1 119 ? -3.500  8.007   30.407  1.00 15.55  ? 119 THR A CG2 1 
ATOM   960  N  N   . LEU A 1 120 ? -5.588  6.026   29.535  1.00 22.22  ? 120 LEU A N   1 
ATOM   961  C  CA  . LEU A 1 120 ? -5.489  4.991   28.488  1.00 19.89  ? 120 LEU A CA  1 
ATOM   962  C  C   . LEU A 1 120 ? -4.890  5.613   27.209  1.00 15.42  ? 120 LEU A C   1 
ATOM   963  O  O   . LEU A 1 120 ? -5.280  6.698   26.768  1.00 18.87  ? 120 LEU A O   1 
ATOM   964  C  CB  . LEU A 1 120 ? -6.880  4.414   28.207  1.00 14.91  ? 120 LEU A CB  1 
ATOM   965  C  CG  . LEU A 1 120 ? -7.188  3.319   27.166  1.00 18.69  ? 120 LEU A CG  1 
ATOM   966  C  CD1 . LEU A 1 120 ? -6.992  3.767   25.741  1.00 12.22  ? 120 LEU A CD1 1 
ATOM   967  C  CD2 . LEU A 1 120 ? -6.370  2.106   27.452  1.00 22.40  ? 120 LEU A CD2 1 
ATOM   968  N  N   . THR A 1 121 ? -4.024  4.854   26.566  1.00 17.61  ? 121 THR A N   1 
ATOM   969  C  CA  . THR A 1 121 ? -3.287  5.292   25.376  1.00 15.93  ? 121 THR A CA  1 
ATOM   970  C  C   . THR A 1 121 ? -3.346  4.276   24.241  1.00 18.14  ? 121 THR A C   1 
ATOM   971  O  O   . THR A 1 121 ? -3.278  3.073   24.482  1.00 22.11  ? 121 THR A O   1 
ATOM   972  C  CB  . THR A 1 121 ? -1.789  5.460   25.783  1.00 15.40  ? 121 THR A CB  1 
ATOM   973  O  OG1 . THR A 1 121 ? -1.498  6.838   26.043  1.00 19.07  ? 121 THR A OG1 1 
ATOM   974  C  CG2 . THR A 1 121 ? -0.813  4.825   24.801  1.00 13.55  ? 121 THR A CG2 1 
ATOM   975  N  N   . CYS A 1 122 ? -3.518  4.748   23.012  1.00 20.42  ? 122 CYS A N   1 
ATOM   976  C  CA  . CYS A 1 122 ? -3.480  3.847   21.849  1.00 20.52  ? 122 CYS A CA  1 
ATOM   977  C  C   . CYS A 1 122 ? -2.455  4.434   20.904  1.00 20.87  ? 122 CYS A C   1 
ATOM   978  O  O   . CYS A 1 122 ? -2.515  5.618   20.588  1.00 28.62  ? 122 CYS A O   1 
ATOM   979  C  CB  . CYS A 1 122 ? -4.794  3.756   21.100  1.00 14.46  ? 122 CYS A CB  1 
ATOM   980  S  SG  . CYS A 1 122 ? -4.555  2.710   19.624  1.00 16.85  ? 122 CYS A SG  1 
ATOM   981  N  N   . GLU A 1 123 ? -1.575  3.595   20.388  1.00 21.17  ? 123 GLU A N   1 
ATOM   982  C  CA  . GLU A 1 123 ? -0.500  4.054   19.521  1.00 22.31  ? 123 GLU A CA  1 
ATOM   983  C  C   . GLU A 1 123 ? -0.190  2.993   18.464  1.00 26.63  ? 123 GLU A C   1 
ATOM   984  O  O   . GLU A 1 123 ? -0.442  1.819   18.688  1.00 30.14  ? 123 GLU A O   1 
ATOM   985  C  CB  . GLU A 1 123 ? 0.729   4.283   20.414  1.00 20.95  ? 123 GLU A CB  1 
ATOM   986  C  CG  . GLU A 1 123 ? 2.010   4.619   19.693  1.00 31.85  ? 123 GLU A CG  1 
ATOM   987  C  CD  . GLU A 1 123 ? 3.198   4.708   20.623  1.00 34.56  ? 123 GLU A CD  1 
ATOM   988  O  OE1 . GLU A 1 123 ? 3.035   4.502   21.849  1.00 45.71  ? 123 GLU A OE1 1 
ATOM   989  O  OE2 . GLU A 1 123 ? 4.307   4.960   20.126  1.00 33.34  ? 123 GLU A OE2 1 
ATOM   990  N  N   . VAL A 1 124 ? 0.296   3.394   17.294  1.00 31.39  ? 124 VAL A N   1 
ATOM   991  C  CA  . VAL A 1 124 ? 0.667   2.414   16.268  1.00 23.08  ? 124 VAL A CA  1 
ATOM   992  C  C   . VAL A 1 124 ? 2.094   2.762   15.919  1.00 25.98  ? 124 VAL A C   1 
ATOM   993  O  O   . VAL A 1 124 ? 2.438   3.923   15.691  1.00 29.60  ? 124 VAL A O   1 
ATOM   994  C  CB  . VAL A 1 124 ? -0.291  2.419   15.056  1.00 20.61  ? 124 VAL A CB  1 
ATOM   995  C  CG1 . VAL A 1 124 ? -0.137  3.640   14.242  1.00 23.76  ? 124 VAL A CG1 1 
ATOM   996  C  CG2 . VAL A 1 124 ? -0.118  1.182   14.232  1.00 20.77  ? 124 VAL A CG2 1 
ATOM   997  N  N   . MET A 1 125 ? 2.950   1.762   16.020  1.00 28.65  ? 125 MET A N   1 
ATOM   998  C  CA  . MET A 1 125 ? 4.371   1.935   15.779  1.00 34.70  ? 125 MET A CA  1 
ATOM   999  C  C   . MET A 1 125 ? 4.777   2.016   14.302  1.00 32.58  ? 125 MET A C   1 
ATOM   1000 O  O   . MET A 1 125 ? 5.658   2.801   13.920  1.00 36.53  ? 125 MET A O   1 
ATOM   1001 C  CB  . MET A 1 125 ? 5.095   0.804   16.480  1.00 34.48  ? 125 MET A CB  1 
ATOM   1002 C  CG  . MET A 1 125 ? 6.562   0.953   16.555  1.00 39.92  ? 125 MET A CG  1 
ATOM   1003 S  SD  . MET A 1 125 ? 7.201   -0.694  16.806  1.00 46.52  ? 125 MET A SD  1 
ATOM   1004 C  CE  . MET A 1 125 ? 7.912   -0.437  18.442  1.00 51.36  ? 125 MET A CE  1 
ATOM   1005 N  N   . ASN A 1 126 ? 4.157   1.181   13.486  1.00 27.86  ? 126 ASN A N   1 
ATOM   1006 C  CA  . ASN A 1 126 ? 4.450   1.180   12.072  1.00 33.21  ? 126 ASN A CA  1 
ATOM   1007 C  C   . ASN A 1 126 ? 3.275   1.659   11.266  1.00 32.57  ? 126 ASN A C   1 
ATOM   1008 O  O   . ASN A 1 126 ? 2.142   1.412   11.641  1.00 31.76  ? 126 ASN A O   1 
ATOM   1009 C  CB  . ASN A 1 126 ? 4.783   -0.212  11.592  1.00 35.96  ? 126 ASN A CB  1 
ATOM   1010 C  CG  . ASN A 1 126 ? 6.130   -0.691  12.058  1.00 43.71  ? 126 ASN A CG  1 
ATOM   1011 O  OD1 . ASN A 1 126 ? 7.044   0.075   12.394  1.00 42.41  ? 126 ASN A OD1 1 
ATOM   1012 N  ND2 . ASN A 1 126 ? 6.222   -2.008  12.063  1.00 55.02  ? 126 ASN A ND2 1 
ATOM   1013 N  N   . GLY A 1 127 ? 3.567   2.257   10.112  1.00 28.02  ? 127 GLY A N   1 
ATOM   1014 C  CA  . GLY A 1 127 ? 2.540   2.746   9.228   1.00 25.62  ? 127 GLY A CA  1 
ATOM   1015 C  C   . GLY A 1 127 ? 2.774   4.175   8.800   1.00 28.69  ? 127 GLY A C   1 
ATOM   1016 O  O   . GLY A 1 127 ? 3.154   5.007   9.625   1.00 36.97  ? 127 GLY A O   1 
ATOM   1017 N  N   . THR A 1 128 ? 2.532   4.454   7.516   1.00 24.74  ? 128 THR A N   1 
ATOM   1018 C  CA  . THR A 1 128 ? 2.706   5.785   6.948   1.00 16.58  ? 128 THR A CA  1 
ATOM   1019 C  C   . THR A 1 128 ? 1.400   6.522   7.076   1.00 19.51  ? 128 THR A C   1 
ATOM   1020 O  O   . THR A 1 128 ? 0.361   5.958   6.741   1.00 19.64  ? 128 THR A O   1 
ATOM   1021 C  CB  . THR A 1 128 ? 3.012   5.696   5.438   1.00 19.86  ? 128 THR A CB  1 
ATOM   1022 O  OG1 . THR A 1 128 ? 4.253   5.025   5.243   1.00 20.38  ? 128 THR A OG1 1 
ATOM   1023 C  CG2 . THR A 1 128 ? 3.070   7.061   4.803   1.00 14.73  ? 128 THR A CG2 1 
ATOM   1024 N  N   . ASP A 1 129 ? 1.459   7.778   7.528   1.00 20.55  ? 129 ASP A N   1 
ATOM   1025 C  CA  . ASP A 1 129 ? 0.280   8.644   7.681   1.00 25.77  ? 129 ASP A CA  1 
ATOM   1026 C  C   . ASP A 1 129 ? -0.976  7.901   8.113   1.00 26.66  ? 129 ASP A C   1 
ATOM   1027 O  O   . ASP A 1 129 ? -2.042  8.011   7.495   1.00 24.93  ? 129 ASP A O   1 
ATOM   1028 C  CB  . ASP A 1 129 ? 0.008   9.403   6.383   1.00 37.47  ? 129 ASP A CB  1 
ATOM   1029 C  CG  . ASP A 1 129 ? 1.158   10.305  5.984   1.00 48.49  ? 129 ASP A CG  1 
ATOM   1030 O  OD1 . ASP A 1 129 ? 1.724   11.022  6.856   1.00 51.72  ? 129 ASP A OD1 1 
ATOM   1031 O  OD2 . ASP A 1 129 ? 1.501   10.285  4.785   1.00 56.62  ? 129 ASP A OD2 1 
ATOM   1032 N  N   . PRO A 1 130 ? -0.900  7.233   9.268   1.00 25.31  ? 130 PRO A N   1 
ATOM   1033 C  CA  . PRO A 1 130 ? -2.044  6.485   9.741   1.00 17.65  ? 130 PRO A CA  1 
ATOM   1034 C  C   . PRO A 1 130 ? -3.119  7.339   10.329  1.00 20.36  ? 130 PRO A C   1 
ATOM   1035 O  O   . PRO A 1 130 ? -2.921  8.519   10.598  1.00 25.56  ? 130 PRO A O   1 
ATOM   1036 C  CB  . PRO A 1 130 ? -1.422  5.630   10.813  1.00 18.87  ? 130 PRO A CB  1 
ATOM   1037 C  CG  . PRO A 1 130 ? -0.470  6.568   11.431  1.00 21.81  ? 130 PRO A CG  1 
ATOM   1038 C  CD  . PRO A 1 130 ? 0.191   7.188   10.256  1.00 23.36  ? 130 PRO A CD  1 
ATOM   1039 N  N   . GLU A 1 131 ? -4.279  6.720   10.476  1.00 17.38  ? 131 GLU A N   1 
ATOM   1040 C  CA  . GLU A 1 131 ? -5.428  7.327   11.113  1.00 18.75  ? 131 GLU A CA  1 
ATOM   1041 C  C   . GLU A 1 131 ? -5.868  6.383   12.258  1.00 19.83  ? 131 GLU A C   1 
ATOM   1042 O  O   . GLU A 1 131 ? -6.021  5.180   12.051  1.00 18.35  ? 131 GLU A O   1 
ATOM   1043 C  CB  . GLU A 1 131 ? -6.562  7.451   10.133  1.00 20.41  ? 131 GLU A CB  1 
ATOM   1044 C  CG  . GLU A 1 131 ? -7.790  7.910   10.823  1.00 38.65  ? 131 GLU A CG  1 
ATOM   1045 C  CD  . GLU A 1 131 ? -8.780  8.498   9.882   1.00 48.45  ? 131 GLU A CD  1 
ATOM   1046 O  OE1 . GLU A 1 131 ? -8.477  9.578   9.318   1.00 54.64  ? 131 GLU A OE1 1 
ATOM   1047 O  OE2 . GLU A 1 131 ? -9.861  7.885   9.715   1.00 54.17  ? 131 GLU A OE2 1 
ATOM   1048 N  N   . LEU A 1 132 ? -6.041  6.917   13.462  1.00 22.14  ? 132 LEU A N   1 
ATOM   1049 C  CA  . LEU A 1 132 ? -6.484  6.113   14.606  1.00 24.63  ? 132 LEU A CA  1 
ATOM   1050 C  C   . LEU A 1 132 ? -7.888  6.472   15.164  1.00 23.48  ? 132 LEU A C   1 
ATOM   1051 O  O   . LEU A 1 132 ? -8.281  7.636   15.230  1.00 22.89  ? 132 LEU A O   1 
ATOM   1052 C  CB  . LEU A 1 132 ? -5.439  6.153   15.733  1.00 22.74  ? 132 LEU A CB  1 
ATOM   1053 C  CG  . LEU A 1 132 ? -4.025  5.647   15.413  1.00 25.79  ? 132 LEU A CG  1 
ATOM   1054 C  CD1 . LEU A 1 132 ? -3.137  6.781   14.963  1.00 26.19  ? 132 LEU A CD1 1 
ATOM   1055 C  CD2 . LEU A 1 132 ? -3.437  5.012   16.632  1.00 20.42  ? 132 LEU A CD2 1 
ATOM   1056 N  N   . ASN A 1 133 ? -8.671  5.453   15.499  1.00 26.95  ? 133 ASN A N   1 
ATOM   1057 C  CA  . ASN A 1 133 ? -9.998  5.667   16.080  1.00 29.02  ? 133 ASN A CA  1 
ATOM   1058 C  C   . ASN A 1 133 ? -10.120 4.866   17.409  1.00 27.16  ? 133 ASN A C   1 
ATOM   1059 O  O   . ASN A 1 133 ? -9.673  3.724   17.497  1.00 27.86  ? 133 ASN A O   1 
ATOM   1060 C  CB  . ASN A 1 133 ? -11.093 5.262   15.080  1.00 29.48  ? 133 ASN A CB  1 
ATOM   1061 C  CG  . ASN A 1 133 ? -11.304 6.300   13.979  1.00 29.64  ? 133 ASN A CG  1 
ATOM   1062 O  OD1 . ASN A 1 133 ? -12.204 7.142   14.045  1.00 21.63  ? 133 ASN A OD1 1 
ATOM   1063 N  ND2 . ASN A 1 133 ? -10.490 6.216   12.951  1.00 27.13  ? 133 ASN A ND2 1 
ATOM   1064 N  N   . LEU A 1 134 ? -10.659 5.478   18.458  1.00 19.45  ? 134 LEU A N   1 
ATOM   1065 C  CA  . LEU A 1 134 ? -10.802 4.775   19.735  1.00 19.01  ? 134 LEU A CA  1 
ATOM   1066 C  C   . LEU A 1 134 ? -12.275 4.587   20.046  1.00 20.50  ? 134 LEU A C   1 
ATOM   1067 O  O   . LEU A 1 134 ? -13.035 5.549   19.991  1.00 19.47  ? 134 LEU A O   1 
ATOM   1068 C  CB  . LEU A 1 134 ? -10.181 5.596   20.851  1.00 18.32  ? 134 LEU A CB  1 
ATOM   1069 C  CG  . LEU A 1 134 ? -10.131 4.987   22.244  1.00 13.72  ? 134 LEU A CG  1 
ATOM   1070 C  CD1 . LEU A 1 134 ? -9.090  3.911   22.197  1.00 13.70  ? 134 LEU A CD1 1 
ATOM   1071 C  CD2 . LEU A 1 134 ? -9.746  6.025   23.304  1.00 13.20  ? 134 LEU A CD2 1 
ATOM   1072 N  N   . TYR A 1 135 ? -12.673 3.355   20.360  1.00 18.61  ? 135 TYR A N   1 
ATOM   1073 C  CA  . TYR A 1 135 ? -14.062 3.041   20.695  1.00 21.12  ? 135 TYR A CA  1 
ATOM   1074 C  C   . TYR A 1 135 ? -14.176 2.407   22.090  1.00 21.22  ? 135 TYR A C   1 
ATOM   1075 O  O   . TYR A 1 135 ? -13.264 1.735   22.561  1.00 22.68  ? 135 TYR A O   1 
ATOM   1076 C  CB  . TYR A 1 135 ? -14.665 2.085   19.663  1.00 22.91  ? 135 TYR A CB  1 
ATOM   1077 C  CG  . TYR A 1 135 ? -14.669 2.562   18.216  1.00 21.22  ? 135 TYR A CG  1 
ATOM   1078 C  CD1 . TYR A 1 135 ? -15.626 3.460   17.744  1.00 28.61  ? 135 TYR A CD1 1 
ATOM   1079 C  CD2 . TYR A 1 135 ? -13.742 2.088   17.318  1.00 19.95  ? 135 TYR A CD2 1 
ATOM   1080 C  CE1 . TYR A 1 135 ? -15.652 3.866   16.406  1.00 24.65  ? 135 TYR A CE1 1 
ATOM   1081 C  CE2 . TYR A 1 135 ? -13.761 2.483   15.988  1.00 25.15  ? 135 TYR A CE2 1 
ATOM   1082 C  CZ  . TYR A 1 135 ? -14.711 3.368   15.534  1.00 25.37  ? 135 TYR A CZ  1 
ATOM   1083 O  OH  . TYR A 1 135 ? -14.693 3.732   14.201  1.00 36.27  ? 135 TYR A OH  1 
ATOM   1084 N  N   . GLN A 1 136 ? -15.279 2.642   22.776  1.00 20.11  ? 136 GLN A N   1 
ATOM   1085 C  CA  . GLN A 1 136 ? -15.458 2.029   24.095  1.00 27.53  ? 136 GLN A CA  1 
ATOM   1086 C  C   . GLN A 1 136 ? -16.748 1.216   24.071  1.00 30.11  ? 136 GLN A C   1 
ATOM   1087 O  O   . GLN A 1 136 ? -17.830 1.775   23.929  1.00 35.95  ? 136 GLN A O   1 
ATOM   1088 C  CB  . GLN A 1 136 ? -15.534 3.104   25.167  1.00 28.24  ? 136 GLN A CB  1 
ATOM   1089 C  CG  . GLN A 1 136 ? -15.693 2.606   26.592  1.00 26.84  ? 136 GLN A CG  1 
ATOM   1090 C  CD  . GLN A 1 136 ? -15.648 3.758   27.569  1.00 29.16  ? 136 GLN A CD  1 
ATOM   1091 O  OE1 . GLN A 1 136 ? -16.050 4.871   27.253  1.00 39.27  ? 136 GLN A OE1 1 
ATOM   1092 N  NE2 . GLN A 1 136 ? -15.110 3.518   28.733  1.00 33.91  ? 136 GLN A NE2 1 
ATOM   1093 N  N   . ASP A 1 137 ? -16.630 -0.104  24.114  1.00 25.67  ? 137 ASP A N   1 
ATOM   1094 C  CA  . ASP A 1 137 ? -17.799 -0.959  24.080  1.00 29.78  ? 137 ASP A CA  1 
ATOM   1095 C  C   . ASP A 1 137 ? -18.555 -0.585  22.812  1.00 33.30  ? 137 ASP A C   1 
ATOM   1096 O  O   . ASP A 1 137 ? -19.767 -0.382  22.833  1.00 42.71  ? 137 ASP A O   1 
ATOM   1097 C  CB  . ASP A 1 137 ? -18.708 -0.700  25.291  1.00 29.51  ? 137 ASP A CB  1 
ATOM   1098 C  CG  . ASP A 1 137 ? -18.156 -1.265  26.595  1.00 32.83  ? 137 ASP A CG  1 
ATOM   1099 O  OD1 . ASP A 1 137 ? -17.835 -2.480  26.671  1.00 35.16  ? 137 ASP A OD1 1 
ATOM   1100 O  OD2 . ASP A 1 137 ? -18.096 -0.480  27.564  1.00 26.98  ? 137 ASP A OD2 1 
ATOM   1101 N  N   . GLY A 1 138 ? -17.827 -0.377  21.727  1.00 35.42  ? 138 GLY A N   1 
ATOM   1102 C  CA  . GLY A 1 138 ? -18.478 -0.019  20.479  1.00 31.78  ? 138 GLY A CA  1 
ATOM   1103 C  C   . GLY A 1 138 ? -18.968 1.409   20.276  1.00 27.61  ? 138 GLY A C   1 
ATOM   1104 O  O   . GLY A 1 138 ? -19.891 1.609   19.503  1.00 37.37  ? 138 GLY A O   1 
ATOM   1105 N  N   . LYS A 1 139 ? -18.425 2.397   20.975  1.00 27.53  ? 139 LYS A N   1 
ATOM   1106 C  CA  . LYS A 1 139 ? -18.849 3.773   20.727  1.00 31.13  ? 139 LYS A CA  1 
ATOM   1107 C  C   . LYS A 1 139 ? -17.626 4.666   20.467  1.00 32.14  ? 139 LYS A C   1 
ATOM   1108 O  O   . LYS A 1 139 ? -16.649 4.651   21.217  1.00 31.39  ? 139 LYS A O   1 
ATOM   1109 C  CB  . LYS A 1 139 ? -19.726 4.319   21.863  1.00 38.84  ? 139 LYS A CB  1 
ATOM   1110 C  CG  . LYS A 1 139 ? -19.003 4.500   23.189  1.00 52.11  ? 139 LYS A CG  1 
ATOM   1111 C  CD  . LYS A 1 139 ? -19.975 4.650   24.368  1.00 56.84  ? 139 LYS A CD  1 
ATOM   1112 C  CE  . LYS A 1 139 ? -19.261 4.703   25.742  1.00 57.92  ? 139 LYS A CE  1 
ATOM   1113 N  NZ  . LYS A 1 139 ? -18.662 6.032   26.123  1.00 54.47  ? 139 LYS A NZ  1 
ATOM   1114 N  N   . HIS A 1 140 ? -17.680 5.433   19.385  1.00 32.70  ? 140 HIS A N   1 
ATOM   1115 C  CA  . HIS A 1 140 ? -16.572 6.303   19.000  1.00 31.71  ? 140 HIS A CA  1 
ATOM   1116 C  C   . HIS A 1 140 ? -16.113 7.329   20.048  1.00 28.79  ? 140 HIS A C   1 
ATOM   1117 O  O   . HIS A 1 140 ? -16.904 8.120   20.540  1.00 31.69  ? 140 HIS A O   1 
ATOM   1118 C  CB  . HIS A 1 140 ? -16.898 6.986   17.658  1.00 31.42  ? 140 HIS A CB  1 
ATOM   1119 C  CG  . HIS A 1 140 ? -15.694 7.520   16.958  1.00 25.24  ? 140 HIS A CG  1 
ATOM   1120 N  ND1 . HIS A 1 140 ? -15.354 8.853   16.995  1.00 25.81  ? 140 HIS A ND1 1 
ATOM   1121 C  CD2 . HIS A 1 140 ? -14.684 6.886   16.321  1.00 24.93  ? 140 HIS A CD2 1 
ATOM   1122 C  CE1 . HIS A 1 140 ? -14.178 9.015   16.423  1.00 31.19  ? 140 HIS A CE1 1 
ATOM   1123 N  NE2 . HIS A 1 140 ? -13.749 7.837   16.009  1.00 29.92  ? 140 HIS A NE2 1 
ATOM   1124 N  N   . LEU A 1 141 ? -14.811 7.350   20.327  1.00 27.92  ? 141 LEU A N   1 
ATOM   1125 C  CA  . LEU A 1 141 ? -14.236 8.271   21.302  1.00 25.42  ? 141 LEU A CA  1 
ATOM   1126 C  C   . LEU A 1 141 ? -13.484 9.418   20.674  1.00 29.22  ? 141 LEU A C   1 
ATOM   1127 O  O   . LEU A 1 141 ? -13.816 10.585  20.897  1.00 37.75  ? 141 LEU A O   1 
ATOM   1128 C  CB  . LEU A 1 141 ? -13.338 7.533   22.287  1.00 27.20  ? 141 LEU A CB  1 
ATOM   1129 C  CG  . LEU A 1 141 ? -14.124 6.675   23.288  1.00 25.24  ? 141 LEU A CG  1 
ATOM   1130 C  CD1 . LEU A 1 141 ? -13.267 6.278   24.494  1.00 16.60  ? 141 LEU A CD1 1 
ATOM   1131 C  CD2 . LEU A 1 141 ? -15.326 7.486   23.745  1.00 24.89  ? 141 LEU A CD2 1 
ATOM   1132 N  N   . LYS A 1 142 ? -12.402 9.105   19.979  1.00 32.94  ? 142 LYS A N   1 
ATOM   1133 C  CA  . LYS A 1 142 ? -11.659 10.140  19.290  1.00 34.37  ? 142 LYS A CA  1 
ATOM   1134 C  C   . LYS A 1 142 ? -10.981 9.570   18.086  1.00 33.76  ? 142 LYS A C   1 
ATOM   1135 O  O   . LYS A 1 142 ? -10.753 8.363   17.988  1.00 28.35  ? 142 LYS A O   1 
ATOM   1136 C  CB  . LYS A 1 142 ? -10.643 10.883  20.167  1.00 41.98  ? 142 LYS A CB  1 
ATOM   1137 C  CG  . LYS A 1 142 ? -10.177 12.206  19.469  1.00 52.94  ? 142 LYS A CG  1 
ATOM   1138 C  CD  . LYS A 1 142 ? -9.280  13.121  20.317  1.00 56.69  ? 142 LYS A CD  1 
ATOM   1139 C  CE  . LYS A 1 142 ? -10.058 13.799  21.434  1.00 63.26  ? 142 LYS A CE  1 
ATOM   1140 N  NZ  . LYS A 1 142 ? -9.148  14.541  22.359  1.00 65.15  ? 142 LYS A NZ  1 
ATOM   1141 N  N   . LEU A 1 143 ? -10.804 10.456  17.118  1.00 32.04  ? 143 LEU A N   1 
ATOM   1142 C  CA  . LEU A 1 143 ? -10.153 10.164  15.862  1.00 28.54  ? 143 LEU A CA  1 
ATOM   1143 C  C   . LEU A 1 143 ? -8.919  11.027  15.983  1.00 27.59  ? 143 LEU A C   1 
ATOM   1144 O  O   . LEU A 1 143 ? -8.983  12.122  16.526  1.00 37.00  ? 143 LEU A O   1 
ATOM   1145 C  CB  . LEU A 1 143 ? -11.056 10.635  14.724  1.00 30.43  ? 143 LEU A CB  1 
ATOM   1146 C  CG  . LEU A 1 143 ? -10.601 10.659  13.273  1.00 30.77  ? 143 LEU A CG  1 
ATOM   1147 C  CD1 . LEU A 1 143 ? -11.844 10.748  12.413  1.00 31.86  ? 143 LEU A CD1 1 
ATOM   1148 C  CD2 . LEU A 1 143 ? -9.696  11.850  13.006  1.00 30.89  ? 143 LEU A CD2 1 
ATOM   1149 N  N   . SER A 1 144 ? -7.784  10.529  15.529  1.00 27.79  ? 144 SER A N   1 
ATOM   1150 C  CA  . SER A 1 144 ? -6.549  11.295  15.624  1.00 30.32  ? 144 SER A CA  1 
ATOM   1151 C  C   . SER A 1 144 ? -5.486  10.697  14.708  1.00 31.76  ? 144 SER A C   1 
ATOM   1152 O  O   . SER A 1 144 ? -5.629  9.567   14.255  1.00 30.42  ? 144 SER A O   1 
ATOM   1153 C  CB  . SER A 1 144 ? -6.056  11.299  17.068  1.00 30.46  ? 144 SER A CB  1 
ATOM   1154 O  OG  . SER A 1 144 ? -4.902  12.108  17.235  1.00 34.94  ? 144 SER A OG  1 
ATOM   1155 N  N   . GLN A 1 145 ? -4.453  11.476  14.396  1.00 33.30  ? 145 GLN A N   1 
ATOM   1156 C  CA  . GLN A 1 145 ? -3.357  11.012  13.541  1.00 35.63  ? 145 GLN A CA  1 
ATOM   1157 C  C   . GLN A 1 145 ? -2.206  10.581  14.427  1.00 31.91  ? 145 GLN A C   1 
ATOM   1158 O  O   . GLN A 1 145 ? -1.462  9.661   14.125  1.00 36.57  ? 145 GLN A O   1 
ATOM   1159 C  CB  . GLN A 1 145 ? -2.892  12.151  12.668  1.00 41.09  ? 145 GLN A CB  1 
ATOM   1160 C  CG  . GLN A 1 145 ? -4.018  12.765  11.885  1.00 56.00  ? 145 GLN A CG  1 
ATOM   1161 C  CD  . GLN A 1 145 ? -4.014  12.340  10.433  1.00 60.80  ? 145 GLN A CD  1 
ATOM   1162 O  OE1 . GLN A 1 145 ? -4.469  13.090  9.565   1.00 64.13  ? 145 GLN A OE1 1 
ATOM   1163 N  NE2 . GLN A 1 145 ? -3.488  11.142  10.151  1.00 61.84  ? 145 GLN A NE2 1 
ATOM   1164 N  N   . ARG A 1 146 ? -2.055  11.293  15.526  1.00 27.31  ? 146 ARG A N   1 
ATOM   1165 C  CA  . ARG A 1 146 ? -1.023  11.006  16.481  1.00 31.28  ? 146 ARG A CA  1 
ATOM   1166 C  C   . ARG A 1 146 ? -1.620  10.064  17.561  1.00 35.48  ? 146 ARG A C   1 
ATOM   1167 O  O   . ARG A 1 146 ? -2.738  9.570   17.408  1.00 36.16  ? 146 ARG A O   1 
ATOM   1168 C  CB  . ARG A 1 146 ? -0.547  12.337  17.066  1.00 34.57  ? 146 ARG A CB  1 
ATOM   1169 C  CG  . ARG A 1 146 ? -1.669  13.162  17.691  1.00 47.83  ? 146 ARG A CG  1 
ATOM   1170 C  CD  . ARG A 1 146 ? -1.515  14.668  17.451  1.00 55.87  ? 146 ARG A CD  1 
ATOM   1171 N  NE  . ARG A 1 146 ? -2.394  15.470  18.312  1.00 67.87  ? 146 ARG A NE  1 
ATOM   1172 C  CZ  . ARG A 1 146 ? -3.732  15.433  18.298  1.00 77.77  ? 146 ARG A CZ  1 
ATOM   1173 N  NH1 . ARG A 1 146 ? -4.381  14.628  17.458  1.00 83.05  ? 146 ARG A NH1 1 
ATOM   1174 N  NH2 . ARG A 1 146 ? -4.434  16.209  19.122  1.00 78.61  ? 146 ARG A NH2 1 
ATOM   1175 N  N   . VAL A 1 147 ? -0.859  9.807   18.627  1.00 30.15  ? 147 VAL A N   1 
ATOM   1176 C  CA  . VAL A 1 147 ? -1.266  8.960   19.745  1.00 19.88  ? 147 VAL A CA  1 
ATOM   1177 C  C   . VAL A 1 147 ? -2.535  9.474   20.474  1.00 25.94  ? 147 VAL A C   1 
ATOM   1178 O  O   . VAL A 1 147 ? -2.667  10.678  20.773  1.00 25.76  ? 147 VAL A O   1 
ATOM   1179 C  CB  . VAL A 1 147 ? -0.125  8.878   20.775  1.00 19.84  ? 147 VAL A CB  1 
ATOM   1180 C  CG1 . VAL A 1 147 ? -0.538  8.047   21.988  1.00 19.15  ? 147 VAL A CG1 1 
ATOM   1181 C  CG2 . VAL A 1 147 ? 1.135   8.326   20.137  1.00 14.82  ? 147 VAL A CG2 1 
ATOM   1182 N  N   . ILE A 1 148 ? -3.457  8.555   20.766  1.00 15.94  ? 148 ILE A N   1 
ATOM   1183 C  CA  . ILE A 1 148 ? -4.682  8.900   21.465  1.00 16.48  ? 148 ILE A CA  1 
ATOM   1184 C  C   . ILE A 1 148 ? -4.577  8.624   22.944  1.00 16.11  ? 148 ILE A C   1 
ATOM   1185 O  O   . ILE A 1 148 ? -4.053  7.603   23.359  1.00 21.68  ? 148 ILE A O   1 
ATOM   1186 C  CB  . ILE A 1 148 ? -5.869  8.127   20.929  1.00 16.54  ? 148 ILE A CB  1 
ATOM   1187 C  CG1 . ILE A 1 148 ? -5.955  8.363   19.435  1.00 11.74  ? 148 ILE A CG1 1 
ATOM   1188 C  CG2 . ILE A 1 148 ? -7.165  8.594   21.620  1.00 15.35  ? 148 ILE A CG2 1 
ATOM   1189 C  CD1 . ILE A 1 148 ? -7.187  7.865   18.832  1.00 12.61  ? 148 ILE A CD1 1 
ATOM   1190 N  N   . THR A 1 149 ? -5.101  9.552   23.728  1.00 22.63  ? 149 THR A N   1 
ATOM   1191 C  CA  . THR A 1 149 ? -5.110  9.465   25.181  1.00 15.42  ? 149 THR A CA  1 
ATOM   1192 C  C   . THR A 1 149 ? -6.560  9.531   25.631  1.00 21.08  ? 149 THR A C   1 
ATOM   1193 O  O   . THR A 1 149 ? -7.407  10.211  25.021  1.00 17.54  ? 149 THR A O   1 
ATOM   1194 C  CB  . THR A 1 149 ? -4.390  10.659  25.767  1.00 15.22  ? 149 THR A CB  1 
ATOM   1195 O  OG1 . THR A 1 149 ? -3.122  10.781  25.127  1.00 21.04  ? 149 THR A OG1 1 
ATOM   1196 C  CG2 . THR A 1 149 ? -4.170  10.502  27.235  1.00 8.62   ? 149 THR A CG2 1 
ATOM   1197 N  N   . HIS A 1 150 ? -6.860  8.815   26.697  1.00 20.93  ? 150 HIS A N   1 
ATOM   1198 C  CA  . HIS A 1 150 ? -8.206  8.842   27.200  1.00 21.13  ? 150 HIS A CA  1 
ATOM   1199 C  C   . HIS A 1 150 ? -8.224  8.685   28.716  1.00 20.34  ? 150 HIS A C   1 
ATOM   1200 O  O   . HIS A 1 150 ? -7.756  7.701   29.244  1.00 23.94  ? 150 HIS A O   1 
ATOM   1201 C  CB  . HIS A 1 150 ? -9.025  7.775   26.509  1.00 18.62  ? 150 HIS A CB  1 
ATOM   1202 C  CG  . HIS A 1 150 ? -10.442 7.737   26.974  1.00 25.10  ? 150 HIS A CG  1 
ATOM   1203 N  ND1 . HIS A 1 150 ? -10.907 6.787   27.854  1.00 20.63  ? 150 HIS A ND1 1 
ATOM   1204 C  CD2 . HIS A 1 150 ? -11.481 8.566   26.729  1.00 26.48  ? 150 HIS A CD2 1 
ATOM   1205 C  CE1 . HIS A 1 150 ? -12.172 7.032   28.131  1.00 15.93  ? 150 HIS A CE1 1 
ATOM   1206 N  NE2 . HIS A 1 150 ? -12.544 8.104   27.463  1.00 19.18  ? 150 HIS A NE2 1 
ATOM   1207 N  N   . LYS A 1 151 ? -8.730  9.691   29.410  1.00 19.91  ? 151 LYS A N   1 
ATOM   1208 C  CA  . LYS A 1 151 ? -8.792  9.667   30.859  1.00 19.41  ? 151 LYS A CA  1 
ATOM   1209 C  C   . LYS A 1 151 ? -10.221 9.528   31.376  1.00 24.72  ? 151 LYS A C   1 
ATOM   1210 O  O   . LYS A 1 151 ? -11.144 10.029  30.756  1.00 30.22  ? 151 LYS A O   1 
ATOM   1211 C  CB  . LYS A 1 151 ? -8.188  10.952  31.403  1.00 12.49  ? 151 LYS A CB  1 
ATOM   1212 C  CG  . LYS A 1 151 ? -6.830  11.258  30.841  1.00 15.03  ? 151 LYS A CG  1 
ATOM   1213 C  CD  . LYS A 1 151 ? -5.844  11.578  31.939  1.00 23.44  ? 151 LYS A CD  1 
ATOM   1214 C  CE  . LYS A 1 151 ? -4.761  12.547  31.449  1.00 29.10  ? 151 LYS A CE  1 
ATOM   1215 N  NZ  . LYS A 1 151 ? -5.299  13.955  31.211  1.00 31.58  ? 151 LYS A NZ  1 
ATOM   1216 N  N   . TRP A 1 152 ? -10.422 8.798   32.473  1.00 29.18  ? 152 TRP A N   1 
ATOM   1217 C  CA  . TRP A 1 152 ? -11.769 8.671   33.061  1.00 21.80  ? 152 TRP A CA  1 
ATOM   1218 C  C   . TRP A 1 152 ? -11.630 8.952   34.536  1.00 25.81  ? 152 TRP A C   1 
ATOM   1219 O  O   . TRP A 1 152 ? -10.549 9.301   35.025  1.00 25.94  ? 152 TRP A O   1 
ATOM   1220 C  CB  . TRP A 1 152 ? -12.359 7.280   32.868  1.00 17.34  ? 152 TRP A CB  1 
ATOM   1221 C  CG  . TRP A 1 152 ? -11.470 6.227   33.400  1.00 14.75  ? 152 TRP A CG  1 
ATOM   1222 C  CD1 . TRP A 1 152 ? -11.438 5.738   34.661  1.00 14.77  ? 152 TRP A CD1 1 
ATOM   1223 C  CD2 . TRP A 1 152 ? -10.392 5.626   32.713  1.00 16.62  ? 152 TRP A CD2 1 
ATOM   1224 N  NE1 . TRP A 1 152 ? -10.389 4.880   34.812  1.00 11.42  ? 152 TRP A NE1 1 
ATOM   1225 C  CE2 . TRP A 1 152 ? -9.729  4.791   33.624  1.00 11.88  ? 152 TRP A CE2 1 
ATOM   1226 C  CE3 . TRP A 1 152 ? -9.909  5.722   31.406  1.00 12.97  ? 152 TRP A CE3 1 
ATOM   1227 C  CZ2 . TRP A 1 152 ? -8.610  4.055   33.277  1.00 20.89  ? 152 TRP A CZ2 1 
ATOM   1228 C  CZ3 . TRP A 1 152 ? -8.802  4.994   31.061  1.00 12.57  ? 152 TRP A CZ3 1 
ATOM   1229 C  CH2 . TRP A 1 152 ? -8.160  4.169   31.988  1.00 19.41  ? 152 TRP A CH2 1 
ATOM   1230 N  N   . THR A 1 153 ? -12.715 8.791   35.265  1.00 29.07  ? 153 THR A N   1 
ATOM   1231 C  CA  . THR A 1 153 ? -12.624 9.055   36.674  1.00 29.60  ? 153 THR A CA  1 
ATOM   1232 C  C   . THR A 1 153 ? -13.197 7.938   37.501  1.00 29.73  ? 153 THR A C   1 
ATOM   1233 O  O   . THR A 1 153 ? -12.617 7.564   38.508  1.00 35.83  ? 153 THR A O   1 
ATOM   1234 C  CB  . THR A 1 153 ? -13.331 10.337  37.041  1.00 31.47  ? 153 THR A CB  1 
ATOM   1235 O  OG1 . THR A 1 153 ? -12.857 11.405  36.217  1.00 27.29  ? 153 THR A OG1 1 
ATOM   1236 C  CG2 . THR A 1 153 ? -13.064 10.663  38.502  1.00 32.90  ? 153 THR A CG2 1 
ATOM   1237 N  N   . THR A 1 154 ? -14.316 7.381   37.062  1.00 28.11  ? 154 THR A N   1 
ATOM   1238 C  CA  . THR A 1 154 ? -14.942 6.324   37.829  1.00 24.62  ? 154 THR A CA  1 
ATOM   1239 C  C   . THR A 1 154 ? -14.197 5.029   37.749  1.00 31.98  ? 154 THR A C   1 
ATOM   1240 O  O   . THR A 1 154 ? -13.139 4.928   37.119  1.00 37.88  ? 154 THR A O   1 
ATOM   1241 C  CB  . THR A 1 154 ? -16.426 6.081   37.439  1.00 24.34  ? 154 THR A CB  1 
ATOM   1242 O  OG1 . THR A 1 154 ? -16.526 5.437   36.170  1.00 25.15  ? 154 THR A OG1 1 
ATOM   1243 C  CG2 . THR A 1 154 ? -17.162 7.373   37.373  1.00 20.47  ? 154 THR A CG2 1 
ATOM   1244 N  N   . SER A 1 155 ? -14.692 4.064   38.509  1.00 37.28  ? 155 SER A N   1 
ATOM   1245 C  CA  . SER A 1 155 ? -14.113 2.736   38.504  1.00 42.99  ? 155 SER A CA  1 
ATOM   1246 C  C   . SER A 1 155 ? -14.543 2.318   37.093  1.00 38.99  ? 155 SER A C   1 
ATOM   1247 O  O   . SER A 1 155 ? -15.599 2.758   36.628  1.00 39.49  ? 155 SER A O   1 
ATOM   1248 C  CB  . SER A 1 155 ? -14.764 1.878   39.607  1.00 48.85  ? 155 SER A CB  1 
ATOM   1249 O  OG  . SER A 1 155 ? -14.772 2.546   40.880  1.00 54.92  ? 155 SER A OG  1 
ATOM   1250 N  N   . LEU A 1 156 ? -13.734 1.523   36.396  1.00 37.18  ? 156 LEU A N   1 
ATOM   1251 C  CA  . LEU A 1 156 ? -14.062 1.145   35.013  1.00 30.80  ? 156 LEU A CA  1 
ATOM   1252 C  C   . LEU A 1 156 ? -14.029 -0.331  34.614  1.00 27.73  ? 156 LEU A C   1 
ATOM   1253 O  O   . LEU A 1 156 ? -13.169 -1.074  35.045  1.00 31.67  ? 156 LEU A O   1 
ATOM   1254 C  CB  . LEU A 1 156 ? -13.102 1.905   34.101  1.00 31.71  ? 156 LEU A CB  1 
ATOM   1255 C  CG  . LEU A 1 156 ? -13.187 1.666   32.607  1.00 30.71  ? 156 LEU A CG  1 
ATOM   1256 C  CD1 . LEU A 1 156 ? -14.503 2.220   32.144  1.00 30.91  ? 156 LEU A CD1 1 
ATOM   1257 C  CD2 . LEU A 1 156 ? -12.044 2.363   31.902  1.00 27.36  ? 156 LEU A CD2 1 
ATOM   1258 N  N   . SER A 1 157 ? -14.959 -0.757  33.776  1.00 25.31  ? 157 SER A N   1 
ATOM   1259 C  CA  . SER A 1 157 ? -14.936 -2.130  33.288  1.00 30.37  ? 157 SER A CA  1 
ATOM   1260 C  C   . SER A 1 157 ? -15.472 -2.110  31.865  1.00 35.09  ? 157 SER A C   1 
ATOM   1261 O  O   . SER A 1 157 ? -16.573 -2.593  31.590  1.00 43.47  ? 157 SER A O   1 
ATOM   1262 C  CB  . SER A 1 157 ? -15.755 -3.082  34.157  1.00 36.17  ? 157 SER A CB  1 
ATOM   1263 O  OG  . SER A 1 157 ? -15.593 -4.445  33.716  1.00 45.44  ? 157 SER A OG  1 
ATOM   1264 N  N   . ALA A 1 158 ? -14.676 -1.547  30.960  1.00 35.85  ? 158 ALA A N   1 
ATOM   1265 C  CA  . ALA A 1 158 ? -15.063 -1.411  29.555  1.00 30.96  ? 158 ALA A CA  1 
ATOM   1266 C  C   . ALA A 1 158 ? -14.248 -2.248  28.601  1.00 31.99  ? 158 ALA A C   1 
ATOM   1267 O  O   . ALA A 1 158 ? -13.259 -2.867  28.984  1.00 38.48  ? 158 ALA A O   1 
ATOM   1268 C  CB  . ALA A 1 158 ? -14.972 0.031   29.148  1.00 23.90  ? 158 ALA A CB  1 
ATOM   1269 N  N   . LYS A 1 159 ? -14.711 -2.299  27.359  1.00 35.16  ? 159 LYS A N   1 
ATOM   1270 C  CA  . LYS A 1 159 ? -14.030 -3.025  26.282  1.00 32.77  ? 159 LYS A CA  1 
ATOM   1271 C  C   . LYS A 1 159 ? -13.606 -1.925  25.268  1.00 27.42  ? 159 LYS A C   1 
ATOM   1272 O  O   . LYS A 1 159 ? -14.440 -1.251  24.665  1.00 21.89  ? 159 LYS A O   1 
ATOM   1273 C  CB  . LYS A 1 159 ? -14.996 -4.031  25.648  1.00 35.02  ? 159 LYS A CB  1 
ATOM   1274 C  CG  . LYS A 1 159 ? -14.407 -5.406  25.398  1.00 48.19  ? 159 LYS A CG  1 
ATOM   1275 C  CD  . LYS A 1 159 ? -15.429 -6.342  24.735  1.00 61.83  ? 159 LYS A CD  1 
ATOM   1276 C  CE  . LYS A 1 159 ? -16.050 -5.718  23.460  1.00 68.72  ? 159 LYS A CE  1 
ATOM   1277 N  NZ  . LYS A 1 159 ? -16.776 -6.693  22.565  1.00 72.59  ? 159 LYS A NZ  1 
ATOM   1278 N  N   . PHE A 1 160 ? -12.313 -1.649  25.184  1.00 19.31  ? 160 PHE A N   1 
ATOM   1279 C  CA  . PHE A 1 160 ? -11.845 -0.621  24.266  1.00 20.41  ? 160 PHE A CA  1 
ATOM   1280 C  C   . PHE A 1 160 ? -11.331 -1.225  22.967  1.00 19.41  ? 160 PHE A C   1 
ATOM   1281 O  O   . PHE A 1 160 ? -10.686 -2.277  22.985  1.00 23.92  ? 160 PHE A O   1 
ATOM   1282 C  CB  . PHE A 1 160 ? -10.719 0.182   24.887  1.00 16.44  ? 160 PHE A CB  1 
ATOM   1283 C  CG  . PHE A 1 160 ? -11.160 1.147   25.911  1.00 10.94  ? 160 PHE A CG  1 
ATOM   1284 C  CD1 . PHE A 1 160 ? -11.213 0.774   27.249  1.00 13.24  ? 160 PHE A CD1 1 
ATOM   1285 C  CD2 . PHE A 1 160 ? -11.455 2.440   25.560  1.00 12.62  ? 160 PHE A CD2 1 
ATOM   1286 C  CE1 . PHE A 1 160 ? -11.540 1.675   28.214  1.00 8.35   ? 160 PHE A CE1 1 
ATOM   1287 C  CE2 . PHE A 1 160 ? -11.789 3.364   26.519  1.00 16.01  ? 160 PHE A CE2 1 
ATOM   1288 C  CZ  . PHE A 1 160 ? -11.830 2.980   27.858  1.00 15.42  ? 160 PHE A CZ  1 
ATOM   1289 N  N   . LYS A 1 161 ? -11.584 -0.531  21.855  1.00 20.01  ? 161 LYS A N   1 
ATOM   1290 C  CA  . LYS A 1 161 ? -11.159 -0.970  20.525  1.00 22.63  ? 161 LYS A CA  1 
ATOM   1291 C  C   . LYS A 1 161 ? -10.432 0.185   19.837  1.00 20.83  ? 161 LYS A C   1 
ATOM   1292 O  O   . LYS A 1 161 ? -10.905 1.326   19.822  1.00 22.76  ? 161 LYS A O   1 
ATOM   1293 C  CB  . LYS A 1 161 ? -12.380 -1.400  19.701  1.00 23.34  ? 161 LYS A CB  1 
ATOM   1294 C  CG  . LYS A 1 161 ? -12.071 -1.958  18.322  1.00 25.51  ? 161 LYS A CG  1 
ATOM   1295 C  CD  . LYS A 1 161 ? -13.353 -2.026  17.532  1.00 27.38  ? 161 LYS A CD  1 
ATOM   1296 C  CE  . LYS A 1 161 ? -13.197 -2.771  16.249  1.00 26.57  ? 161 LYS A CE  1 
ATOM   1297 N  NZ  . LYS A 1 161 ? -14.505 -2.678  15.544  1.00 39.52  ? 161 LYS A NZ  1 
ATOM   1298 N  N   . CYS A 1 162 ? -9.245  -0.096  19.330  1.00 23.66  ? 162 CYS A N   1 
ATOM   1299 C  CA  . CYS A 1 162 ? -8.462  0.922   18.634  1.00 21.14  ? 162 CYS A CA  1 
ATOM   1300 C  C   . CYS A 1 162 ? -8.085  0.433   17.235  1.00 24.42  ? 162 CYS A C   1 
ATOM   1301 O  O   . CYS A 1 162 ? -7.489  -0.639  17.088  1.00 27.34  ? 162 CYS A O   1 
ATOM   1302 C  CB  . CYS A 1 162 ? -7.195  1.244   19.410  1.00 21.73  ? 162 CYS A CB  1 
ATOM   1303 S  SG  . CYS A 1 162 ? -6.371  2.719   18.753  1.00 15.87  ? 162 CYS A SG  1 
ATOM   1304 N  N   . THR A 1 163 ? -8.500  1.185   16.213  1.00 25.29  ? 163 THR A N   1 
ATOM   1305 C  CA  . THR A 1 163 ? -8.211  0.863   14.812  1.00 21.42  ? 163 THR A CA  1 
ATOM   1306 C  C   . THR A 1 163 ? -7.156  1.784   14.231  1.00 15.71  ? 163 THR A C   1 
ATOM   1307 O  O   . THR A 1 163 ? -7.071  2.963   14.578  1.00 5.32   ? 163 THR A O   1 
ATOM   1308 C  CB  . THR A 1 163 ? -9.412  1.095   13.916  1.00 23.48  ? 163 THR A CB  1 
ATOM   1309 O  OG1 . THR A 1 163 ? -9.872  2.440   14.097  1.00 29.52  ? 163 THR A OG1 1 
ATOM   1310 C  CG2 . THR A 1 163 ? -10.504 0.122   14.221  1.00 27.50  ? 163 THR A CG2 1 
ATOM   1311 N  N   . ALA A 1 164 ? -6.403  1.255   13.285  1.00 13.93  ? 164 ALA A N   1 
ATOM   1312 C  CA  . ALA A 1 164 ? -5.393  2.051   12.618  1.00 17.24  ? 164 ALA A CA  1 
ATOM   1313 C  C   . ALA A 1 164 ? -5.448  1.640   11.178  1.00 18.65  ? 164 ALA A C   1 
ATOM   1314 O  O   . ALA A 1 164 ? -5.643  0.461   10.859  1.00 25.20  ? 164 ALA A O   1 
ATOM   1315 C  CB  . ALA A 1 164 ? -4.016  1.791   13.200  1.00 12.22  ? 164 ALA A CB  1 
ATOM   1316 N  N   . GLY A 1 165 ? -5.383  2.629   10.305  1.00 21.75  ? 165 GLY A N   1 
ATOM   1317 C  CA  . GLY A 1 165 ? -5.408  2.334   8.887   1.00 19.50  ? 165 GLY A CA  1 
ATOM   1318 C  C   . GLY A 1 165 ? -4.818  3.440   8.032   1.00 24.64  ? 165 GLY A C   1 
ATOM   1319 O  O   . GLY A 1 165 ? -4.568  4.574   8.492   1.00 22.04  ? 165 GLY A O   1 
ATOM   1320 N  N   . ASN A 1 166 ? -4.488  3.043   6.805   1.00 25.23  ? 166 ASN A N   1 
ATOM   1321 C  CA  . ASN A 1 166 ? -3.969  3.936   5.786   1.00 22.11  ? 166 ASN A CA  1 
ATOM   1322 C  C   . ASN A 1 166 ? -4.445  3.391   4.443   1.00 23.92  ? 166 ASN A C   1 
ATOM   1323 O  O   . ASN A 1 166 ? -5.373  2.573   4.398   1.00 22.35  ? 166 ASN A O   1 
ATOM   1324 C  CB  . ASN A 1 166 ? -2.434  4.169   5.889   1.00 13.55  ? 166 ASN A CB  1 
ATOM   1325 C  CG  . ASN A 1 166 ? -1.623  2.911   5.829   1.00 10.31  ? 166 ASN A CG  1 
ATOM   1326 O  OD1 . ASN A 1 166 ? -2.091  1.862   5.373   1.00 25.37  ? 166 ASN A OD1 1 
ATOM   1327 N  ND2 . ASN A 1 166 ? -0.361  3.015   6.242   1.00 13.76  ? 166 ASN A ND2 1 
ATOM   1328 N  N   . LYS A 1 167 ? -3.839  3.852   3.357   1.00 27.85  ? 167 LYS A N   1 
ATOM   1329 C  CA  . LYS A 1 167 ? -4.247  3.436   2.024   1.00 20.82  ? 167 LYS A CA  1 
ATOM   1330 C  C   . LYS A 1 167 ? -4.061  1.980   1.713   1.00 19.27  ? 167 LYS A C   1 
ATOM   1331 O  O   . LYS A 1 167 ? -4.842  1.423   0.954   1.00 24.20  ? 167 LYS A O   1 
ATOM   1332 C  CB  . LYS A 1 167 ? -3.515  4.246   0.976   1.00 26.40  ? 167 LYS A CB  1 
ATOM   1333 C  CG  . LYS A 1 167 ? -3.844  5.712   0.974   1.00 35.00  ? 167 LYS A CG  1 
ATOM   1334 C  CD  . LYS A 1 167 ? -5.078  5.990   0.140   1.00 42.51  ? 167 LYS A CD  1 
ATOM   1335 C  CE  . LYS A 1 167 ? -5.588  7.405   0.399   1.00 53.23  ? 167 LYS A CE  1 
ATOM   1336 N  NZ  . LYS A 1 167 ? -4.494  8.444   0.419   1.00 54.58  ? 167 LYS A NZ  1 
ATOM   1337 N  N   . VAL A 1 168 ? -3.094  1.339   2.348   1.00 12.86  ? 168 VAL A N   1 
ATOM   1338 C  CA  . VAL A 1 168 ? -2.812  -0.061  2.033   1.00 20.11  ? 168 VAL A CA  1 
ATOM   1339 C  C   . VAL A 1 168 ? -3.172  -1.142  3.071   1.00 20.52  ? 168 VAL A C   1 
ATOM   1340 O  O   . VAL A 1 168 ? -3.144  -2.349  2.776   1.00 22.72  ? 168 VAL A O   1 
ATOM   1341 C  CB  . VAL A 1 168 ? -1.305  -0.184  1.733   1.00 19.74  ? 168 VAL A CB  1 
ATOM   1342 C  CG1 . VAL A 1 168 ? -0.968  0.489   0.414   1.00 21.28  ? 168 VAL A CG1 1 
ATOM   1343 C  CG2 . VAL A 1 168 ? -0.536  0.485   2.830   1.00 18.00  ? 168 VAL A CG2 1 
ATOM   1344 N  N   . SER A 1 169 ? -3.524  -0.723  4.273   1.00 17.14  ? 169 SER A N   1 
ATOM   1345 C  CA  . SER A 1 169 ? -3.777  -1.706  5.292   1.00 23.96  ? 169 SER A CA  1 
ATOM   1346 C  C   . SER A 1 169 ? -4.687  -1.212  6.375   1.00 25.27  ? 169 SER A C   1 
ATOM   1347 O  O   . SER A 1 169 ? -4.918  -0.023  6.514   1.00 27.61  ? 169 SER A O   1 
ATOM   1348 C  CB  . SER A 1 169 ? -2.453  -2.030  5.934   1.00 21.29  ? 169 SER A CB  1 
ATOM   1349 O  OG  . SER A 1 169 ? -1.882  -0.801  6.321   1.00 18.57  ? 169 SER A OG  1 
ATOM   1350 N  N   . LYS A 1 170 ? -5.125  -2.152  7.198   1.00 27.10  ? 170 LYS A N   1 
ATOM   1351 C  CA  . LYS A 1 170 ? -5.994  -1.863  8.317   1.00 20.20  ? 170 LYS A CA  1 
ATOM   1352 C  C   . LYS A 1 170 ? -5.740  -2.925  9.356   1.00 25.47  ? 170 LYS A C   1 
ATOM   1353 O  O   . LYS A 1 170 ? -5.769  -4.135  9.043   1.00 30.36  ? 170 LYS A O   1 
ATOM   1354 C  CB  . LYS A 1 170 ? -7.440  -1.962  7.892   1.00 19.55  ? 170 LYS A CB  1 
ATOM   1355 C  CG  . LYS A 1 170 ? -8.236  -0.704  8.103   1.00 30.29  ? 170 LYS A CG  1 
ATOM   1356 C  CD  . LYS A 1 170 ? -8.085  0.218   6.908   1.00 39.90  ? 170 LYS A CD  1 
ATOM   1357 C  CE  . LYS A 1 170 ? -8.881  1.504   7.084   1.00 45.95  ? 170 LYS A CE  1 
ATOM   1358 N  NZ  . LYS A 1 170 ? -10.288 1.235   7.509   1.00 50.34  ? 170 LYS A NZ  1 
ATOM   1359 N  N   . GLU A 1 171 ? -5.393  -2.484  10.561  1.00 21.54  ? 171 GLU A N   1 
ATOM   1360 C  CA  . GLU A 1 171 ? -5.184  -3.407  11.675  1.00 19.72  ? 171 GLU A CA  1 
ATOM   1361 C  C   . GLU A 1 171 ? -6.093  -3.005  12.865  1.00 15.07  ? 171 GLU A C   1 
ATOM   1362 O  O   . GLU A 1 171 ? -6.670  -1.921  12.909  1.00 11.99  ? 171 GLU A O   1 
ATOM   1363 C  CB  . GLU A 1 171 ? -3.700  -3.511  12.032  1.00 20.66  ? 171 GLU A CB  1 
ATOM   1364 C  CG  . GLU A 1 171 ? -3.132  -4.934  11.926  1.00 24.62  ? 171 GLU A CG  1 
ATOM   1365 C  CD  . GLU A 1 171 ? -3.295  -5.559  10.557  1.00 34.21  ? 171 GLU A CD  1 
ATOM   1366 O  OE1 . GLU A 1 171 ? -2.421  -5.355  9.686   1.00 45.09  ? 171 GLU A OE1 1 
ATOM   1367 O  OE2 . GLU A 1 171 ? -4.290  -6.283  10.345  1.00 44.44  ? 171 GLU A OE2 1 
ATOM   1368 N  N   . SER A 1 172 ? -6.316  -3.910  13.797  1.00 23.13  ? 172 SER A N   1 
ATOM   1369 C  CA  . SER A 1 172 ? -7.211  -3.586  14.908  1.00 17.52  ? 172 SER A CA  1 
ATOM   1370 C  C   . SER A 1 172 ? -6.908  -4.328  16.189  1.00 19.10  ? 172 SER A C   1 
ATOM   1371 O  O   . SER A 1 172 ? -6.405  -5.445  16.152  1.00 26.43  ? 172 SER A O   1 
ATOM   1372 C  CB  . SER A 1 172 ? -8.622  -3.893  14.488  1.00 19.60  ? 172 SER A CB  1 
ATOM   1373 O  OG  . SER A 1 172 ? -9.454  -3.975  15.606  1.00 31.99  ? 172 SER A OG  1 
ATOM   1374 N  N   . SER A 1 173 ? -7.214  -3.709  17.328  1.00 20.93  ? 173 SER A N   1 
ATOM   1375 C  CA  . SER A 1 173 ? -6.975  -4.353  18.626  1.00 24.93  ? 173 SER A CA  1 
ATOM   1376 C  C   . SER A 1 173 ? -8.013  -4.018  19.690  1.00 21.99  ? 173 SER A C   1 
ATOM   1377 O  O   . SER A 1 173 ? -8.360  -2.862  19.850  1.00 26.35  ? 173 SER A O   1 
ATOM   1378 C  CB  . SER A 1 173 ? -5.578  -4.020  19.124  1.00 22.42  ? 173 SER A CB  1 
ATOM   1379 O  OG  . SER A 1 173 ? -4.619  -4.658  18.283  1.00 34.37  ? 173 SER A OG  1 
ATOM   1380 N  N   . VAL A 1 174 ? -8.545  -5.041  20.368  1.00 25.92  ? 174 VAL A N   1 
ATOM   1381 C  CA  . VAL A 1 174 ? -9.552  -4.857  21.437  1.00 18.32  ? 174 VAL A CA  1 
ATOM   1382 C  C   . VAL A 1 174 ? -8.990  -5.344  22.765  1.00 19.45  ? 174 VAL A C   1 
ATOM   1383 O  O   . VAL A 1 174 ? -8.360  -6.396  22.832  1.00 19.65  ? 174 VAL A O   1 
ATOM   1384 C  CB  . VAL A 1 174 ? -10.833 -5.633  21.165  1.00 15.38  ? 174 VAL A CB  1 
ATOM   1385 C  CG1 . VAL A 1 174 ? -11.423 -5.215  19.847  1.00 15.74  ? 174 VAL A CG1 1 
ATOM   1386 C  CG2 . VAL A 1 174 ? -10.543 -7.095  21.129  1.00 16.60  ? 174 VAL A CG2 1 
ATOM   1387 N  N   . GLU A 1 175 ? -9.189  -4.572  23.824  1.00 21.14  ? 175 GLU A N   1 
ATOM   1388 C  CA  . GLU A 1 175 ? -8.675  -4.966  25.135  1.00 27.47  ? 175 GLU A CA  1 
ATOM   1389 C  C   . GLU A 1 175 ? -9.677  -4.656  26.252  1.00 29.45  ? 175 GLU A C   1 
ATOM   1390 O  O   . GLU A 1 175 ? -10.121 -3.510  26.414  1.00 29.93  ? 175 GLU A O   1 
ATOM   1391 C  CB  . GLU A 1 175 ? -7.347  -4.255  25.414  1.00 29.42  ? 175 GLU A CB  1 
ATOM   1392 C  CG  . GLU A 1 175 ? -6.355  -5.045  26.262  1.00 42.56  ? 175 GLU A CG  1 
ATOM   1393 C  CD  . GLU A 1 175 ? -5.638  -6.156  25.495  1.00 47.71  ? 175 GLU A CD  1 
ATOM   1394 O  OE1 . GLU A 1 175 ? -6.307  -7.111  25.033  1.00 52.24  ? 175 GLU A OE1 1 
ATOM   1395 O  OE2 . GLU A 1 175 ? -4.395  -6.079  25.368  1.00 49.56  ? 175 GLU A OE2 1 
ATOM   1396 N  N   . PRO A 1 176 ? -10.103 -5.691  26.994  1.00 29.13  ? 176 PRO A N   1 
ATOM   1397 C  CA  . PRO A 1 176 ? -11.056 -5.512  28.096  1.00 26.01  ? 176 PRO A CA  1 
ATOM   1398 C  C   . PRO A 1 176 ? -10.362 -4.843  29.290  1.00 24.58  ? 176 PRO A C   1 
ATOM   1399 O  O   . PRO A 1 176 ? -9.368  -5.347  29.833  1.00 29.58  ? 176 PRO A O   1 
ATOM   1400 C  CB  . PRO A 1 176 ? -11.470 -6.946  28.412  1.00 27.32  ? 176 PRO A CB  1 
ATOM   1401 C  CG  . PRO A 1 176 ? -10.232 -7.722  28.121  1.00 27.13  ? 176 PRO A CG  1 
ATOM   1402 C  CD  . PRO A 1 176 ? -9.784  -7.117  26.807  1.00 28.73  ? 176 PRO A CD  1 
ATOM   1403 N  N   . VAL A 1 177 ? -10.868 -3.687  29.679  1.00 11.75  ? 177 VAL A N   1 
ATOM   1404 C  CA  . VAL A 1 177 ? -10.271 -2.979  30.775  1.00 13.81  ? 177 VAL A CA  1 
ATOM   1405 C  C   . VAL A 1 177 ? -11.120 -3.018  32.036  1.00 20.54  ? 177 VAL A C   1 
ATOM   1406 O  O   . VAL A 1 177 ? -12.334 -2.782  31.989  1.00 22.32  ? 177 VAL A O   1 
ATOM   1407 C  CB  . VAL A 1 177 ? -10.000 -1.534  30.357  1.00 15.12  ? 177 VAL A CB  1 
ATOM   1408 C  CG1 . VAL A 1 177 ? -9.667  -0.678  31.572  1.00 10.64  ? 177 VAL A CG1 1 
ATOM   1409 C  CG2 . VAL A 1 177 ? -8.865  -1.506  29.327  1.00 11.27  ? 177 VAL A CG2 1 
ATOM   1410 N  N   . SER A 1 178 ? -10.469 -3.284  33.170  1.00 18.92  ? 178 SER A N   1 
ATOM   1411 C  CA  . SER A 1 178 ? -11.169 -3.338  34.448  1.00 13.02  ? 178 SER A CA  1 
ATOM   1412 C  C   . SER A 1 178 ? -10.389 -2.615  35.529  1.00 15.54  ? 178 SER A C   1 
ATOM   1413 O  O   . SER A 1 178 ? -9.279  -3.012  35.883  1.00 23.54  ? 178 SER A O   1 
ATOM   1414 C  CB  . SER A 1 178 ? -11.394 -4.797  34.887  1.00 22.45  ? 178 SER A CB  1 
ATOM   1415 O  OG  . SER A 1 178 ? -12.162 -5.564  33.953  1.00 30.08  ? 178 SER A OG  1 
ATOM   1416 N  N   . CYS A 1 179 ? -10.905 -1.488  35.989  1.00 10.93  ? 179 CYS A N   1 
ATOM   1417 C  CA  . CYS A 1 179 ? -10.251 -0.798  37.071  1.00 19.27  ? 179 CYS A CA  1 
ATOM   1418 C  C   . CYS A 1 179 ? -11.207 -0.675  38.231  1.00 25.23  ? 179 CYS A C   1 
ATOM   1419 O  O   . CYS A 1 179 ? -12.156 0.090   38.158  1.00 30.11  ? 179 CYS A O   1 
ATOM   1420 C  CB  . CYS A 1 179 ? -9.814  0.595   36.652  1.00 20.94  ? 179 CYS A CB  1 
ATOM   1421 S  SG  . CYS A 1 179 ? -8.679  0.584   35.257  1.00 18.06  ? 179 CYS A SG  1 
ATOM   1422 N  N   . PRO A 1 180 ? -11.023 -1.494  39.280  1.00 32.60  ? 180 PRO A N   1 
ATOM   1423 C  CA  . PRO A 1 180 ? -11.884 -1.452  40.471  1.00 39.45  ? 180 PRO A CA  1 
ATOM   1424 C  C   . PRO A 1 180 ? -11.576 -0.157  41.233  1.00 48.58  ? 180 PRO A C   1 
ATOM   1425 O  O   . PRO A 1 180 ? -12.434 0.393   41.932  1.00 49.63  ? 180 PRO A O   1 
ATOM   1426 C  CB  . PRO A 1 180 ? -11.413 -2.666  41.269  1.00 34.18  ? 180 PRO A CB  1 
ATOM   1427 C  CG  . PRO A 1 180 ? -10.900 -3.589  40.222  1.00 29.60  ? 180 PRO A CG  1 
ATOM   1428 C  CD  . PRO A 1 180 ? -10.147 -2.676  39.311  1.00 29.86  ? 180 PRO A CD  1 
ATOM   1429 N  N   . GLU A 1 181 ? -10.331 0.301   41.061  1.00 59.29  ? 181 GLU A N   1 
ATOM   1430 C  CA  . GLU A 1 181 ? -9.766  1.511   41.668  1.00 66.91  ? 181 GLU A CA  1 
ATOM   1431 C  C   . GLU A 1 181 ? -10.133 1.774   43.133  1.00 73.14  ? 181 GLU A C   1 
ATOM   1432 O  O   . GLU A 1 181 ? -10.908 2.696   43.443  1.00 76.53  ? 181 GLU A O   1 
ATOM   1433 C  CB  . GLU A 1 181 ? -10.057 2.726   40.800  1.00 63.89  ? 181 GLU A CB  1 
ATOM   1434 C  CG  . GLU A 1 181 ? -9.431  2.630   39.428  1.00 65.92  ? 181 GLU A CG  1 
ATOM   1435 C  CD  . GLU A 1 181 ? -9.887  3.743   38.499  1.00 68.26  ? 181 GLU A CD  1 
ATOM   1436 O  OE1 . GLU A 1 181 ? -9.477  4.899   38.745  1.00 70.02  ? 181 GLU A OE1 1 
ATOM   1437 O  OE2 . GLU A 1 181 ? -10.657 3.468   37.541  1.00 62.80  ? 181 GLU A OE2 1 
ATOM   1438 N  N   . LYS A 1 182 ? -9.526  0.972   44.016  1.00 76.23  ? 182 LYS A N   1 
ATOM   1439 C  CA  . LYS A 1 182 ? -9.733  1.041   45.468  1.00 78.77  ? 182 LYS A CA  1 
ATOM   1440 C  C   . LYS A 1 182 ? -8.892  -0.032  46.179  1.00 78.38  ? 182 LYS A C   1 
ATOM   1441 O  O   . LYS A 1 182 ? -9.226  -1.238  46.096  1.00 76.30  ? 182 LYS A O   1 
ATOM   1442 C  CB  . LYS A 1 182 ? -11.228 0.877   45.793  1.00 80.84  ? 182 LYS A CB  1 
ATOM   1443 C  CG  . LYS A 1 182 ? -11.607 0.719   47.263  1.00 78.38  ? 182 LYS A CG  1 
ATOM   1444 C  CD  . LYS A 1 182 ? -13.128 0.786   47.425  1.00 78.06  ? 182 LYS A CD  1 
ATOM   1445 C  CE  . LYS A 1 182 ? -13.887 0.090   46.277  1.00 77.19  ? 182 LYS A CE  1 
ATOM   1446 N  NZ  . LYS A 1 182 ? -13.774 -1.396  46.267  1.00 73.79  ? 182 LYS A NZ  1 
ATOM   1447 O  OXT . LYS A 1 182 ? -7.884  0.355   46.802  1.00 78.80  ? 182 LYS A OXT 1 
HETATM 1448 C  C1  . NAG B 2 .   ? -2.441  -10.876 -16.123 1.00 39.96  ? 500 NAG A C1  1 
HETATM 1449 C  C2  . NAG B 2 .   ? -3.712  -10.519 -15.368 1.00 42.84  ? 500 NAG A C2  1 
HETATM 1450 C  C3  . NAG B 2 .   ? -3.393  -10.447 -13.879 1.00 43.53  ? 500 NAG A C3  1 
HETATM 1451 C  C4  . NAG B 2 .   ? -2.800  -11.778 -13.425 1.00 39.44  ? 500 NAG A C4  1 
HETATM 1452 C  C5  . NAG B 2 .   ? -1.612  -12.175 -14.300 1.00 41.39  ? 500 NAG A C5  1 
HETATM 1453 C  C6  . NAG B 2 .   ? -1.118  -13.565 -13.994 1.00 44.55  ? 500 NAG A C6  1 
HETATM 1454 C  C7  . NAG B 2 .   ? -5.038  -9.220  -16.880 1.00 57.25  ? 500 NAG A C7  1 
HETATM 1455 C  C8  . NAG B 2 .   ? -5.572  -7.844  -17.301 1.00 55.40  ? 500 NAG A C8  1 
HETATM 1456 N  N2  . NAG B 2 .   ? -4.241  -9.251  -15.818 1.00 47.46  ? 500 NAG A N2  1 
HETATM 1457 O  O3  . NAG B 2 .   ? -4.572  -10.155 -13.132 1.00 48.13  ? 500 NAG A O3  1 
HETATM 1458 O  O4  . NAG B 2 .   ? -2.358  -11.654 -12.087 1.00 39.83  ? 500 NAG A O4  1 
HETATM 1459 O  O5  . NAG B 2 .   ? -1.964  -12.154 -15.699 1.00 36.34  ? 500 NAG A O5  1 
HETATM 1460 O  O6  . NAG B 2 .   ? -0.270  -14.033 -15.031 1.00 52.28  ? 500 NAG A O6  1 
HETATM 1461 O  O7  . NAG B 2 .   ? -5.323  -10.247 -17.519 1.00 60.72  ? 500 NAG A O7  1 
HETATM 1462 C  C1  . NAG C 2 .   ? -1.098  9.157   39.295  1.00 87.37  ? 501 NAG A C1  1 
HETATM 1463 C  C2  . NAG C 2 .   ? -0.158  10.299  38.856  1.00 95.02  ? 501 NAG A C2  1 
HETATM 1464 C  C3  . NAG C 2 .   ? 0.679   10.859  40.015  1.00 98.24  ? 501 NAG A C3  1 
HETATM 1465 C  C4  . NAG C 2 .   ? -0.168  11.044  41.286  1.00 100.71 ? 501 NAG A C4  1 
HETATM 1466 C  C5  . NAG C 2 .   ? -0.982  9.783   41.595  1.00 98.19  ? 501 NAG A C5  1 
HETATM 1467 C  C6  . NAG C 2 .   ? -1.866  9.934   42.835  1.00 98.04  ? 501 NAG A C6  1 
HETATM 1468 C  C7  . NAG C 2 .   ? 1.187   10.585  36.850  1.00 95.84  ? 501 NAG A C7  1 
HETATM 1469 C  C8  . NAG C 2 .   ? 2.112   9.924   35.835  1.00 95.84  ? 501 NAG A C8  1 
HETATM 1470 N  N2  . NAG C 2 .   ? 0.741   9.796   37.824  1.00 96.33  ? 501 NAG A N2  1 
HETATM 1471 O  O3  . NAG C 2 .   ? 1.224   12.115  39.621  1.00 96.63  ? 501 NAG A O3  1 
HETATM 1472 O  O4  . NAG C 2 .   ? 0.677   11.345  42.389  1.00 105.84 ? 501 NAG A O4  1 
HETATM 1473 O  O5  . NAG C 2 .   ? -1.841  9.496   40.477  1.00 94.96  ? 501 NAG A O5  1 
HETATM 1474 O  O6  . NAG C 2 .   ? -2.533  8.722   43.159  1.00 97.46  ? 501 NAG A O6  1 
HETATM 1475 O  O7  . NAG C 2 .   ? 0.888   11.777  36.762  1.00 96.04  ? 501 NAG A O7  1 
HETATM 1476 C  C1  . NAG D 2 .   ? 7.490   -2.689  12.018  1.00 70.41  ? 502 NAG A C1  1 
HETATM 1477 C  C2  . NAG D 2 .   ? 7.218   -4.186  12.081  1.00 80.99  ? 502 NAG A C2  1 
HETATM 1478 C  C3  . NAG D 2 .   ? 8.575   -4.875  12.209  1.00 84.20  ? 502 NAG A C3  1 
HETATM 1479 C  C4  . NAG D 2 .   ? 9.427   -4.516  10.973  1.00 84.41  ? 502 NAG A C4  1 
HETATM 1480 C  C5  . NAG D 2 .   ? 9.504   -2.996  10.741  1.00 82.07  ? 502 NAG A C5  1 
HETATM 1481 C  C6  . NAG D 2 .   ? 10.075  -2.684  9.360   1.00 81.58  ? 502 NAG A C6  1 
HETATM 1482 C  C7  . NAG D 2 .   ? 5.060   -4.954  12.968  1.00 86.76  ? 502 NAG A C7  1 
HETATM 1483 C  C8  . NAG D 2 .   ? 4.233   -5.270  14.205  1.00 87.02  ? 502 NAG A C8  1 
HETATM 1484 N  N2  . NAG D 2 .   ? 6.317   -4.525  13.185  1.00 83.73  ? 502 NAG A N2  1 
HETATM 1485 O  O3  . NAG D 2 .   ? 8.389   -6.283  12.287  1.00 87.94  ? 502 NAG A O3  1 
HETATM 1486 O  O4  . NAG D 2 .   ? 10.745  -5.029  11.123  1.00 86.89  ? 502 NAG A O4  1 
HETATM 1487 O  O5  . NAG D 2 .   ? 8.189   -2.387  10.807  1.00 77.82  ? 502 NAG A O5  1 
HETATM 1488 O  O6  . NAG D 2 .   ? 9.812   -1.346  8.969   1.00 82.54  ? 502 NAG A O6  1 
HETATM 1489 O  O7  . NAG D 2 .   ? 4.572   -5.100  11.839  1.00 89.64  ? 502 NAG A O7  1 
HETATM 1490 NA NA  . NA  E 3 .   ? 10.938  -0.114  -9.704  1.00 34.62  ? 629 NA  A NA  1 
HETATM 1491 O  O   . HOH F 4 .   ? 12.502  -14.780 -15.346 1.00 45.60  ? 600 HOH A O   1 
HETATM 1492 O  O   . HOH F 4 .   ? -3.716  0.322   -4.791  1.00 42.50  ? 601 HOH A O   1 
HETATM 1493 O  O   . HOH F 4 .   ? 1.111   -3.781  -2.079  1.00 34.58  ? 602 HOH A O   1 
HETATM 1494 O  O   . HOH F 4 .   ? -1.902  -6.000  -7.660  1.00 38.71  ? 603 HOH A O   1 
HETATM 1495 O  O   . HOH F 4 .   ? -3.072  -2.420  -11.943 1.00 41.02  ? 604 HOH A O   1 
HETATM 1496 O  O   . HOH F 4 .   ? 7.862   2.592   -22.567 1.00 44.01  ? 605 HOH A O   1 
HETATM 1497 O  O   . HOH F 4 .   ? 9.354   -15.533 -7.603  1.00 38.77  ? 609 HOH A O   1 
HETATM 1498 O  O   . HOH F 4 .   ? 13.269  1.456   1.878   1.00 40.79  ? 610 HOH A O   1 
HETATM 1499 O  O   . HOH F 4 .   ? 12.444  3.190   4.373   1.00 25.88  ? 611 HOH A O   1 
HETATM 1500 O  O   . HOH F 4 .   ? 1.253   -6.004  16.844  1.00 40.05  ? 617 HOH A O   1 
HETATM 1501 O  O   . HOH F 4 .   ? -7.543  5.852   40.519  1.00 23.05  ? 618 HOH A O   1 
HETATM 1502 O  O   . HOH F 4 .   ? -6.380  8.882   40.188  1.00 47.47  ? 619 HOH A O   1 
HETATM 1503 O  O   . HOH F 4 .   ? 7.757   4.893   15.821  1.00 34.32  ? 621 HOH A O   1 
HETATM 1504 O  O   . HOH F 4 .   ? -2.991  7.238   4.563   1.00 34.02  ? 622 HOH A O   1 
HETATM 1505 O  O   . HOH F 4 .   ? -9.549  11.395  23.600  1.00 33.64  ? 623 HOH A O   1 
HETATM 1506 O  O   . HOH F 4 .   ? -14.331 -5.963  30.862  1.00 47.92  ? 625 HOH A O   1 
HETATM 1507 O  O   . HOH F 4 .   ? -8.548  4.074   12.110  1.00 31.83  ? 630 HOH A O   1 
HETATM 1508 O  O   . HOH F 4 .   ? 1.898   -0.867  16.754  1.00 24.35  ? 631 HOH A O   1 
HETATM 1509 O  O   . HOH F 4 .   ? 9.328   1.152   11.042  1.00 48.62  ? 632 HOH A O   1 
HETATM 1510 O  O   . HOH F 4 .   ? 1.257   12.832  44.784  1.00 43.11  ? 642 HOH A O   1 
HETATM 1511 O  O   . HOH F 4 .   ? 11.114  -3.205  1.261   1.00 36.16  ? 643 HOH A O   1 
HETATM 1512 O  O   . HOH F 4 .   ? 9.039   1.807   14.118  1.00 34.91  ? 646 HOH A O   1 
# 
